data_5V96
#
_entry.id   5V96
#
_cell.length_a   69.830
_cell.length_b   134.330
_cell.length_c   239.790
_cell.angle_alpha   90.000
_cell.angle_beta   90.000
_cell.angle_gamma   90.000
#
_symmetry.space_group_name_H-M   'P 21 21 21'
#
loop_
_entity.id
_entity.type
_entity.pdbx_description
1 polymer 'S-adenosyl-l-homocysteine Hydrolase'
2 non-polymer NICOTINAMIDE-ADENINE-DINUCLEOTIDE
3 non-polymer ADENOSINE
4 non-polymer 'PHOSPHATE ION'
5 non-polymer 1,2-ETHANEDIOL
6 water water
#
_entity_poly.entity_id   1
_entity_poly.type   'polypeptide(L)'
_entity_poly.pdbx_seq_one_letter_code
;MAHHHHHHMSQTVTTTIEYQVKDMSLASLGRKRIEMAEKEMPGLMACRAKYGEEKPLNGVRITGSLHMTVETAVLIETLK
AIGGNIRWCSCNIFSTQDDAAAAIAAANTPVFAWKGETLVEYWECTWKAIRFGPYQGPQLIVDDGGDATLLIHRGFQAEK
EPSILDEDGGVEELRIVNNLLKRILKEEPGFFSKIVPDIKGVSEETTTGVHRLYAMQKQGTLLFPAINVNDSVTKSKFDN
IYGCRHSLLDGLNRATDVMLAGKECVICGFGDVGKGCAEALKGQGARVIVTEIDPINALQACMAGYTVKTVEDCLATADI
YVTATGNKDIITLDHMKKMKDMAIICNIGHFDNEIDVLGLKTCEGVKEINIKPQVDQFLFPDGHSIILLAQGRLVNLGCA
TGHPAFVMSASFTNQTLAQISLWKDKYEIGVYTLPKVLDEEVARLHLEKLGAKLTKLTTSQADYIGVNANGPYKADHYRY
;
_entity_poly.pdbx_strand_id   A,B,C,D
#
# COMPACT_ATOMS: atom_id res chain seq x y z
N THR A 14 9.37 -57.60 -7.33
CA THR A 14 8.24 -57.03 -6.59
C THR A 14 7.72 -55.70 -7.17
N THR A 15 8.57 -54.67 -7.22
CA THR A 15 8.14 -53.30 -7.52
C THR A 15 8.34 -52.96 -8.99
N THR A 16 7.24 -52.81 -9.71
CA THR A 16 7.24 -52.45 -11.12
C THR A 16 7.30 -50.94 -11.31
N ILE A 17 8.11 -50.50 -12.27
CA ILE A 17 8.10 -49.10 -12.68
C ILE A 17 6.88 -48.89 -13.58
N GLU A 18 6.11 -47.83 -13.32
CA GLU A 18 4.90 -47.54 -14.07
C GLU A 18 4.68 -46.04 -14.05
N TYR A 19 4.56 -45.41 -15.21
CA TYR A 19 4.24 -43.98 -15.20
C TYR A 19 3.74 -43.60 -16.58
N GLN A 20 3.20 -42.39 -16.68
CA GLN A 20 2.85 -41.84 -18.00
C GLN A 20 3.04 -40.32 -17.93
N VAL A 21 4.05 -39.81 -18.64
CA VAL A 21 4.38 -38.40 -18.64
C VAL A 21 4.65 -37.95 -20.07
N LYS A 22 4.77 -36.63 -20.25
CA LYS A 22 4.94 -36.09 -21.62
C LYS A 22 6.33 -36.39 -22.19
N ASP A 23 7.38 -36.15 -21.40
CA ASP A 23 8.73 -36.07 -21.99
C ASP A 23 9.77 -36.31 -20.90
N MET A 24 10.31 -37.53 -20.86
CA MET A 24 11.29 -37.88 -19.84
C MET A 24 12.61 -37.14 -19.99
N SER A 25 12.89 -36.55 -21.17
CA SER A 25 14.12 -35.79 -21.31
C SER A 25 14.11 -34.49 -20.50
N LEU A 26 12.97 -34.10 -19.93
CA LEU A 26 12.87 -32.94 -19.06
C LEU A 26 13.20 -33.26 -17.61
N ALA A 27 13.52 -34.51 -17.29
CA ALA A 27 13.68 -34.89 -15.89
C ALA A 27 14.79 -34.12 -15.19
N SER A 28 15.94 -33.96 -15.85
CA SER A 28 17.06 -33.28 -15.19
CA SER A 28 17.06 -33.28 -15.18
C SER A 28 16.71 -31.83 -14.86
N LEU A 29 16.00 -31.16 -15.76
CA LEU A 29 15.56 -29.79 -15.49
C LEU A 29 14.59 -29.76 -14.31
N GLY A 30 13.63 -30.68 -14.31
CA GLY A 30 12.69 -30.73 -13.21
C GLY A 30 13.37 -31.02 -11.88
N ARG A 31 14.38 -31.88 -11.90
CA ARG A 31 15.09 -32.23 -10.67
C ARG A 31 15.85 -31.03 -10.12
N LYS A 32 16.42 -30.21 -10.99
CA LYS A 32 17.08 -28.98 -10.54
C LYS A 32 16.09 -28.04 -9.87
N ARG A 33 14.90 -27.89 -10.47
CA ARG A 33 13.89 -27.02 -9.89
CA ARG A 33 13.90 -27.00 -9.88
C ARG A 33 13.36 -27.57 -8.57
N ILE A 34 13.29 -28.89 -8.45
CA ILE A 34 12.87 -29.49 -7.18
C ILE A 34 13.89 -29.19 -6.10
N GLU A 35 15.18 -29.31 -6.43
CA GLU A 35 16.23 -29.02 -5.47
C GLU A 35 16.18 -27.56 -5.01
N MET A 36 15.86 -26.64 -5.92
CA MET A 36 15.66 -25.26 -5.49
C MET A 36 14.46 -25.14 -4.57
N ALA A 37 13.35 -25.83 -4.91
CA ALA A 37 12.14 -25.73 -4.09
C ALA A 37 12.35 -26.30 -2.69
N GLU A 38 13.10 -27.41 -2.58
CA GLU A 38 13.34 -28.00 -1.27
C GLU A 38 13.90 -26.98 -0.30
N LYS A 39 14.80 -26.13 -0.75
CA LYS A 39 15.44 -25.14 0.10
C LYS A 39 14.49 -23.99 0.44
N GLU A 40 13.34 -23.91 -0.22
CA GLU A 40 12.30 -22.94 0.10
C GLU A 40 11.18 -23.54 0.93
N MET A 41 11.26 -24.82 1.31
CA MET A 41 10.15 -25.50 1.97
C MET A 41 10.62 -26.08 3.30
N PRO A 42 10.92 -25.23 4.27
CA PRO A 42 11.43 -25.73 5.57
C PRO A 42 10.47 -26.64 6.30
N GLY A 43 9.16 -26.47 6.09
CA GLY A 43 8.20 -27.32 6.79
C GLY A 43 8.25 -28.76 6.31
N LEU A 44 8.30 -28.94 5.00
CA LEU A 44 8.42 -30.30 4.44
C LEU A 44 9.74 -30.95 4.82
N MET A 45 10.85 -30.19 4.76
CA MET A 45 12.12 -30.79 5.14
CA MET A 45 12.14 -30.75 5.15
C MET A 45 12.16 -31.11 6.63
N ALA A 46 11.46 -30.32 7.46
CA ALA A 46 11.36 -30.68 8.87
C ALA A 46 10.59 -31.97 9.05
N CYS A 47 9.56 -32.20 8.22
CA CYS A 47 8.84 -33.47 8.28
C CYS A 47 9.74 -34.63 7.92
N ARG A 48 10.60 -34.46 6.91
CA ARG A 48 11.54 -35.54 6.58
C ARG A 48 12.50 -35.79 7.73
N ALA A 49 12.96 -34.72 8.38
CA ALA A 49 13.94 -34.89 9.44
C ALA A 49 13.31 -35.56 10.66
N LYS A 50 12.03 -35.24 10.94
CA LYS A 50 11.40 -35.81 12.12
C LYS A 50 10.91 -37.23 11.88
N TYR A 51 10.40 -37.53 10.70
CA TYR A 51 9.72 -38.80 10.46
C TYR A 51 10.46 -39.72 9.51
N GLY A 52 11.61 -39.31 8.96
CA GLY A 52 12.25 -40.09 7.90
C GLY A 52 12.85 -41.41 8.36
N GLU A 53 13.29 -41.49 9.61
CA GLU A 53 13.84 -42.73 10.15
C GLU A 53 12.73 -43.70 10.57
N GLU A 54 11.80 -43.21 11.39
CA GLU A 54 10.76 -44.10 11.91
C GLU A 54 9.79 -44.55 10.82
N LYS A 55 9.57 -43.70 9.81
CA LYS A 55 8.68 -44.01 8.69
C LYS A 55 7.28 -44.39 9.17
N PRO A 56 6.52 -43.45 9.71
CA PRO A 56 5.15 -43.78 10.16
C PRO A 56 4.25 -44.24 9.04
N LEU A 57 4.53 -43.88 7.78
CA LEU A 57 3.72 -44.34 6.66
C LEU A 57 4.36 -45.51 5.91
N ASN A 58 5.25 -46.25 6.57
CA ASN A 58 5.99 -47.31 5.90
C ASN A 58 5.06 -48.31 5.23
N GLY A 59 5.17 -48.44 3.92
CA GLY A 59 4.36 -49.38 3.18
C GLY A 59 2.93 -48.96 2.94
N VAL A 60 2.49 -47.83 3.48
CA VAL A 60 1.11 -47.40 3.33
C VAL A 60 0.86 -46.94 1.89
N ARG A 61 -0.19 -47.47 1.28
CA ARG A 61 -0.55 -47.15 -0.10
C ARG A 61 -1.20 -45.77 -0.14
N ILE A 62 -0.59 -44.84 -0.87
CA ILE A 62 -1.07 -43.46 -0.93
C ILE A 62 -1.36 -43.12 -2.38
N THR A 63 -2.61 -42.74 -2.66
CA THR A 63 -2.99 -42.14 -3.93
C THR A 63 -3.02 -40.63 -3.77
N GLY A 64 -2.35 -39.91 -4.67
CA GLY A 64 -2.46 -38.47 -4.65
C GLY A 64 -3.09 -37.93 -5.94
N SER A 65 -4.01 -36.97 -5.81
CA SER A 65 -4.58 -36.25 -6.96
C SER A 65 -4.44 -34.77 -6.65
N LEU A 66 -3.36 -34.16 -7.15
CA LEU A 66 -2.97 -32.82 -6.77
C LEU A 66 -2.00 -32.33 -7.82
N HIS A 67 -2.22 -31.10 -8.32
CA HIS A 67 -1.41 -30.45 -9.36
C HIS A 67 0.04 -30.92 -9.36
N MET A 68 0.47 -31.57 -10.45
CA MET A 68 1.81 -32.15 -10.50
C MET A 68 2.84 -31.06 -10.81
N THR A 69 3.08 -30.22 -9.80
CA THR A 69 4.02 -29.12 -9.89
C THR A 69 5.33 -29.48 -9.21
N VAL A 70 6.31 -28.56 -9.27
CA VAL A 70 7.55 -28.79 -8.54
CA VAL A 70 7.56 -28.72 -8.53
C VAL A 70 7.29 -28.81 -7.03
N GLU A 71 6.38 -27.96 -6.54
CA GLU A 71 6.04 -27.97 -5.12
C GLU A 71 5.43 -29.31 -4.72
N THR A 72 4.51 -29.82 -5.54
CA THR A 72 3.92 -31.12 -5.26
C THR A 72 4.97 -32.22 -5.29
N ALA A 73 5.97 -32.11 -6.16
CA ALA A 73 7.05 -33.09 -6.16
C ALA A 73 7.72 -33.18 -4.79
N VAL A 74 7.90 -32.04 -4.11
CA VAL A 74 8.55 -32.07 -2.80
C VAL A 74 7.64 -32.75 -1.78
N LEU A 75 6.32 -32.57 -1.90
CA LEU A 75 5.37 -33.28 -1.06
C LEU A 75 5.42 -34.79 -1.33
N ILE A 76 5.38 -35.19 -2.61
CA ILE A 76 5.45 -36.62 -2.95
C ILE A 76 6.68 -37.25 -2.30
N GLU A 77 7.83 -36.62 -2.46
CA GLU A 77 9.04 -37.25 -1.97
C GLU A 77 9.23 -37.07 -0.47
N THR A 78 8.45 -36.20 0.17
CA THR A 78 8.36 -36.20 1.64
C THR A 78 7.54 -37.39 2.11
N LEU A 79 6.38 -37.60 1.49
CA LEU A 79 5.58 -38.77 1.83
C LEU A 79 6.34 -40.06 1.56
N LYS A 80 7.16 -40.08 0.50
CA LYS A 80 7.98 -41.24 0.21
C LYS A 80 9.09 -41.40 1.25
N ALA A 81 9.70 -40.29 1.67
CA ALA A 81 10.75 -40.37 2.68
C ALA A 81 10.23 -40.93 4.00
N ILE A 82 8.96 -40.71 4.33
CA ILE A 82 8.41 -41.22 5.58
C ILE A 82 7.68 -42.55 5.38
N GLY A 83 7.88 -43.21 4.24
CA GLY A 83 7.56 -44.61 4.08
C GLY A 83 6.54 -44.92 3.00
N GLY A 84 5.92 -43.92 2.40
CA GLY A 84 4.75 -44.16 1.59
C GLY A 84 5.04 -44.91 0.30
N ASN A 85 4.05 -45.72 -0.09
CA ASN A 85 4.02 -46.44 -1.37
C ASN A 85 3.02 -45.68 -2.24
N ILE A 86 3.52 -44.84 -3.17
CA ILE A 86 2.76 -43.72 -3.69
C ILE A 86 2.45 -43.89 -5.17
N ARG A 87 1.25 -43.44 -5.57
CA ARG A 87 0.89 -43.26 -6.99
C ARG A 87 0.22 -41.90 -7.11
N TRP A 88 0.53 -41.17 -8.18
CA TRP A 88 0.12 -39.79 -8.27
C TRP A 88 -0.51 -39.47 -9.63
N CYS A 89 -1.45 -38.53 -9.61
CA CYS A 89 -1.96 -37.88 -10.81
C CYS A 89 -2.20 -36.41 -10.49
N SER A 90 -2.37 -35.60 -11.52
CA SER A 90 -2.72 -34.20 -11.31
C SER A 90 -4.24 -34.07 -11.18
N CYS A 91 -4.68 -33.02 -10.50
CA CYS A 91 -6.11 -32.77 -10.36
C CYS A 91 -6.60 -31.73 -11.37
N ASN A 92 -5.79 -31.39 -12.37
CA ASN A 92 -6.19 -30.37 -13.33
C ASN A 92 -5.46 -30.66 -14.64
N ILE A 93 -6.19 -30.55 -15.76
CA ILE A 93 -5.63 -30.97 -17.05
C ILE A 93 -4.53 -30.05 -17.56
N PHE A 94 -4.38 -28.84 -16.98
CA PHE A 94 -3.37 -27.88 -17.43
C PHE A 94 -2.30 -27.55 -16.39
N SER A 95 -2.40 -28.08 -15.17
CA SER A 95 -1.53 -27.59 -14.11
C SER A 95 -0.21 -28.36 -13.99
N THR A 96 -0.08 -29.51 -14.64
CA THR A 96 1.16 -30.28 -14.54
C THR A 96 2.33 -29.52 -15.12
N GLN A 97 3.44 -29.51 -14.40
CA GLN A 97 4.71 -29.06 -14.95
C GLN A 97 5.43 -30.30 -15.43
N ASP A 98 5.60 -30.43 -16.74
CA ASP A 98 6.04 -31.69 -17.30
C ASP A 98 7.44 -32.05 -16.82
N ASP A 99 8.29 -31.05 -16.53
CA ASP A 99 9.63 -31.38 -16.04
C ASP A 99 9.58 -31.91 -14.61
N ALA A 100 8.69 -31.39 -13.76
CA ALA A 100 8.51 -31.96 -12.43
C ALA A 100 7.96 -33.37 -12.49
N ALA A 101 6.99 -33.60 -13.39
CA ALA A 101 6.45 -34.96 -13.54
C ALA A 101 7.52 -35.93 -14.01
N ALA A 102 8.31 -35.51 -15.00
CA ALA A 102 9.40 -36.37 -15.47
C ALA A 102 10.40 -36.67 -14.35
N ALA A 103 10.75 -35.66 -13.54
CA ALA A 103 11.70 -35.88 -12.46
C ALA A 103 11.17 -36.86 -11.42
N ILE A 104 9.87 -36.75 -11.11
CA ILE A 104 9.27 -37.71 -10.18
C ILE A 104 9.29 -39.11 -10.78
N ALA A 105 8.90 -39.24 -12.05
CA ALA A 105 8.91 -40.55 -12.70
C ALA A 105 10.32 -41.12 -12.76
N ALA A 106 11.32 -40.26 -13.01
CA ALA A 106 12.69 -40.72 -13.06
C ALA A 106 13.19 -41.18 -11.70
N ALA A 107 12.61 -40.69 -10.61
CA ALA A 107 12.99 -41.18 -9.29
C ALA A 107 12.12 -42.36 -8.85
N ASN A 108 11.40 -42.99 -9.79
CA ASN A 108 10.74 -44.27 -9.57
C ASN A 108 9.49 -44.15 -8.68
N THR A 109 8.76 -43.05 -8.81
CA THR A 109 7.41 -42.99 -8.23
C THR A 109 6.39 -42.99 -9.35
N PRO A 110 5.38 -43.85 -9.33
CA PRO A 110 4.36 -43.82 -10.38
C PRO A 110 3.64 -42.48 -10.42
N VAL A 111 3.65 -41.87 -11.58
CA VAL A 111 2.94 -40.62 -11.80
C VAL A 111 2.31 -40.69 -13.19
N PHE A 112 1.08 -40.18 -13.30
CA PHE A 112 0.30 -40.25 -14.54
C PHE A 112 -0.23 -38.84 -14.74
N ALA A 113 0.50 -38.01 -15.49
CA ALA A 113 0.19 -36.58 -15.50
C ALA A 113 0.98 -35.88 -16.59
N TRP A 114 0.30 -34.98 -17.30
CA TRP A 114 0.99 -34.14 -18.28
C TRP A 114 0.13 -32.91 -18.53
N LYS A 115 0.78 -31.83 -18.95
CA LYS A 115 0.03 -30.62 -19.27
C LYS A 115 -0.75 -30.85 -20.55
N GLY A 116 -2.04 -30.51 -20.54
CA GLY A 116 -2.83 -30.64 -21.75
C GLY A 116 -3.52 -31.96 -21.94
N GLU A 117 -3.84 -32.66 -20.86
CA GLU A 117 -4.69 -33.85 -20.93
C GLU A 117 -6.07 -33.53 -21.49
N THR A 118 -6.63 -34.47 -22.25
CA THR A 118 -8.05 -34.46 -22.50
C THR A 118 -8.80 -34.90 -21.25
N LEU A 119 -10.11 -34.67 -21.25
CA LEU A 119 -10.90 -35.08 -20.08
C LEU A 119 -10.91 -36.59 -19.92
N VAL A 120 -10.96 -37.33 -21.04
CA VAL A 120 -10.87 -38.78 -20.97
C VAL A 120 -9.55 -39.21 -20.36
N GLU A 121 -8.44 -38.64 -20.84
CA GLU A 121 -7.13 -38.92 -20.26
C GLU A 121 -7.08 -38.55 -18.79
N TYR A 122 -7.67 -37.40 -18.43
CA TYR A 122 -7.64 -36.93 -17.05
C TYR A 122 -8.23 -37.96 -16.10
N TRP A 123 -9.42 -38.46 -16.44
CA TRP A 123 -10.07 -39.44 -15.59
C TRP A 123 -9.36 -40.78 -15.62
N GLU A 124 -8.78 -41.15 -16.77
CA GLU A 124 -8.00 -42.38 -16.83
C GLU A 124 -6.76 -42.31 -15.93
N CYS A 125 -6.12 -41.13 -15.87
CA CYS A 125 -4.98 -40.99 -14.95
C CYS A 125 -5.42 -41.09 -13.50
N THR A 126 -6.60 -40.55 -13.18
CA THR A 126 -7.12 -40.64 -11.82
C THR A 126 -7.29 -42.10 -11.42
N TRP A 127 -7.85 -42.90 -12.33
CA TRP A 127 -8.04 -44.33 -12.10
C TRP A 127 -6.70 -45.05 -11.97
N LYS A 128 -5.72 -44.72 -12.82
CA LYS A 128 -4.41 -45.33 -12.69
C LYS A 128 -3.79 -45.07 -11.32
N ALA A 129 -3.98 -43.85 -10.80
CA ALA A 129 -3.37 -43.50 -9.52
C ALA A 129 -4.09 -44.18 -8.35
N ILE A 130 -5.37 -44.50 -8.53
CA ILE A 130 -6.15 -45.17 -7.49
C ILE A 130 -5.86 -46.67 -7.46
N ARG A 131 -5.74 -47.30 -8.62
CA ARG A 131 -5.63 -48.75 -8.67
C ARG A 131 -4.18 -49.15 -8.40
N PHE A 132 -3.91 -49.70 -7.22
CA PHE A 132 -2.56 -50.18 -6.91
C PHE A 132 -2.31 -51.58 -7.46
N GLY A 133 -3.36 -52.31 -7.80
CA GLY A 133 -3.23 -53.66 -8.27
C GLY A 133 -4.60 -54.29 -8.32
N PRO A 134 -4.68 -55.56 -8.69
CA PRO A 134 -5.96 -56.27 -8.70
C PRO A 134 -6.71 -56.15 -7.38
N TYR A 135 -7.92 -55.61 -7.44
CA TYR A 135 -8.74 -55.38 -6.26
C TYR A 135 -7.94 -54.74 -5.12
N GLN A 136 -7.09 -53.77 -5.46
CA GLN A 136 -6.33 -53.07 -4.45
C GLN A 136 -6.29 -51.58 -4.73
N GLY A 137 -6.65 -50.79 -3.72
CA GLY A 137 -6.61 -49.35 -3.85
C GLY A 137 -5.77 -48.70 -2.77
N PRO A 138 -5.92 -47.39 -2.60
CA PRO A 138 -5.13 -46.66 -1.61
C PRO A 138 -5.63 -46.89 -0.19
N GLN A 139 -4.72 -46.75 0.76
CA GLN A 139 -5.08 -46.68 2.17
C GLN A 139 -5.23 -45.25 2.66
N LEU A 140 -4.51 -44.32 2.02
CA LEU A 140 -4.63 -42.89 2.27
C LEU A 140 -4.78 -42.20 0.92
N ILE A 141 -5.49 -41.08 0.91
CA ILE A 141 -5.65 -40.28 -0.30
C ILE A 141 -5.29 -38.84 0.02
N VAL A 142 -4.45 -38.25 -0.82
CA VAL A 142 -4.25 -36.80 -0.87
C VAL A 142 -5.09 -36.30 -2.04
N ASP A 143 -6.03 -35.40 -1.78
CA ASP A 143 -6.95 -34.97 -2.81
C ASP A 143 -7.00 -33.45 -2.86
N ASP A 144 -7.28 -32.93 -4.04
CA ASP A 144 -7.38 -31.49 -4.26
C ASP A 144 -8.55 -31.28 -5.20
N GLY A 145 -9.69 -30.86 -4.67
CA GLY A 145 -10.88 -30.67 -5.46
C GLY A 145 -11.84 -31.83 -5.39
N GLY A 146 -11.40 -32.98 -4.89
CA GLY A 146 -12.29 -34.10 -4.60
C GLY A 146 -12.59 -35.03 -5.75
N ASP A 147 -11.90 -34.91 -6.89
CA ASP A 147 -12.23 -35.76 -8.04
C ASP A 147 -11.90 -37.24 -7.79
N ALA A 148 -10.73 -37.53 -7.20
CA ALA A 148 -10.43 -38.92 -6.86
C ALA A 148 -11.41 -39.46 -5.82
N THR A 149 -11.73 -38.66 -4.81
CA THR A 149 -12.75 -39.03 -3.83
C THR A 149 -14.08 -39.27 -4.50
N LEU A 150 -14.44 -38.42 -5.48
CA LEU A 150 -15.69 -38.57 -6.20
C LEU A 150 -15.72 -39.89 -6.97
N LEU A 151 -14.63 -40.19 -7.68
CA LEU A 151 -14.61 -41.41 -8.48
C LEU A 151 -14.83 -42.64 -7.63
N ILE A 152 -14.18 -42.69 -6.47
CA ILE A 152 -14.35 -43.80 -5.54
C ILE A 152 -15.77 -43.85 -4.98
N HIS A 153 -16.32 -42.71 -4.55
CA HIS A 153 -17.68 -42.72 -4.02
C HIS A 153 -18.68 -43.09 -5.10
N ARG A 154 -18.49 -42.60 -6.33
CA ARG A 154 -19.47 -42.87 -7.37
C ARG A 154 -19.37 -44.31 -7.86
N GLY A 155 -18.16 -44.85 -7.92
CA GLY A 155 -18.01 -46.25 -8.27
C GLY A 155 -18.62 -47.17 -7.22
N PHE A 156 -18.46 -46.82 -5.94
CA PHE A 156 -19.10 -47.55 -4.86
C PHE A 156 -20.62 -47.50 -5.00
N GLN A 157 -21.16 -46.30 -5.24
CA GLN A 157 -22.60 -46.14 -5.43
C GLN A 157 -23.10 -46.90 -6.65
N ALA A 158 -22.30 -46.91 -7.73
CA ALA A 158 -22.74 -47.56 -8.96
C ALA A 158 -22.87 -49.07 -8.79
N GLU A 159 -22.15 -49.66 -7.83
CA GLU A 159 -22.35 -51.08 -7.55
C GLU A 159 -23.76 -51.34 -6.99
N LYS A 160 -24.26 -50.41 -6.19
CA LYS A 160 -25.59 -50.51 -5.58
C LYS A 160 -26.69 -49.95 -6.47
N GLU A 161 -26.34 -49.05 -7.37
CA GLU A 161 -27.31 -48.29 -8.15
C GLU A 161 -26.73 -48.14 -9.55
N PRO A 162 -26.73 -49.21 -10.33
CA PRO A 162 -26.06 -49.16 -11.64
C PRO A 162 -26.66 -48.14 -12.59
N SER A 163 -27.92 -47.73 -12.39
CA SER A 163 -28.55 -46.76 -13.27
C SER A 163 -27.86 -45.40 -13.25
N ILE A 164 -27.10 -45.06 -12.21
CA ILE A 164 -26.44 -43.75 -12.24
C ILE A 164 -25.40 -43.67 -13.35
N LEU A 165 -24.89 -44.81 -13.83
CA LEU A 165 -23.93 -44.77 -14.92
C LEU A 165 -24.56 -44.48 -16.28
N ASP A 166 -25.88 -44.40 -16.36
CA ASP A 166 -26.57 -43.96 -17.58
C ASP A 166 -27.14 -42.56 -17.43
N GLU A 167 -26.78 -41.85 -16.37
CA GLU A 167 -27.35 -40.54 -16.04
C GLU A 167 -26.20 -39.57 -15.97
N ASP A 168 -26.02 -38.75 -17.01
CA ASP A 168 -25.03 -37.69 -16.94
C ASP A 168 -25.67 -36.30 -16.88
N GLY A 169 -26.96 -36.20 -17.12
CA GLY A 169 -27.64 -34.91 -17.09
C GLY A 169 -27.08 -33.94 -18.09
N GLY A 170 -26.79 -34.42 -19.31
CA GLY A 170 -26.22 -33.60 -20.36
C GLY A 170 -24.76 -33.22 -20.19
N VAL A 171 -24.16 -33.45 -19.01
CA VAL A 171 -22.79 -33.00 -18.76
C VAL A 171 -21.81 -34.00 -19.35
N GLU A 172 -20.97 -33.51 -20.27
CA GLU A 172 -20.06 -34.40 -21.00
C GLU A 172 -19.03 -35.04 -20.07
N GLU A 173 -18.58 -34.31 -19.05
CA GLU A 173 -17.56 -34.89 -18.19
C GLU A 173 -18.14 -36.00 -17.33
N LEU A 174 -19.40 -35.86 -16.91
CA LEU A 174 -20.02 -36.94 -16.17
C LEU A 174 -20.25 -38.15 -17.06
N ARG A 175 -20.54 -37.94 -18.34
CA ARG A 175 -20.58 -39.06 -19.27
C ARG A 175 -19.25 -39.79 -19.31
N ILE A 176 -18.15 -39.04 -19.31
CA ILE A 176 -16.81 -39.64 -19.32
C ILE A 176 -16.59 -40.48 -18.07
N VAL A 177 -16.95 -39.92 -16.91
CA VAL A 177 -16.78 -40.65 -15.65
C VAL A 177 -17.60 -41.93 -15.66
N ASN A 178 -18.88 -41.82 -16.09
CA ASN A 178 -19.74 -43.00 -16.12
C ASN A 178 -19.16 -44.09 -17.02
N ASN A 179 -18.67 -43.70 -18.20
CA ASN A 179 -18.12 -44.70 -19.12
C ASN A 179 -16.92 -45.40 -18.52
N LEU A 180 -16.07 -44.64 -17.80
CA LEU A 180 -14.94 -45.25 -17.12
C LEU A 180 -15.41 -46.22 -16.04
N LEU A 181 -16.35 -45.81 -15.21
CA LEU A 181 -16.82 -46.68 -14.14
C LEU A 181 -17.53 -47.92 -14.68
N LYS A 182 -18.27 -47.78 -15.79
CA LYS A 182 -18.84 -48.98 -16.41
C LYS A 182 -17.76 -49.98 -16.77
N ARG A 183 -16.66 -49.50 -17.35
CA ARG A 183 -15.58 -50.40 -17.75
C ARG A 183 -14.90 -51.00 -16.54
N ILE A 184 -14.59 -50.19 -15.53
CA ILE A 184 -13.94 -50.68 -14.32
C ILE A 184 -14.76 -51.82 -13.70
N LEU A 185 -16.06 -51.61 -13.54
CA LEU A 185 -16.88 -52.60 -12.85
C LEU A 185 -17.17 -53.82 -13.72
N LYS A 186 -17.05 -53.69 -15.04
CA LYS A 186 -17.09 -54.88 -15.89
C LYS A 186 -15.81 -55.68 -15.76
N GLU A 187 -14.66 -55.01 -15.62
CA GLU A 187 -13.38 -55.69 -15.52
C GLU A 187 -13.16 -56.28 -14.13
N GLU A 188 -13.57 -55.56 -13.10
CA GLU A 188 -13.38 -56.00 -11.72
C GLU A 188 -14.66 -55.74 -10.96
N PRO A 189 -15.66 -56.62 -11.12
CA PRO A 189 -16.93 -56.44 -10.40
C PRO A 189 -16.69 -56.29 -8.90
N GLY A 190 -17.42 -55.36 -8.29
CA GLY A 190 -17.26 -55.10 -6.88
C GLY A 190 -15.95 -54.47 -6.48
N PHE A 191 -15.20 -53.88 -7.42
CA PHE A 191 -13.91 -53.29 -7.09
C PHE A 191 -14.03 -52.31 -5.92
N PHE A 192 -15.00 -51.40 -5.98
CA PHE A 192 -15.04 -50.34 -4.98
C PHE A 192 -15.55 -50.85 -3.63
N SER A 193 -16.51 -51.78 -3.61
CA SER A 193 -16.87 -52.32 -2.29
C SER A 193 -15.74 -53.14 -1.70
N LYS A 194 -14.84 -53.67 -2.54
CA LYS A 194 -13.69 -54.39 -2.02
C LYS A 194 -12.65 -53.44 -1.42
N ILE A 195 -12.35 -52.32 -2.09
CA ILE A 195 -11.23 -51.49 -1.65
C ILE A 195 -11.64 -50.42 -0.65
N VAL A 196 -12.91 -50.02 -0.62
CA VAL A 196 -13.32 -48.93 0.28
C VAL A 196 -13.04 -49.25 1.75
N PRO A 197 -13.28 -50.45 2.26
CA PRO A 197 -12.95 -50.72 3.68
C PRO A 197 -11.48 -50.54 4.03
N ASP A 198 -10.55 -50.55 3.06
CA ASP A 198 -9.14 -50.36 3.37
C ASP A 198 -8.72 -48.90 3.38
N ILE A 199 -9.60 -47.97 3.01
CA ILE A 199 -9.22 -46.57 2.93
C ILE A 199 -9.32 -45.98 4.33
N LYS A 200 -8.18 -45.57 4.90
CA LYS A 200 -8.20 -44.97 6.22
C LYS A 200 -8.64 -43.51 6.18
N GLY A 201 -8.46 -42.82 5.06
CA GLY A 201 -8.99 -41.47 4.99
C GLY A 201 -8.43 -40.69 3.83
N VAL A 202 -8.97 -39.48 3.68
CA VAL A 202 -8.54 -38.55 2.64
C VAL A 202 -8.23 -37.22 3.31
N SER A 203 -7.16 -36.56 2.85
CA SER A 203 -6.86 -35.20 3.28
C SER A 203 -7.04 -34.29 2.08
N GLU A 204 -7.92 -33.31 2.21
CA GLU A 204 -8.44 -32.55 1.07
C GLU A 204 -7.91 -31.12 1.12
N GLU A 205 -7.33 -30.71 0.00
CA GLU A 205 -6.54 -29.48 -0.09
C GLU A 205 -7.38 -28.19 -0.16
N THR A 206 -8.53 -28.17 -0.81
CA THR A 206 -9.03 -26.89 -1.26
C THR A 206 -10.50 -26.69 -0.93
N THR A 207 -10.89 -25.41 -0.94
CA THR A 207 -12.22 -25.00 -0.48
C THR A 207 -13.33 -25.78 -1.17
N THR A 208 -13.24 -25.92 -2.49
CA THR A 208 -14.29 -26.61 -3.23
C THR A 208 -14.36 -28.09 -2.85
N GLY A 209 -13.20 -28.74 -2.71
CA GLY A 209 -13.20 -30.14 -2.34
C GLY A 209 -13.73 -30.36 -0.94
N VAL A 210 -13.44 -29.43 -0.04
CA VAL A 210 -13.98 -29.54 1.32
C VAL A 210 -15.49 -29.33 1.32
N HIS A 211 -16.00 -28.45 0.45
CA HIS A 211 -17.45 -28.31 0.35
C HIS A 211 -18.10 -29.62 -0.08
N ARG A 212 -17.48 -30.35 -1.01
CA ARG A 212 -18.00 -31.64 -1.43
C ARG A 212 -18.03 -32.63 -0.27
N LEU A 213 -16.98 -32.62 0.57
CA LEU A 213 -16.93 -33.53 1.73
C LEU A 213 -18.06 -33.25 2.72
N TYR A 214 -18.26 -31.97 3.09
CA TYR A 214 -19.34 -31.65 4.05
C TYR A 214 -20.71 -31.99 3.46
N ALA A 215 -20.88 -31.83 2.15
CA ALA A 215 -22.14 -32.21 1.52
C ALA A 215 -22.36 -33.72 1.62
N MET A 216 -21.33 -34.52 1.36
CA MET A 216 -21.49 -35.97 1.50
C MET A 216 -21.76 -36.34 2.95
N GLN A 217 -21.04 -35.71 3.90
CA GLN A 217 -21.26 -36.02 5.31
C GLN A 217 -22.67 -35.65 5.73
N LYS A 218 -23.19 -34.52 5.24
CA LYS A 218 -24.56 -34.15 5.57
C LYS A 218 -25.56 -35.18 5.04
N GLN A 219 -25.32 -35.70 3.84
CA GLN A 219 -26.20 -36.71 3.25
C GLN A 219 -25.91 -38.11 3.78
N GLY A 220 -24.90 -38.28 4.63
CA GLY A 220 -24.54 -39.61 5.11
C GLY A 220 -23.97 -40.53 4.05
N THR A 221 -23.40 -40.00 2.98
CA THR A 221 -22.81 -40.82 1.94
C THR A 221 -21.30 -40.85 1.99
N LEU A 222 -20.69 -40.06 2.88
CA LEU A 222 -19.23 -40.08 3.02
C LEU A 222 -18.80 -41.45 3.52
N LEU A 223 -17.80 -42.04 2.86
CA LEU A 223 -17.45 -43.44 3.10
C LEU A 223 -16.28 -43.65 4.04
N PHE A 224 -15.46 -42.63 4.28
CA PHE A 224 -14.29 -42.80 5.12
C PHE A 224 -13.94 -41.45 5.73
N PRO A 225 -13.07 -41.43 6.75
CA PRO A 225 -12.70 -40.16 7.39
C PRO A 225 -12.03 -39.19 6.43
N ALA A 226 -12.18 -37.91 6.72
CA ALA A 226 -11.61 -36.86 5.90
C ALA A 226 -11.05 -35.76 6.77
N ILE A 227 -9.86 -35.29 6.43
CA ILE A 227 -9.29 -34.11 7.07
CA ILE A 227 -9.26 -34.11 7.06
C ILE A 227 -9.44 -32.94 6.10
N ASN A 228 -10.08 -31.89 6.60
CA ASN A 228 -10.24 -30.61 5.91
C ASN A 228 -8.94 -29.85 6.14
N VAL A 229 -8.03 -30.00 5.19
CA VAL A 229 -6.74 -29.32 5.26
C VAL A 229 -6.88 -27.86 4.86
N ASN A 230 -7.80 -27.53 3.95
CA ASN A 230 -7.98 -26.14 3.56
C ASN A 230 -8.18 -25.24 4.77
N ASP A 231 -8.92 -25.70 5.77
CA ASP A 231 -9.28 -24.83 6.89
C ASP A 231 -8.31 -24.89 8.07
N SER A 232 -7.14 -25.51 7.93
CA SER A 232 -6.04 -25.09 8.78
C SER A 232 -5.82 -23.61 8.56
N VAL A 233 -5.58 -22.86 9.65
CA VAL A 233 -5.34 -21.44 9.48
C VAL A 233 -4.09 -21.22 8.63
N THR A 234 -3.07 -22.09 8.80
CA THR A 234 -1.83 -22.01 8.05
C THR A 234 -1.97 -22.52 6.62
N LYS A 235 -3.19 -22.85 6.19
CA LYS A 235 -3.46 -23.12 4.78
C LYS A 235 -4.36 -22.00 4.24
N SER A 236 -5.63 -21.97 4.66
CA SER A 236 -6.62 -21.01 4.13
C SER A 236 -6.15 -19.57 4.19
N LYS A 237 -5.48 -19.16 5.27
CA LYS A 237 -5.14 -17.76 5.43
C LYS A 237 -3.73 -17.45 4.93
N PHE A 238 -3.10 -18.38 4.23
CA PHE A 238 -1.77 -18.14 3.66
C PHE A 238 -1.74 -18.49 2.18
N ASP A 239 -1.78 -19.78 1.86
CA ASP A 239 -1.94 -20.29 0.48
C ASP A 239 -3.03 -19.53 -0.28
N ASN A 240 -4.27 -19.58 0.23
CA ASN A 240 -5.36 -19.03 -0.57
C ASN A 240 -5.19 -17.55 -0.82
N ILE A 241 -4.58 -16.82 0.12
CA ILE A 241 -4.43 -15.38 0.02
C ILE A 241 -3.11 -15.04 -0.63
N TYR A 242 -2.00 -15.32 0.06
CA TYR A 242 -0.69 -14.85 -0.41
C TYR A 242 -0.13 -15.71 -1.54
N GLY A 243 -0.57 -16.96 -1.66
CA GLY A 243 -0.23 -17.71 -2.85
C GLY A 243 -0.83 -17.07 -4.08
N CYS A 244 -2.11 -16.72 -4.02
CA CYS A 244 -2.74 -16.03 -5.15
C CYS A 244 -2.15 -14.65 -5.39
N ARG A 245 -1.78 -13.94 -4.32
CA ARG A 245 -1.16 -12.63 -4.52
C ARG A 245 0.07 -12.74 -5.41
N HIS A 246 0.78 -13.86 -5.31
CA HIS A 246 1.93 -14.12 -6.17
C HIS A 246 1.50 -14.67 -7.52
N SER A 247 0.67 -15.72 -7.53
CA SER A 247 0.55 -16.52 -8.75
C SER A 247 -0.54 -16.02 -9.70
N LEU A 248 -1.50 -15.22 -9.26
CA LEU A 248 -2.39 -14.59 -10.23
C LEU A 248 -1.61 -13.67 -11.16
N LEU A 249 -0.73 -12.84 -10.59
CA LEU A 249 0.09 -11.94 -11.40
C LEU A 249 0.96 -12.71 -12.36
N ASP A 250 1.54 -13.82 -11.91
CA ASP A 250 2.40 -14.62 -12.75
C ASP A 250 1.62 -15.22 -13.91
N GLY A 251 0.43 -15.74 -13.64
CA GLY A 251 -0.38 -16.29 -14.72
C GLY A 251 -0.76 -15.24 -15.75
N LEU A 252 -1.17 -14.06 -15.30
CA LEU A 252 -1.51 -12.97 -16.23
C LEU A 252 -0.28 -12.53 -17.02
N ASN A 253 0.87 -12.38 -16.35
CA ASN A 253 2.11 -11.99 -17.06
C ASN A 253 2.45 -12.96 -18.18
N ARG A 254 2.62 -14.24 -17.85
CA ARG A 254 3.11 -15.19 -18.85
C ARG A 254 2.10 -15.33 -19.99
N ALA A 255 0.81 -15.29 -19.67
CA ALA A 255 -0.20 -15.46 -20.71
C ALA A 255 -0.28 -14.24 -21.62
N THR A 256 -0.35 -13.03 -21.04
CA THR A 256 -0.71 -11.86 -21.80
C THR A 256 0.32 -10.73 -21.77
N ASP A 257 1.22 -10.72 -20.79
CA ASP A 257 2.15 -9.60 -20.60
C ASP A 257 1.43 -8.27 -20.44
N VAL A 258 0.17 -8.29 -19.99
CA VAL A 258 -0.62 -7.07 -19.98
C VAL A 258 -0.21 -6.18 -18.81
N MET A 259 -0.08 -4.87 -19.06
CA MET A 259 0.16 -3.96 -17.95
C MET A 259 -1.12 -3.75 -17.15
N LEU A 260 -1.04 -3.96 -15.82
CA LEU A 260 -2.21 -3.81 -14.99
C LEU A 260 -2.47 -2.37 -14.57
N ALA A 261 -1.43 -1.53 -14.56
CA ALA A 261 -1.57 -0.18 -14.02
C ALA A 261 -2.60 0.59 -14.82
N GLY A 262 -3.52 1.24 -14.09
CA GLY A 262 -4.56 2.01 -14.73
C GLY A 262 -5.69 1.19 -15.34
N LYS A 263 -5.58 -0.13 -15.36
CA LYS A 263 -6.67 -0.95 -15.87
C LYS A 263 -7.73 -1.19 -14.79
N GLU A 264 -8.96 -1.34 -15.25
CA GLU A 264 -10.08 -1.67 -14.37
C GLU A 264 -10.20 -3.18 -14.32
N CYS A 265 -9.95 -3.75 -13.14
CA CYS A 265 -9.92 -5.20 -12.96
C CYS A 265 -11.00 -5.60 -11.96
N VAL A 266 -11.80 -6.57 -12.35
CA VAL A 266 -12.95 -7.03 -11.57
C VAL A 266 -12.59 -8.39 -10.97
N ILE A 267 -12.59 -8.48 -9.64
CA ILE A 267 -12.42 -9.72 -8.90
CA ILE A 267 -12.43 -9.74 -8.94
C ILE A 267 -13.79 -10.19 -8.45
N CYS A 268 -14.24 -11.34 -8.92
CA CYS A 268 -15.52 -11.88 -8.54
C CYS A 268 -15.32 -12.80 -7.34
N GLY A 269 -15.84 -12.39 -6.19
CA GLY A 269 -15.64 -13.12 -4.95
C GLY A 269 -14.53 -12.51 -4.12
N PHE A 270 -14.78 -12.34 -2.83
CA PHE A 270 -13.83 -11.73 -1.91
C PHE A 270 -13.68 -12.59 -0.66
N GLY A 271 -13.60 -13.90 -0.87
CA GLY A 271 -13.14 -14.82 0.14
C GLY A 271 -11.62 -14.73 0.20
N ASP A 272 -10.98 -15.81 0.63
CA ASP A 272 -9.54 -15.76 0.80
C ASP A 272 -8.82 -15.59 -0.52
N VAL A 273 -9.27 -16.30 -1.55
CA VAL A 273 -8.65 -16.19 -2.88
C VAL A 273 -8.85 -14.77 -3.44
N GLY A 274 -10.09 -14.29 -3.42
CA GLY A 274 -10.38 -12.96 -3.96
C GLY A 274 -9.59 -11.86 -3.25
N LYS A 275 -9.39 -12.01 -1.93
CA LYS A 275 -8.63 -11.02 -1.20
C LYS A 275 -7.19 -10.94 -1.70
N GLY A 276 -6.57 -12.10 -1.91
CA GLY A 276 -5.19 -12.10 -2.37
C GLY A 276 -5.07 -11.58 -3.79
N CYS A 277 -6.04 -11.93 -4.64
CA CYS A 277 -6.07 -11.44 -6.02
C CYS A 277 -6.21 -9.93 -6.07
N ALA A 278 -7.12 -9.37 -5.27
CA ALA A 278 -7.33 -7.92 -5.30
C ALA A 278 -6.11 -7.18 -4.78
N GLU A 279 -5.43 -7.73 -3.77
CA GLU A 279 -4.23 -7.09 -3.27
C GLU A 279 -3.13 -7.10 -4.33
N ALA A 280 -2.96 -8.21 -5.04
CA ALA A 280 -1.99 -8.28 -6.14
C ALA A 280 -2.25 -7.22 -7.19
N LEU A 281 -3.49 -7.16 -7.66
CA LEU A 281 -3.84 -6.20 -8.71
C LEU A 281 -3.61 -4.78 -8.25
N LYS A 282 -4.04 -4.47 -7.02
CA LYS A 282 -3.89 -3.11 -6.50
C LYS A 282 -2.42 -2.72 -6.41
N GLY A 283 -1.57 -3.64 -5.98
CA GLY A 283 -0.16 -3.32 -5.83
C GLY A 283 0.52 -3.00 -7.15
N GLN A 284 -0.07 -3.43 -8.28
CA GLN A 284 0.43 -3.14 -9.60
C GLN A 284 -0.26 -1.93 -10.26
N GLY A 285 -1.04 -1.18 -9.49
CA GLY A 285 -1.66 0.06 -9.95
C GLY A 285 -3.01 -0.10 -10.61
N ALA A 286 -3.64 -1.27 -10.53
CA ALA A 286 -4.95 -1.46 -11.11
C ALA A 286 -6.01 -0.78 -10.27
N ARG A 287 -7.10 -0.38 -10.92
CA ARG A 287 -8.32 0.05 -10.26
C ARG A 287 -9.16 -1.20 -10.03
N VAL A 288 -9.30 -1.61 -8.78
CA VAL A 288 -9.87 -2.92 -8.48
C VAL A 288 -11.33 -2.79 -8.09
N ILE A 289 -12.17 -3.58 -8.76
CA ILE A 289 -13.58 -3.70 -8.46
C ILE A 289 -13.84 -5.10 -7.93
N VAL A 290 -14.61 -5.22 -6.85
CA VAL A 290 -14.95 -6.52 -6.27
C VAL A 290 -16.45 -6.78 -6.44
N THR A 291 -16.82 -8.00 -6.81
CA THR A 291 -18.22 -8.41 -6.72
C THR A 291 -18.35 -9.42 -5.59
N GLU A 292 -19.51 -9.43 -4.95
CA GLU A 292 -19.75 -10.32 -3.83
C GLU A 292 -21.25 -10.56 -3.68
N ILE A 293 -21.59 -11.75 -3.18
CA ILE A 293 -22.95 -12.04 -2.75
C ILE A 293 -23.07 -11.95 -1.24
N ASP A 294 -21.96 -11.99 -0.51
CA ASP A 294 -22.00 -12.00 0.95
C ASP A 294 -21.77 -10.57 1.43
N PRO A 295 -22.70 -9.97 2.18
CA PRO A 295 -22.51 -8.57 2.57
C PRO A 295 -21.35 -8.36 3.52
N ILE A 296 -20.96 -9.38 4.29
CA ILE A 296 -19.80 -9.23 5.17
C ILE A 296 -18.53 -9.12 4.35
N ASN A 297 -18.29 -10.09 3.44
CA ASN A 297 -17.12 -10.00 2.58
C ASN A 297 -17.14 -8.71 1.76
N ALA A 298 -18.34 -8.30 1.29
CA ALA A 298 -18.44 -7.05 0.56
C ALA A 298 -18.00 -5.87 1.42
N LEU A 299 -18.43 -5.83 2.68
CA LEU A 299 -18.03 -4.72 3.54
C LEU A 299 -16.52 -4.75 3.81
N GLN A 300 -15.92 -5.93 3.90
CA GLN A 300 -14.46 -6.00 3.98
C GLN A 300 -13.81 -5.38 2.75
N ALA A 301 -14.35 -5.64 1.57
CA ALA A 301 -13.77 -5.06 0.35
C ALA A 301 -13.88 -3.55 0.37
N CYS A 302 -15.01 -3.03 0.88
CA CYS A 302 -15.17 -1.58 1.00
C CYS A 302 -14.12 -1.00 1.94
N MET A 303 -13.88 -1.66 3.07
CA MET A 303 -12.92 -1.12 4.03
C MET A 303 -11.50 -1.11 3.50
N ALA A 304 -11.19 -1.99 2.54
CA ALA A 304 -9.88 -2.03 1.90
C ALA A 304 -9.77 -1.05 0.74
N GLY A 305 -10.79 -0.24 0.49
CA GLY A 305 -10.72 0.75 -0.56
C GLY A 305 -11.12 0.27 -1.93
N TYR A 306 -11.73 -0.90 -2.05
CA TYR A 306 -12.18 -1.35 -3.36
C TYR A 306 -13.60 -0.87 -3.63
N THR A 307 -13.96 -0.83 -4.92
CA THR A 307 -15.32 -0.54 -5.33
C THR A 307 -16.08 -1.85 -5.46
N VAL A 308 -17.27 -1.93 -4.89
CA VAL A 308 -18.06 -3.15 -4.89
C VAL A 308 -19.25 -2.95 -5.83
N LYS A 309 -19.31 -3.72 -6.92
CA LYS A 309 -20.31 -3.55 -7.95
C LYS A 309 -20.72 -4.93 -8.45
N THR A 310 -21.74 -4.96 -9.29
CA THR A 310 -22.05 -6.19 -10.00
C THR A 310 -21.26 -6.28 -11.31
N VAL A 311 -21.14 -7.49 -11.83
CA VAL A 311 -20.51 -7.66 -13.14
C VAL A 311 -21.22 -6.82 -14.20
N GLU A 312 -22.57 -6.78 -14.17
CA GLU A 312 -23.31 -6.01 -15.17
C GLU A 312 -22.90 -4.54 -15.17
N ASP A 313 -22.63 -3.96 -14.01
N ASP A 313 -22.64 -3.99 -13.97
CA ASP A 313 -22.27 -2.55 -14.01
CA ASP A 313 -22.21 -2.60 -13.83
C ASP A 313 -20.80 -2.31 -14.33
C ASP A 313 -20.89 -2.32 -14.53
N CYS A 314 -20.04 -3.36 -14.65
CA CYS A 314 -18.66 -3.18 -15.09
C CYS A 314 -18.44 -3.42 -16.58
N LEU A 315 -19.42 -3.98 -17.28
CA LEU A 315 -19.17 -4.49 -18.62
C LEU A 315 -18.69 -3.38 -19.57
N ALA A 316 -19.21 -2.16 -19.40
CA ALA A 316 -18.85 -1.09 -20.33
C ALA A 316 -17.43 -0.59 -20.14
N THR A 317 -16.81 -0.82 -18.98
CA THR A 317 -15.53 -0.19 -18.67
C THR A 317 -14.41 -1.15 -18.25
N ALA A 318 -14.71 -2.39 -17.86
CA ALA A 318 -13.70 -3.23 -17.24
C ALA A 318 -12.78 -3.84 -18.28
N ASP A 319 -11.51 -3.98 -17.91
CA ASP A 319 -10.46 -4.50 -18.79
C ASP A 319 -10.13 -5.96 -18.53
N ILE A 320 -10.26 -6.42 -17.28
CA ILE A 320 -9.86 -7.76 -16.88
C ILE A 320 -10.87 -8.27 -15.86
N TYR A 321 -11.23 -9.54 -15.97
CA TYR A 321 -12.15 -10.21 -15.05
C TYR A 321 -11.47 -11.44 -14.50
N VAL A 322 -11.48 -11.60 -13.19
CA VAL A 322 -10.91 -12.75 -12.49
C VAL A 322 -12.03 -13.35 -11.64
N THR A 323 -12.38 -14.61 -11.89
CA THR A 323 -13.42 -15.25 -11.09
C THR A 323 -12.77 -16.04 -9.96
N ALA A 324 -13.26 -15.82 -8.74
CA ALA A 324 -12.64 -16.39 -7.54
C ALA A 324 -13.71 -16.86 -6.56
N THR A 325 -14.76 -17.50 -7.07
CA THR A 325 -15.95 -17.76 -6.26
C THR A 325 -16.12 -19.21 -5.82
N GLY A 326 -15.68 -20.19 -6.61
CA GLY A 326 -16.10 -21.55 -6.35
C GLY A 326 -17.54 -21.82 -6.72
N ASN A 327 -18.19 -20.85 -7.36
CA ASN A 327 -19.58 -20.91 -7.80
C ASN A 327 -19.56 -21.00 -9.32
N LYS A 328 -20.75 -21.10 -9.93
CA LYS A 328 -20.81 -21.22 -11.38
C LYS A 328 -21.53 -20.01 -11.97
N ASP A 329 -21.39 -19.84 -13.29
CA ASP A 329 -22.16 -18.84 -14.03
C ASP A 329 -21.86 -17.43 -13.55
N ILE A 330 -20.59 -17.15 -13.26
CA ILE A 330 -20.18 -15.82 -12.85
C ILE A 330 -20.08 -14.89 -14.05
N ILE A 331 -19.45 -15.36 -15.11
CA ILE A 331 -19.25 -14.58 -16.34
C ILE A 331 -19.99 -15.34 -17.44
N THR A 332 -21.10 -14.79 -17.90
CA THR A 332 -21.99 -15.48 -18.82
C THR A 332 -21.72 -15.03 -20.24
N LEU A 333 -22.26 -15.80 -21.19
CA LEU A 333 -22.16 -15.39 -22.59
C LEU A 333 -22.79 -14.01 -22.79
N ASP A 334 -23.91 -13.74 -22.12
CA ASP A 334 -24.53 -12.41 -22.20
C ASP A 334 -23.58 -11.32 -21.74
N HIS A 335 -22.85 -11.58 -20.64
CA HIS A 335 -21.84 -10.63 -20.18
C HIS A 335 -20.79 -10.39 -21.26
N MET A 336 -20.25 -11.48 -21.82
CA MET A 336 -19.10 -11.36 -22.72
C MET A 336 -19.49 -10.67 -24.03
N LYS A 337 -20.74 -10.82 -24.46
CA LYS A 337 -21.24 -10.09 -25.63
C LYS A 337 -21.12 -8.58 -25.44
N LYS A 338 -21.19 -8.09 -24.20
CA LYS A 338 -21.24 -6.67 -23.91
C LYS A 338 -19.91 -6.11 -23.41
N MET A 339 -18.85 -6.91 -23.41
CA MET A 339 -17.59 -6.48 -22.84
C MET A 339 -16.79 -5.63 -23.81
N LYS A 340 -15.87 -4.85 -23.26
CA LYS A 340 -14.93 -4.12 -24.09
C LYS A 340 -14.06 -5.08 -24.91
N ASP A 341 -13.66 -4.61 -26.08
CA ASP A 341 -12.81 -5.39 -26.97
C ASP A 341 -11.51 -5.74 -26.28
N MET A 342 -11.11 -7.01 -26.39
CA MET A 342 -9.88 -7.56 -25.82
C MET A 342 -9.92 -7.65 -24.29
N ALA A 343 -11.11 -7.57 -23.69
CA ALA A 343 -11.20 -7.86 -22.27
C ALA A 343 -10.62 -9.25 -21.97
N ILE A 344 -9.81 -9.33 -20.91
CA ILE A 344 -9.19 -10.57 -20.49
C ILE A 344 -10.07 -11.21 -19.43
N ILE A 345 -10.36 -12.50 -19.60
CA ILE A 345 -11.23 -13.24 -18.70
C ILE A 345 -10.49 -14.46 -18.20
N CYS A 346 -10.42 -14.62 -16.89
CA CYS A 346 -9.73 -15.80 -16.37
C CYS A 346 -10.40 -16.23 -15.06
N ASN A 347 -10.13 -17.48 -14.69
CA ASN A 347 -10.72 -18.12 -13.54
C ASN A 347 -9.59 -18.60 -12.63
N ILE A 348 -9.66 -18.24 -11.35
CA ILE A 348 -8.71 -18.74 -10.39
C ILE A 348 -9.41 -19.55 -9.29
N GLY A 349 -10.69 -19.84 -9.48
CA GLY A 349 -11.48 -20.50 -8.47
C GLY A 349 -11.53 -21.99 -8.67
N HIS A 350 -12.46 -22.47 -9.50
CA HIS A 350 -12.65 -23.91 -9.58
C HIS A 350 -13.14 -24.31 -10.95
N PHE A 351 -12.81 -25.54 -11.33
CA PHE A 351 -13.42 -26.19 -12.49
C PHE A 351 -13.30 -25.31 -13.72
N ASP A 352 -14.31 -25.34 -14.60
CA ASP A 352 -14.29 -24.43 -15.75
C ASP A 352 -15.66 -23.84 -16.02
N ASN A 353 -16.52 -23.77 -15.00
CA ASN A 353 -17.86 -23.26 -15.19
C ASN A 353 -18.12 -21.94 -14.46
N GLU A 354 -17.10 -21.34 -13.83
CA GLU A 354 -17.26 -19.97 -13.36
C GLU A 354 -17.46 -19.02 -14.54
N ILE A 355 -16.74 -19.26 -15.63
CA ILE A 355 -16.95 -18.61 -16.92
C ILE A 355 -17.72 -19.59 -17.81
N ASP A 356 -18.66 -19.08 -18.60
CA ASP A 356 -19.43 -19.95 -19.49
C ASP A 356 -18.64 -20.27 -20.76
N VAL A 357 -17.58 -21.07 -20.59
CA VAL A 357 -16.74 -21.47 -21.72
C VAL A 357 -17.53 -22.33 -22.70
N LEU A 358 -18.36 -23.23 -22.19
CA LEU A 358 -19.19 -24.06 -23.07
C LEU A 358 -20.07 -23.20 -23.97
N GLY A 359 -20.67 -22.14 -23.41
CA GLY A 359 -21.48 -21.26 -24.23
C GLY A 359 -20.68 -20.54 -25.30
N LEU A 360 -19.50 -20.03 -24.94
CA LEU A 360 -18.60 -19.45 -25.93
C LEU A 360 -18.33 -20.41 -27.07
N LYS A 361 -18.04 -21.66 -26.73
CA LYS A 361 -17.62 -22.61 -27.73
C LYS A 361 -18.76 -23.09 -28.61
N THR A 362 -20.00 -22.97 -28.15
CA THR A 362 -21.13 -23.48 -28.93
C THR A 362 -21.96 -22.39 -29.58
N CYS A 363 -21.61 -21.11 -29.38
CA CYS A 363 -22.37 -20.03 -29.98
C CYS A 363 -21.91 -19.82 -31.43
N GLU A 364 -22.83 -20.05 -32.38
CA GLU A 364 -22.45 -20.22 -33.78
C GLU A 364 -21.69 -19.03 -34.33
N GLY A 365 -22.08 -17.81 -33.97
CA GLY A 365 -21.41 -16.65 -34.54
C GLY A 365 -20.06 -16.30 -33.92
N VAL A 366 -19.64 -16.99 -32.86
CA VAL A 366 -18.41 -16.63 -32.14
C VAL A 366 -17.28 -17.48 -32.71
N LYS A 367 -16.22 -16.83 -33.20
CA LYS A 367 -15.07 -17.51 -33.77
C LYS A 367 -13.94 -17.57 -32.74
N GLU A 368 -13.44 -18.77 -32.48
CA GLU A 368 -12.32 -18.99 -31.59
C GLU A 368 -11.01 -18.92 -32.38
N ILE A 369 -10.07 -18.11 -31.92
CA ILE A 369 -8.78 -17.95 -32.59
C ILE A 369 -7.67 -18.12 -31.56
N ASN A 370 -6.85 -19.13 -31.73
CA ASN A 370 -5.77 -19.37 -30.77
C ASN A 370 -4.70 -18.30 -30.93
N ILE A 371 -4.24 -17.78 -29.80
CA ILE A 371 -3.14 -16.82 -29.78
C ILE A 371 -1.82 -17.49 -29.46
N LYS A 372 -1.79 -18.27 -28.38
CA LYS A 372 -0.65 -19.05 -27.93
C LYS A 372 -1.22 -20.10 -26.98
N PRO A 373 -0.42 -21.04 -26.47
CA PRO A 373 -0.99 -22.08 -25.60
C PRO A 373 -1.72 -21.46 -24.40
N GLN A 374 -2.95 -21.94 -24.16
CA GLN A 374 -3.81 -21.49 -23.06
C GLN A 374 -4.21 -20.01 -23.17
N VAL A 375 -4.12 -19.41 -24.35
CA VAL A 375 -4.59 -18.04 -24.58
C VAL A 375 -5.38 -18.04 -25.88
N ASP A 376 -6.70 -17.82 -25.77
CA ASP A 376 -7.57 -17.93 -26.92
C ASP A 376 -8.44 -16.70 -27.07
N GLN A 377 -8.51 -16.16 -28.29
CA GLN A 377 -9.35 -15.03 -28.61
C GLN A 377 -10.71 -15.54 -29.08
N PHE A 378 -11.77 -14.93 -28.55
CA PHE A 378 -13.12 -15.23 -29.02
C PHE A 378 -13.68 -13.96 -29.67
N LEU A 379 -13.86 -14.02 -30.98
CA LEU A 379 -14.24 -12.88 -31.80
C LEU A 379 -15.75 -12.91 -32.06
N PHE A 380 -16.44 -11.82 -31.70
CA PHE A 380 -17.89 -11.74 -31.83
C PHE A 380 -18.28 -11.04 -33.13
N PRO A 381 -19.49 -11.27 -33.63
CA PRO A 381 -19.89 -10.69 -34.93
C PRO A 381 -19.70 -9.19 -35.04
N ASP A 382 -19.90 -8.44 -33.96
CA ASP A 382 -19.72 -7.00 -34.06
C ASP A 382 -18.26 -6.58 -34.11
N GLY A 383 -17.32 -7.52 -34.06
CA GLY A 383 -15.92 -7.20 -34.16
C GLY A 383 -15.17 -7.13 -32.85
N HIS A 384 -15.86 -7.08 -31.72
CA HIS A 384 -15.12 -7.09 -30.47
C HIS A 384 -14.77 -8.53 -30.09
N SER A 385 -13.74 -8.67 -29.27
CA SER A 385 -13.25 -9.96 -28.84
C SER A 385 -13.07 -9.97 -27.35
N ILE A 386 -13.07 -11.17 -26.77
CA ILE A 386 -12.55 -11.38 -25.43
C ILE A 386 -11.38 -12.34 -25.54
N ILE A 387 -10.47 -12.25 -24.57
CA ILE A 387 -9.31 -13.14 -24.45
C ILE A 387 -9.59 -14.06 -23.27
N LEU A 388 -9.66 -15.37 -23.53
CA LEU A 388 -9.89 -16.36 -22.49
C LEU A 388 -8.59 -17.06 -22.15
N LEU A 389 -8.30 -17.17 -20.85
CA LEU A 389 -7.07 -17.80 -20.38
C LEU A 389 -7.34 -19.22 -19.92
N ALA A 390 -6.50 -20.16 -20.36
CA ALA A 390 -6.48 -21.56 -19.90
C ALA A 390 -7.85 -22.23 -20.04
N GLN A 391 -8.60 -21.88 -21.09
CA GLN A 391 -9.93 -22.45 -21.31
C GLN A 391 -10.82 -22.29 -20.08
N GLY A 392 -10.60 -21.23 -19.30
CA GLY A 392 -11.44 -21.01 -18.13
C GLY A 392 -11.09 -21.83 -16.92
N ARG A 393 -9.96 -22.54 -16.93
CA ARG A 393 -9.48 -23.25 -15.76
C ARG A 393 -8.41 -22.43 -15.05
N LEU A 394 -7.97 -22.95 -13.90
CA LEU A 394 -7.10 -22.21 -12.98
C LEU A 394 -5.98 -21.52 -13.72
N VAL A 395 -6.00 -20.19 -13.72
CA VAL A 395 -5.08 -19.43 -14.55
C VAL A 395 -3.68 -19.43 -13.95
N ASN A 396 -3.58 -19.46 -12.62
CA ASN A 396 -2.27 -19.37 -11.99
C ASN A 396 -1.48 -20.63 -12.28
N LEU A 397 -2.14 -21.77 -12.31
CA LEU A 397 -1.49 -23.04 -12.57
C LEU A 397 -1.47 -23.39 -14.04
N GLY A 398 -2.48 -22.97 -14.80
CA GLY A 398 -2.56 -23.31 -16.21
C GLY A 398 -1.71 -22.43 -17.11
N CYS A 399 -1.53 -21.15 -16.72
CA CYS A 399 -0.70 -20.23 -17.51
C CYS A 399 0.64 -19.93 -16.86
N ALA A 400 0.84 -20.31 -15.60
CA ALA A 400 2.12 -20.12 -14.95
C ALA A 400 2.44 -21.34 -14.10
N THR A 401 3.05 -21.16 -12.93
CA THR A 401 3.57 -22.29 -12.18
C THR A 401 2.87 -22.48 -10.83
N GLY A 402 1.70 -21.85 -10.64
CA GLY A 402 1.01 -21.92 -9.36
C GLY A 402 1.74 -21.16 -8.26
N HIS A 403 1.23 -21.33 -7.03
CA HIS A 403 1.82 -20.69 -5.86
C HIS A 403 3.30 -21.06 -5.74
N PRO A 404 4.10 -20.17 -5.15
CA PRO A 404 5.51 -20.46 -4.95
C PRO A 404 5.73 -21.42 -3.78
N ALA A 405 6.96 -21.94 -3.72
CA ALA A 405 7.26 -23.08 -2.85
C ALA A 405 7.08 -22.75 -1.37
N PHE A 406 7.49 -21.55 -0.94
CA PHE A 406 7.47 -21.28 0.50
C PHE A 406 6.06 -21.39 1.06
N VAL A 407 5.06 -20.83 0.37
CA VAL A 407 3.72 -20.91 0.93
C VAL A 407 3.14 -22.31 0.74
N MET A 408 3.51 -23.02 -0.34
CA MET A 408 3.05 -24.39 -0.48
C MET A 408 3.67 -25.30 0.58
N SER A 409 4.84 -24.94 1.13
CA SER A 409 5.40 -25.70 2.23
C SER A 409 4.46 -25.68 3.43
N ALA A 410 3.80 -24.55 3.69
CA ALA A 410 2.82 -24.50 4.77
C ALA A 410 1.63 -25.41 4.47
N SER A 411 1.08 -25.31 3.25
CA SER A 411 -0.07 -26.14 2.91
C SER A 411 0.30 -27.61 2.95
N PHE A 412 1.49 -27.94 2.45
CA PHE A 412 1.87 -29.33 2.32
C PHE A 412 2.40 -29.92 3.62
N THR A 413 2.84 -29.08 4.56
CA THR A 413 3.14 -29.61 5.89
C THR A 413 1.86 -30.01 6.59
N ASN A 414 0.80 -29.22 6.41
CA ASN A 414 -0.53 -29.65 6.85
C ASN A 414 -0.91 -30.98 6.21
N GLN A 415 -0.71 -31.11 4.89
CA GLN A 415 -1.04 -32.38 4.22
C GLN A 415 -0.28 -33.54 4.83
N THR A 416 1.02 -33.37 5.05
CA THR A 416 1.84 -34.46 5.58
C THR A 416 1.38 -34.85 6.97
N LEU A 417 1.15 -33.86 7.85
CA LEU A 417 0.67 -34.17 9.19
C LEU A 417 -0.72 -34.80 9.17
N ALA A 418 -1.57 -34.37 8.23
CA ALA A 418 -2.88 -34.99 8.09
C ALA A 418 -2.76 -36.46 7.70
N GLN A 419 -1.88 -36.77 6.73
CA GLN A 419 -1.69 -38.15 6.30
C GLN A 419 -1.23 -39.03 7.44
N ILE A 420 -0.23 -38.57 8.20
CA ILE A 420 0.24 -39.31 9.36
C ILE A 420 -0.89 -39.55 10.34
N SER A 421 -1.69 -38.52 10.60
CA SER A 421 -2.75 -38.63 11.60
C SER A 421 -3.82 -39.61 11.15
N LEU A 422 -4.24 -39.52 9.87
CA LEU A 422 -5.22 -40.46 9.38
C LEU A 422 -4.74 -41.88 9.53
N TRP A 423 -3.44 -42.11 9.36
CA TRP A 423 -2.92 -43.47 9.50
C TRP A 423 -2.80 -43.88 10.96
N LYS A 424 -2.28 -43.01 11.81
CA LYS A 424 -1.93 -43.39 13.18
C LYS A 424 -3.06 -43.19 14.18
N ASP A 425 -3.99 -42.28 13.92
CA ASP A 425 -5.05 -41.97 14.87
C ASP A 425 -6.36 -42.60 14.44
N LYS A 426 -7.26 -42.76 15.41
CA LYS A 426 -8.58 -43.35 15.19
C LYS A 426 -9.54 -42.23 14.84
N TYR A 427 -10.15 -42.31 13.65
CA TYR A 427 -11.19 -41.38 13.23
C TYR A 427 -12.45 -42.17 12.88
N GLU A 428 -13.60 -41.63 13.28
CA GLU A 428 -14.87 -42.09 12.75
C GLU A 428 -15.11 -41.42 11.39
N ILE A 429 -16.05 -41.98 10.62
CA ILE A 429 -16.41 -41.33 9.36
C ILE A 429 -16.93 -39.93 9.67
N GLY A 430 -16.35 -38.93 9.03
CA GLY A 430 -16.66 -37.55 9.30
C GLY A 430 -15.57 -36.68 8.73
N VAL A 431 -15.75 -35.36 8.88
CA VAL A 431 -14.79 -34.39 8.36
C VAL A 431 -14.18 -33.64 9.53
N TYR A 432 -12.85 -33.62 9.59
CA TYR A 432 -12.13 -33.09 10.75
C TYR A 432 -11.13 -32.04 10.30
N THR A 433 -10.77 -31.15 11.22
CA THR A 433 -9.63 -30.26 11.02
C THR A 433 -8.50 -30.63 11.99
N LEU A 434 -7.27 -30.28 11.61
CA LEU A 434 -6.14 -30.59 12.48
C LEU A 434 -6.20 -29.75 13.76
N PRO A 435 -5.67 -30.26 14.87
CA PRO A 435 -5.70 -29.49 16.13
C PRO A 435 -4.94 -28.17 16.01
N LYS A 436 -5.38 -27.17 16.80
CA LYS A 436 -4.76 -25.85 16.72
C LYS A 436 -3.27 -25.90 17.03
N VAL A 437 -2.86 -26.76 17.97
CA VAL A 437 -1.44 -26.85 18.32
CA VAL A 437 -1.44 -26.88 18.32
C VAL A 437 -0.61 -27.33 17.12
N LEU A 438 -1.17 -28.19 16.26
CA LEU A 438 -0.47 -28.57 15.04
C LEU A 438 -0.41 -27.43 14.04
N ASP A 439 -1.55 -26.77 13.83
CA ASP A 439 -1.61 -25.55 13.02
C ASP A 439 -0.54 -24.56 13.46
N GLU A 440 -0.42 -24.32 14.77
CA GLU A 440 0.60 -23.42 15.30
C GLU A 440 2.00 -23.94 15.02
N GLU A 441 2.20 -25.26 15.09
CA GLU A 441 3.51 -25.83 14.79
C GLU A 441 3.89 -25.61 13.34
N VAL A 442 2.93 -25.74 12.40
CA VAL A 442 3.22 -25.45 11.00
C VAL A 442 3.77 -24.04 10.86
N ALA A 443 3.12 -23.07 11.50
CA ALA A 443 3.59 -21.70 11.42
C ALA A 443 4.99 -21.57 12.01
N ARG A 444 5.23 -22.20 13.17
CA ARG A 444 6.55 -22.15 13.80
C ARG A 444 7.64 -22.62 12.85
N LEU A 445 7.37 -23.70 12.12
CA LEU A 445 8.37 -24.27 11.22
C LEU A 445 8.78 -23.33 10.11
N HIS A 446 7.99 -22.28 9.84
CA HIS A 446 8.29 -21.37 8.75
C HIS A 446 8.81 -20.01 9.21
N LEU A 447 8.86 -19.76 10.53
CA LEU A 447 9.27 -18.44 11.00
C LEU A 447 10.77 -18.21 10.90
N GLU A 448 11.60 -19.23 11.16
CA GLU A 448 13.04 -19.02 11.14
C GLU A 448 13.53 -18.60 9.76
N LYS A 449 13.04 -19.24 8.71
CA LYS A 449 13.47 -18.87 7.36
C LYS A 449 13.21 -17.40 7.07
N LEU A 450 12.15 -16.83 7.64
CA LEU A 450 11.80 -15.43 7.45
C LEU A 450 12.54 -14.50 8.41
N GLY A 451 13.36 -15.04 9.30
CA GLY A 451 14.07 -14.23 10.26
C GLY A 451 13.23 -13.75 11.44
N ALA A 452 11.99 -14.19 11.55
CA ALA A 452 11.11 -13.72 12.63
C ALA A 452 11.53 -14.30 13.96
N LYS A 453 11.42 -13.48 15.01
CA LYS A 453 11.71 -13.94 16.37
C LYS A 453 10.44 -13.85 17.21
N LEU A 454 9.97 -15.00 17.68
CA LEU A 454 8.75 -15.08 18.47
C LEU A 454 9.03 -14.70 19.92
N THR A 455 8.07 -14.03 20.54
CA THR A 455 8.13 -13.71 21.95
C THR A 455 7.61 -14.89 22.76
N LYS A 456 8.21 -15.15 23.92
CA LYS A 456 7.78 -16.21 24.82
C LYS A 456 7.06 -15.60 26.01
N LEU A 457 5.85 -16.08 26.29
CA LEU A 457 5.11 -15.62 27.46
C LEU A 457 5.86 -15.97 28.74
N THR A 458 5.83 -15.08 29.72
CA THR A 458 6.19 -15.48 31.07
C THR A 458 5.05 -16.27 31.70
N THR A 459 5.35 -16.97 32.80
CA THR A 459 4.31 -17.72 33.50
CA THR A 459 4.29 -17.73 33.45
C THR A 459 3.17 -16.81 33.93
N SER A 460 3.51 -15.64 34.47
CA SER A 460 2.49 -14.69 34.87
CA SER A 460 2.50 -14.68 34.87
C SER A 460 1.66 -14.22 33.68
N GLN A 461 2.29 -13.99 32.53
CA GLN A 461 1.53 -13.54 31.37
C GLN A 461 0.61 -14.64 30.84
N ALA A 462 1.11 -15.87 30.77
CA ALA A 462 0.29 -16.97 30.29
C ALA A 462 -0.92 -17.17 31.20
N ASP A 463 -0.71 -17.11 32.52
CA ASP A 463 -1.84 -17.17 33.45
C ASP A 463 -2.83 -16.05 33.19
N TYR A 464 -2.33 -14.84 32.94
CA TYR A 464 -3.20 -13.67 32.83
C TYR A 464 -4.17 -13.79 31.65
N ILE A 465 -3.70 -14.30 30.52
CA ILE A 465 -4.60 -14.47 29.36
C ILE A 465 -5.17 -15.87 29.27
N GLY A 466 -4.78 -16.77 30.17
CA GLY A 466 -5.40 -18.08 30.26
C GLY A 466 -5.00 -19.05 29.16
N VAL A 467 -3.69 -19.15 28.89
CA VAL A 467 -3.21 -20.12 27.91
C VAL A 467 -2.00 -20.82 28.51
N ASN A 468 -1.73 -22.01 27.99
CA ASN A 468 -0.45 -22.66 28.22
C ASN A 468 0.62 -21.88 27.48
N ALA A 469 1.78 -21.70 28.12
CA ALA A 469 2.85 -20.95 27.47
C ALA A 469 3.26 -21.54 26.14
N ASN A 470 2.98 -22.83 25.91
CA ASN A 470 3.32 -23.50 24.66
C ASN A 470 2.13 -23.64 23.73
N GLY A 471 1.04 -22.94 23.99
CA GLY A 471 -0.11 -23.01 23.12
C GLY A 471 -1.06 -24.11 23.51
N PRO A 472 -2.23 -24.18 22.86
CA PRO A 472 -2.68 -23.25 21.81
C PRO A 472 -2.97 -21.86 22.40
N TYR A 473 -2.82 -20.82 21.59
CA TYR A 473 -2.90 -19.46 22.09
C TYR A 473 -4.25 -18.80 21.87
N LYS A 474 -5.14 -19.43 21.12
CA LYS A 474 -6.41 -18.82 20.73
C LYS A 474 -7.55 -19.78 20.98
N ALA A 475 -8.73 -19.23 21.23
CA ALA A 475 -9.94 -20.03 21.34
C ALA A 475 -10.20 -20.72 20.01
N ASP A 476 -10.97 -21.81 20.07
CA ASP A 476 -11.05 -22.64 18.88
C ASP A 476 -11.73 -21.93 17.71
N HIS A 477 -12.62 -20.98 17.99
CA HIS A 477 -13.29 -20.26 16.93
C HIS A 477 -12.67 -18.90 16.62
N TYR A 478 -11.47 -18.61 17.13
CA TYR A 478 -10.77 -17.39 16.76
C TYR A 478 -10.55 -17.34 15.25
N ARG A 479 -10.72 -16.17 14.65
CA ARG A 479 -10.74 -16.06 13.19
C ARG A 479 -9.45 -15.52 12.59
N TYR A 480 -8.50 -15.03 13.40
CA TYR A 480 -7.23 -14.48 12.87
C TYR A 480 -7.50 -13.38 11.85
N ILE B 17 -33.43 15.06 36.18
CA ILE B 17 -32.80 13.76 36.36
C ILE B 17 -31.40 13.91 36.96
N GLU B 18 -30.91 12.82 37.55
CA GLU B 18 -29.59 12.82 38.16
C GLU B 18 -28.52 12.62 37.10
N TYR B 19 -27.41 13.35 37.24
CA TYR B 19 -26.27 13.14 36.35
C TYR B 19 -25.05 13.82 36.98
N GLN B 20 -23.88 13.49 36.43
CA GLN B 20 -22.63 14.12 36.85
C GLN B 20 -21.77 14.23 35.60
N VAL B 21 -21.57 15.46 35.12
CA VAL B 21 -20.73 15.71 33.96
C VAL B 21 -19.83 16.88 34.27
N LYS B 22 -18.87 17.12 33.38
CA LYS B 22 -17.87 18.16 33.62
C LYS B 22 -18.47 19.55 33.49
N ASP B 23 -19.21 19.80 32.41
CA ASP B 23 -19.54 21.17 32.02
C ASP B 23 -20.79 21.15 31.15
N MET B 24 -21.94 21.50 31.74
CA MET B 24 -23.17 21.45 30.97
C MET B 24 -23.24 22.51 29.87
N SER B 25 -22.39 23.54 29.92
CA SER B 25 -22.39 24.52 28.85
C SER B 25 -21.88 23.95 27.53
N LEU B 26 -21.34 22.74 27.53
CA LEU B 26 -20.90 22.07 26.32
C LEU B 26 -22.01 21.33 25.61
N ALA B 27 -23.22 21.31 26.18
CA ALA B 27 -24.28 20.46 25.65
C ALA B 27 -24.61 20.80 24.20
N SER B 28 -24.72 22.09 23.88
CA SER B 28 -25.11 22.47 22.52
CA SER B 28 -25.11 22.47 22.52
C SER B 28 -24.08 22.02 21.50
N LEU B 29 -22.79 22.14 21.83
CA LEU B 29 -21.75 21.65 20.93
C LEU B 29 -21.82 20.14 20.76
N GLY B 30 -22.00 19.42 21.86
CA GLY B 30 -22.08 17.97 21.77
C GLY B 30 -23.27 17.53 20.93
N ARG B 31 -24.38 18.25 21.03
CA ARG B 31 -25.57 17.91 20.27
C ARG B 31 -25.33 18.11 18.78
N LYS B 32 -24.59 19.14 18.38
CA LYS B 32 -24.22 19.31 16.97
C LYS B 32 -23.37 18.15 16.48
N ARG B 33 -22.43 17.69 17.30
CA ARG B 33 -21.58 16.58 16.89
CA ARG B 33 -21.57 16.57 16.92
C ARG B 33 -22.35 15.27 16.85
N ILE B 34 -23.30 15.09 17.78
CA ILE B 34 -24.18 13.92 17.75
C ILE B 34 -25.00 13.92 16.45
N GLU B 35 -25.58 15.07 16.10
CA GLU B 35 -26.34 15.18 14.85
C GLU B 35 -25.49 14.81 13.63
N MET B 36 -24.23 15.25 13.61
CA MET B 36 -23.34 14.86 12.52
C MET B 36 -23.10 13.36 12.54
N ALA B 37 -22.86 12.79 13.73
CA ALA B 37 -22.57 11.37 13.85
C ALA B 37 -23.76 10.52 13.43
N GLU B 38 -24.98 10.95 13.77
CA GLU B 38 -26.17 10.21 13.36
C GLU B 38 -26.18 9.96 11.87
N LYS B 39 -25.79 10.96 11.07
CA LYS B 39 -25.82 10.82 9.61
C LYS B 39 -24.73 9.90 9.11
N GLU B 40 -23.78 9.54 9.96
CA GLU B 40 -22.74 8.59 9.63
C GLU B 40 -23.00 7.20 10.18
N MET B 41 -24.13 6.97 10.85
CA MET B 41 -24.42 5.72 11.55
C MET B 41 -25.71 5.10 11.03
N PRO B 42 -25.71 4.61 9.79
CA PRO B 42 -26.97 4.13 9.20
C PRO B 42 -27.53 2.89 9.88
N GLY B 43 -26.68 2.06 10.45
CA GLY B 43 -27.18 0.89 11.18
C GLY B 43 -28.00 1.28 12.40
N LEU B 44 -27.46 2.18 13.22
CA LEU B 44 -28.22 2.62 14.39
C LEU B 44 -29.48 3.35 13.99
N MET B 45 -29.43 4.20 12.96
CA MET B 45 -30.64 4.90 12.52
CA MET B 45 -30.65 4.89 12.58
C MET B 45 -31.67 3.90 12.02
N ALA B 46 -31.22 2.84 11.35
CA ALA B 46 -32.14 1.80 10.90
C ALA B 46 -32.81 1.09 12.08
N CYS B 47 -32.06 0.88 13.18
CA CYS B 47 -32.68 0.26 14.35
C CYS B 47 -33.79 1.13 14.92
N ARG B 48 -33.57 2.45 14.95
CA ARG B 48 -34.63 3.35 15.40
C ARG B 48 -35.84 3.25 14.47
N ALA B 49 -35.60 3.23 13.16
CA ALA B 49 -36.71 3.14 12.22
C ALA B 49 -37.46 1.83 12.39
N LYS B 50 -36.72 0.72 12.54
CA LYS B 50 -37.38 -0.59 12.63
C LYS B 50 -38.08 -0.76 13.97
N TYR B 51 -37.47 -0.33 15.08
CA TYR B 51 -37.99 -0.68 16.40
C TYR B 51 -38.55 0.50 17.19
N GLY B 52 -38.53 1.71 16.61
CA GLY B 52 -38.91 2.89 17.38
C GLY B 52 -40.39 2.94 17.73
N GLU B 53 -41.25 2.28 16.96
CA GLU B 53 -42.67 2.21 17.30
C GLU B 53 -43.00 1.01 18.18
N GLU B 54 -42.44 -0.17 17.87
CA GLU B 54 -42.65 -1.35 18.71
C GLU B 54 -42.15 -1.11 20.13
N LYS B 55 -41.02 -0.44 20.27
CA LYS B 55 -40.35 -0.25 21.55
C LYS B 55 -40.17 -1.60 22.27
N PRO B 56 -39.39 -2.51 21.70
CA PRO B 56 -39.19 -3.82 22.36
C PRO B 56 -38.54 -3.71 23.74
N LEU B 57 -37.86 -2.61 24.03
CA LEU B 57 -37.22 -2.42 25.34
C LEU B 57 -37.99 -1.43 26.22
N ASN B 58 -39.30 -1.32 26.01
CA ASN B 58 -40.08 -0.29 26.70
C ASN B 58 -40.04 -0.46 28.21
N GLY B 59 -39.52 0.53 28.92
CA GLY B 59 -39.42 0.46 30.36
C GLY B 59 -38.31 -0.45 30.88
N VAL B 60 -37.54 -1.07 30.01
CA VAL B 60 -36.46 -1.96 30.48
C VAL B 60 -35.32 -1.11 31.05
N ARG B 61 -34.91 -1.44 32.28
CA ARG B 61 -33.82 -0.72 32.93
C ARG B 61 -32.48 -1.21 32.36
N ILE B 62 -31.72 -0.29 31.76
CA ILE B 62 -30.46 -0.60 31.08
C ILE B 62 -29.35 0.21 31.73
N THR B 63 -28.33 -0.47 32.24
CA THR B 63 -27.09 0.14 32.66
C THR B 63 -26.06 -0.02 31.56
N GLY B 64 -25.44 1.08 31.16
CA GLY B 64 -24.34 1.03 30.21
C GLY B 64 -23.05 1.52 30.86
N SER B 65 -21.96 0.78 30.62
CA SER B 65 -20.62 1.19 31.00
C SER B 65 -19.79 1.09 29.72
N LEU B 66 -19.63 2.22 29.04
CA LEU B 66 -18.99 2.22 27.74
C LEU B 66 -18.60 3.66 27.41
N HIS B 67 -17.36 3.84 26.93
CA HIS B 67 -16.76 5.14 26.59
C HIS B 67 -17.81 6.17 26.21
N MET B 68 -17.93 7.27 26.97
CA MET B 68 -19.00 8.25 26.75
C MET B 68 -18.60 9.22 25.64
N THR B 69 -18.58 8.70 24.41
CA THR B 69 -18.21 9.45 23.21
C THR B 69 -19.47 9.91 22.45
N VAL B 70 -19.26 10.67 21.37
CA VAL B 70 -20.37 11.04 20.49
CA VAL B 70 -20.39 11.04 20.53
C VAL B 70 -21.04 9.79 19.93
N GLU B 71 -20.22 8.80 19.53
CA GLU B 71 -20.77 7.58 18.95
C GLU B 71 -21.64 6.84 19.97
N THR B 72 -21.17 6.74 21.21
CA THR B 72 -21.95 6.10 22.26
C THR B 72 -23.23 6.87 22.54
N ALA B 73 -23.17 8.20 22.45
CA ALA B 73 -24.38 9.00 22.57
C ALA B 73 -25.45 8.54 21.57
N VAL B 74 -25.06 8.23 20.34
CA VAL B 74 -26.07 7.78 19.37
C VAL B 74 -26.63 6.43 19.78
N LEU B 75 -25.79 5.55 20.33
CA LEU B 75 -26.28 4.28 20.84
C LEU B 75 -27.27 4.48 21.99
N ILE B 76 -26.88 5.29 22.98
CA ILE B 76 -27.77 5.55 24.10
C ILE B 76 -29.15 6.00 23.61
N GLU B 77 -29.16 6.97 22.70
CA GLU B 77 -30.44 7.47 22.25
C GLU B 77 -31.13 6.53 21.30
N THR B 78 -30.43 5.54 20.76
CA THR B 78 -31.11 4.48 20.02
C THR B 78 -31.83 3.54 20.99
N LEU B 79 -31.13 3.13 22.04
CA LEU B 79 -31.75 2.33 23.10
C LEU B 79 -32.94 3.06 23.71
N LYS B 80 -32.81 4.37 23.92
CA LYS B 80 -33.90 5.17 24.46
C LYS B 80 -35.07 5.25 23.47
N ALA B 81 -34.78 5.40 22.18
CA ALA B 81 -35.84 5.46 21.18
C ALA B 81 -36.63 4.15 21.09
N ILE B 82 -36.01 3.02 21.40
CA ILE B 82 -36.71 1.74 21.37
C ILE B 82 -37.19 1.33 22.77
N GLY B 83 -37.26 2.29 23.71
CA GLY B 83 -38.00 2.14 24.96
C GLY B 83 -37.17 2.14 26.24
N GLY B 84 -35.85 2.06 26.17
CA GLY B 84 -35.06 1.77 27.36
C GLY B 84 -35.12 2.87 28.40
N ASN B 85 -35.00 2.46 29.66
CA ASN B 85 -34.86 3.35 30.82
C ASN B 85 -33.40 3.24 31.23
N ILE B 86 -32.59 4.26 30.91
CA ILE B 86 -31.15 4.08 30.79
C ILE B 86 -30.40 4.92 31.83
N ARG B 87 -29.30 4.36 32.34
CA ARG B 87 -28.31 5.11 33.10
C ARG B 87 -26.93 4.72 32.59
N TRP B 88 -26.01 5.68 32.51
CA TRP B 88 -24.78 5.44 31.77
C TRP B 88 -23.56 5.94 32.52
N CYS B 89 -22.44 5.27 32.30
CA CYS B 89 -21.13 5.71 32.76
C CYS B 89 -20.12 5.30 31.69
N SER B 90 -18.95 5.92 31.73
CA SER B 90 -17.87 5.51 30.84
C SER B 90 -17.17 4.29 31.42
N CYS B 91 -16.50 3.54 30.57
CA CYS B 91 -15.68 2.42 31.02
C CYS B 91 -14.20 2.77 31.08
N ASN B 92 -13.86 4.06 30.94
CA ASN B 92 -12.46 4.47 30.92
C ASN B 92 -12.37 5.90 31.46
N ILE B 93 -11.34 6.16 32.28
CA ILE B 93 -11.28 7.43 32.98
C ILE B 93 -10.91 8.60 32.08
N PHE B 94 -10.40 8.33 30.87
CA PHE B 94 -10.00 9.38 29.94
C PHE B 94 -10.83 9.42 28.66
N SER B 95 -11.74 8.47 28.45
CA SER B 95 -12.37 8.36 27.12
C SER B 95 -13.62 9.21 26.94
N THR B 96 -14.19 9.77 28.01
CA THR B 96 -15.41 10.57 27.87
C THR B 96 -15.13 11.83 27.06
N GLN B 97 -16.03 12.13 26.13
CA GLN B 97 -16.07 13.42 25.47
C GLN B 97 -17.07 14.29 26.22
N ASP B 98 -16.57 15.33 26.92
CA ASP B 98 -17.41 16.06 27.85
C ASP B 98 -18.60 16.72 27.17
N ASP B 99 -18.47 17.11 25.90
CA ASP B 99 -19.60 17.73 25.23
C ASP B 99 -20.69 16.70 24.92
N ALA B 100 -20.32 15.49 24.56
CA ALA B 100 -21.32 14.44 24.33
C ALA B 100 -22.01 14.05 25.62
N ALA B 101 -21.26 13.97 26.73
CA ALA B 101 -21.89 13.65 28.00
C ALA B 101 -22.87 14.74 28.42
N ALA B 102 -22.48 16.00 28.24
CA ALA B 102 -23.39 17.09 28.56
C ALA B 102 -24.65 17.04 27.70
N ALA B 103 -24.49 16.75 26.40
CA ALA B 103 -25.66 16.66 25.53
C ALA B 103 -26.59 15.54 25.96
N ILE B 104 -26.03 14.39 26.36
CA ILE B 104 -26.87 13.29 26.81
C ILE B 104 -27.63 13.68 28.07
N ALA B 105 -26.93 14.32 29.02
CA ALA B 105 -27.58 14.77 30.25
C ALA B 105 -28.66 15.80 29.94
N ALA B 106 -28.38 16.74 29.02
CA ALA B 106 -29.35 17.77 28.72
C ALA B 106 -30.61 17.19 28.10
N ALA B 107 -30.49 16.03 27.46
CA ALA B 107 -31.66 15.36 26.89
C ALA B 107 -32.29 14.39 27.87
N ASN B 108 -31.95 14.50 29.16
CA ASN B 108 -32.64 13.83 30.26
C ASN B 108 -32.36 12.34 30.33
N THR B 109 -31.10 11.96 30.12
CA THR B 109 -30.68 10.59 30.40
C THR B 109 -29.60 10.63 31.47
N PRO B 110 -29.75 9.90 32.57
CA PRO B 110 -28.71 9.90 33.60
C PRO B 110 -27.37 9.42 33.05
N VAL B 111 -26.33 10.21 33.27
CA VAL B 111 -24.99 9.84 32.83
C VAL B 111 -24.00 10.35 33.86
N PHE B 112 -23.02 9.53 34.18
CA PHE B 112 -22.03 9.84 35.21
C PHE B 112 -20.68 9.60 34.56
N ALA B 113 -20.10 10.65 33.98
CA ALA B 113 -18.93 10.48 33.12
C ALA B 113 -18.25 11.81 32.84
N TRP B 114 -16.93 11.84 32.97
CA TRP B 114 -16.18 13.00 32.52
C TRP B 114 -14.75 12.57 32.25
N LYS B 115 -14.08 13.34 31.41
CA LYS B 115 -12.69 13.06 31.08
C LYS B 115 -11.81 13.43 32.26
N GLY B 116 -10.94 12.51 32.67
CA GLY B 116 -10.02 12.77 33.77
C GLY B 116 -10.53 12.36 35.13
N GLU B 117 -11.40 11.35 35.21
CA GLU B 117 -11.79 10.79 36.49
C GLU B 117 -10.57 10.17 37.18
N THR B 118 -10.58 10.18 38.52
CA THR B 118 -9.69 9.32 39.26
C THR B 118 -10.29 7.92 39.33
N LEU B 119 -9.46 6.97 39.77
CA LEU B 119 -9.91 5.59 39.86
C LEU B 119 -11.07 5.43 40.84
N VAL B 120 -11.00 6.07 42.01
CA VAL B 120 -12.08 5.94 42.97
C VAL B 120 -13.34 6.58 42.43
N GLU B 121 -13.20 7.71 41.70
CA GLU B 121 -14.36 8.35 41.10
C GLU B 121 -14.98 7.47 40.02
N TYR B 122 -14.12 6.78 39.25
CA TYR B 122 -14.57 5.90 38.18
C TYR B 122 -15.50 4.82 38.71
N TRP B 123 -15.09 4.14 39.78
CA TRP B 123 -15.91 3.07 40.32
C TRP B 123 -17.19 3.60 40.97
N GLU B 124 -17.15 4.81 41.55
CA GLU B 124 -18.36 5.42 42.07
C GLU B 124 -19.36 5.70 40.93
N CYS B 125 -18.88 6.19 39.78
CA CYS B 125 -19.76 6.38 38.62
C CYS B 125 -20.37 5.06 38.16
N THR B 126 -19.59 3.97 38.18
CA THR B 126 -20.11 2.67 37.80
C THR B 126 -21.26 2.26 38.71
N TRP B 127 -21.08 2.43 40.02
CA TRP B 127 -22.16 2.17 40.98
C TRP B 127 -23.37 3.05 40.69
N LYS B 128 -23.15 4.35 40.45
CA LYS B 128 -24.29 5.22 40.16
C LYS B 128 -25.05 4.74 38.93
N ALA B 129 -24.35 4.24 37.92
CA ALA B 129 -25.04 3.79 36.72
C ALA B 129 -25.80 2.50 36.97
N ILE B 130 -25.33 1.68 37.92
CA ILE B 130 -25.99 0.42 38.25
C ILE B 130 -27.25 0.66 39.08
N ARG B 131 -27.21 1.58 40.03
CA ARG B 131 -28.27 1.66 41.02
C ARG B 131 -29.43 2.49 40.46
N PHE B 132 -30.55 1.83 40.14
CA PHE B 132 -31.72 2.54 39.66
C PHE B 132 -32.57 3.08 40.81
N GLY B 133 -32.43 2.51 41.99
CA GLY B 133 -33.21 2.95 43.13
C GLY B 133 -32.92 2.03 44.29
N PRO B 134 -33.62 2.23 45.43
CA PRO B 134 -33.48 1.31 46.56
C PRO B 134 -33.66 -0.13 46.14
N TYR B 135 -32.63 -0.96 46.31
CA TYR B 135 -32.70 -2.38 45.99
C TYR B 135 -33.18 -2.60 44.56
N GLN B 136 -32.72 -1.76 43.63
CA GLN B 136 -33.10 -1.90 42.25
C GLN B 136 -31.89 -1.64 41.36
N GLY B 137 -31.66 -2.58 40.42
CA GLY B 137 -30.58 -2.46 39.48
C GLY B 137 -31.05 -2.61 38.05
N PRO B 138 -30.11 -2.86 37.14
CA PRO B 138 -30.47 -2.99 35.72
C PRO B 138 -31.12 -4.34 35.42
N GLN B 139 -31.90 -4.34 34.34
CA GLN B 139 -32.39 -5.58 33.74
C GLN B 139 -31.51 -6.04 32.59
N LEU B 140 -30.83 -5.10 31.94
CA LEU B 140 -29.89 -5.37 30.88
C LEU B 140 -28.67 -4.49 31.12
N ILE B 141 -27.50 -5.02 30.77
CA ILE B 141 -26.23 -4.30 30.91
C ILE B 141 -25.57 -4.23 29.53
N VAL B 142 -25.13 -3.04 29.15
CA VAL B 142 -24.21 -2.85 28.03
C VAL B 142 -22.85 -2.61 28.65
N ASP B 143 -21.90 -3.49 28.38
CA ASP B 143 -20.61 -3.41 29.10
C ASP B 143 -19.47 -3.41 28.09
N ASP B 144 -18.37 -2.83 28.51
CA ASP B 144 -17.17 -2.74 27.66
C ASP B 144 -15.98 -2.93 28.58
N GLY B 145 -15.39 -4.12 28.54
CA GLY B 145 -14.29 -4.47 29.41
C GLY B 145 -14.69 -5.17 30.69
N GLY B 146 -15.97 -5.19 31.02
CA GLY B 146 -16.48 -6.03 32.09
C GLY B 146 -16.48 -5.44 33.49
N ASP B 147 -16.14 -4.17 33.65
CA ASP B 147 -16.02 -3.61 35.01
C ASP B 147 -17.36 -3.57 35.73
N ALA B 148 -18.42 -3.14 35.05
CA ALA B 148 -19.73 -3.12 35.68
C ALA B 148 -20.19 -4.53 36.02
N THR B 149 -19.99 -5.48 35.10
CA THR B 149 -20.29 -6.88 35.36
C THR B 149 -19.49 -7.40 36.54
N LEU B 150 -18.22 -7.02 36.63
CA LEU B 150 -17.38 -7.47 37.72
C LEU B 150 -17.91 -6.95 39.06
N LEU B 151 -18.31 -5.68 39.10
CA LEU B 151 -18.77 -5.13 40.38
C LEU B 151 -20.00 -5.87 40.87
N ILE B 152 -20.93 -6.19 39.98
CA ILE B 152 -22.13 -6.91 40.37
C ILE B 152 -21.80 -8.32 40.83
N HIS B 153 -20.95 -9.05 40.08
CA HIS B 153 -20.60 -10.40 40.48
C HIS B 153 -19.84 -10.40 41.80
N ARG B 154 -18.89 -9.48 41.95
CA ARG B 154 -18.11 -9.45 43.19
C ARG B 154 -18.98 -9.07 44.38
N GLY B 155 -19.96 -8.18 44.17
CA GLY B 155 -20.87 -7.84 45.24
C GLY B 155 -21.70 -9.02 45.67
N PHE B 156 -22.20 -9.79 44.70
CA PHE B 156 -22.91 -11.03 45.01
C PHE B 156 -22.01 -12.00 45.77
N GLN B 157 -20.80 -12.21 45.27
CA GLN B 157 -19.86 -13.12 45.93
C GLN B 157 -19.56 -12.67 47.35
N ALA B 158 -19.47 -11.35 47.56
CA ALA B 158 -19.18 -10.84 48.89
C ALA B 158 -20.29 -11.13 49.88
N GLU B 159 -21.53 -11.29 49.40
CA GLU B 159 -22.59 -11.70 50.32
C GLU B 159 -22.41 -13.14 50.76
N LYS B 160 -21.95 -14.02 49.87
CA LYS B 160 -21.71 -15.40 50.29
C LYS B 160 -20.47 -15.51 51.16
N GLU B 161 -19.47 -14.65 50.92
CA GLU B 161 -18.19 -14.73 51.60
C GLU B 161 -17.69 -13.33 51.86
N PRO B 162 -18.16 -12.68 52.92
CA PRO B 162 -17.80 -11.27 53.17
C PRO B 162 -16.32 -11.05 53.34
N SER B 163 -15.53 -12.08 53.67
CA SER B 163 -14.12 -11.87 53.95
C SER B 163 -13.35 -11.48 52.69
N ILE B 164 -13.94 -11.67 51.50
CA ILE B 164 -13.20 -11.25 50.31
C ILE B 164 -13.07 -9.73 50.26
N LEU B 165 -13.94 -8.99 50.93
CA LEU B 165 -13.82 -7.54 50.92
C LEU B 165 -12.67 -7.03 51.78
N ASP B 166 -11.98 -7.91 52.50
CA ASP B 166 -10.83 -7.52 53.29
C ASP B 166 -9.51 -7.90 52.64
N GLU B 167 -9.54 -8.52 51.46
CA GLU B 167 -8.35 -9.02 50.80
C GLU B 167 -8.24 -8.32 49.44
N ASP B 168 -7.22 -7.48 49.28
CA ASP B 168 -6.98 -6.84 47.99
C ASP B 168 -5.65 -7.24 47.34
N GLY B 169 -4.82 -8.02 48.03
CA GLY B 169 -3.57 -8.46 47.45
C GLY B 169 -2.58 -7.35 47.18
N GLY B 170 -2.69 -6.23 47.89
CA GLY B 170 -1.85 -5.08 47.59
C GLY B 170 -2.21 -4.32 46.33
N VAL B 171 -3.34 -4.60 45.70
CA VAL B 171 -3.73 -3.95 44.44
C VAL B 171 -4.69 -2.82 44.74
N GLU B 172 -4.27 -1.58 44.47
CA GLU B 172 -5.04 -0.41 44.86
C GLU B 172 -6.46 -0.43 44.29
N GLU B 173 -6.60 -0.84 43.03
CA GLU B 173 -7.93 -0.83 42.44
C GLU B 173 -8.85 -1.83 43.09
N LEU B 174 -8.31 -2.97 43.56
CA LEU B 174 -9.17 -3.92 44.24
C LEU B 174 -9.54 -3.44 45.64
N ARG B 175 -8.62 -2.75 46.31
CA ARG B 175 -8.97 -2.06 47.55
C ARG B 175 -10.11 -1.08 47.32
N ILE B 176 -10.03 -0.28 46.25
CA ILE B 176 -11.08 0.68 45.96
C ILE B 176 -12.41 -0.04 45.76
N VAL B 177 -12.39 -1.13 44.98
CA VAL B 177 -13.62 -1.88 44.70
C VAL B 177 -14.17 -2.51 45.98
N ASN B 178 -13.30 -3.13 46.78
CA ASN B 178 -13.72 -3.68 48.07
C ASN B 178 -14.37 -2.61 48.95
N ASN B 179 -13.73 -1.44 49.07
CA ASN B 179 -14.27 -0.39 49.92
CA ASN B 179 -14.26 -0.37 49.91
C ASN B 179 -15.66 0.05 49.43
N LEU B 180 -15.83 0.16 48.11
CA LEU B 180 -17.13 0.51 47.54
C LEU B 180 -18.18 -0.56 47.90
N LEU B 181 -17.84 -1.83 47.69
CA LEU B 181 -18.78 -2.90 47.98
C LEU B 181 -19.14 -2.97 49.46
N LYS B 182 -18.16 -2.73 50.34
CA LYS B 182 -18.45 -2.70 51.78
C LYS B 182 -19.44 -1.59 52.09
N ARG B 183 -19.23 -0.41 51.51
CA ARG B 183 -20.13 0.71 51.73
CA ARG B 183 -20.12 0.71 51.72
C ARG B 183 -21.52 0.40 51.19
N ILE B 184 -21.61 -0.22 50.01
CA ILE B 184 -22.91 -0.53 49.42
C ILE B 184 -23.69 -1.48 50.32
N LEU B 185 -23.04 -2.55 50.76
CA LEU B 185 -23.72 -3.57 51.54
C LEU B 185 -24.01 -3.13 52.96
N LYS B 186 -23.26 -2.15 53.48
CA LYS B 186 -23.63 -1.56 54.77
C LYS B 186 -24.92 -0.74 54.64
N GLU B 187 -25.01 0.09 53.61
CA GLU B 187 -26.19 0.94 53.43
C GLU B 187 -27.39 0.14 52.96
N GLU B 188 -27.19 -0.89 52.14
CA GLU B 188 -28.28 -1.73 51.61
C GLU B 188 -27.88 -3.18 51.73
N PRO B 189 -28.01 -3.76 52.93
CA PRO B 189 -27.65 -5.17 53.14
C PRO B 189 -28.39 -6.06 52.15
N GLY B 190 -27.63 -6.99 51.56
CA GLY B 190 -28.19 -7.92 50.60
C GLY B 190 -28.56 -7.33 49.26
N PHE B 191 -28.03 -6.13 48.92
CA PHE B 191 -28.38 -5.48 47.66
C PHE B 191 -28.20 -6.41 46.47
N PHE B 192 -27.09 -7.13 46.42
CA PHE B 192 -26.78 -7.86 45.19
C PHE B 192 -27.58 -9.15 45.07
N SER B 193 -27.82 -9.87 46.17
CA SER B 193 -28.71 -11.02 46.13
CA SER B 193 -28.69 -11.03 46.07
C SER B 193 -30.11 -10.61 45.68
N LYS B 194 -30.52 -9.38 46.02
CA LYS B 194 -31.83 -8.88 45.61
C LYS B 194 -31.88 -8.53 44.13
N ILE B 195 -30.86 -7.82 43.60
CA ILE B 195 -31.00 -7.29 42.24
C ILE B 195 -30.54 -8.27 41.16
N VAL B 196 -29.61 -9.18 41.47
CA VAL B 196 -29.07 -10.07 40.43
C VAL B 196 -30.15 -10.87 39.72
N PRO B 197 -31.13 -11.47 40.41
CA PRO B 197 -32.15 -12.23 39.66
C PRO B 197 -32.94 -11.41 38.65
N ASP B 198 -32.93 -10.09 38.75
CA ASP B 198 -33.64 -9.25 37.79
C ASP B 198 -32.82 -8.99 36.52
N ILE B 199 -31.55 -9.37 36.50
CA ILE B 199 -30.70 -9.09 35.35
C ILE B 199 -30.96 -10.16 34.30
N LYS B 200 -31.41 -9.75 33.13
CA LYS B 200 -31.65 -10.71 32.05
C LYS B 200 -30.41 -10.98 31.21
N GLY B 201 -29.42 -10.10 31.23
CA GLY B 201 -28.20 -10.37 30.49
C GLY B 201 -27.33 -9.14 30.34
N VAL B 202 -26.11 -9.39 29.86
CA VAL B 202 -25.13 -8.35 29.55
C VAL B 202 -24.66 -8.56 28.11
N SER B 203 -24.45 -7.47 27.38
CA SER B 203 -23.83 -7.54 26.06
C SER B 203 -22.48 -6.85 26.14
N GLU B 204 -21.41 -7.62 25.89
CA GLU B 204 -20.04 -7.20 26.16
C GLU B 204 -19.33 -6.84 24.87
N GLU B 205 -18.73 -5.65 24.86
CA GLU B 205 -18.19 -5.00 23.67
C GLU B 205 -16.83 -5.56 23.23
N THR B 206 -15.94 -5.92 24.15
CA THR B 206 -14.54 -6.01 23.77
C THR B 206 -13.88 -7.31 24.23
N THR B 207 -12.78 -7.63 23.55
CA THR B 207 -12.03 -8.88 23.73
C THR B 207 -11.69 -9.14 25.20
N THR B 208 -11.20 -8.13 25.90
CA THR B 208 -10.83 -8.34 27.30
C THR B 208 -12.05 -8.66 28.16
N GLY B 209 -13.17 -7.96 27.91
CA GLY B 209 -14.36 -8.23 28.70
C GLY B 209 -14.93 -9.61 28.40
N VAL B 210 -14.82 -10.05 27.16
CA VAL B 210 -15.27 -11.40 26.80
C VAL B 210 -14.42 -12.45 27.49
N HIS B 211 -13.11 -12.23 27.57
CA HIS B 211 -12.27 -13.19 28.29
C HIS B 211 -12.66 -13.27 29.76
N ARG B 212 -13.06 -12.15 30.37
CA ARG B 212 -13.56 -12.20 31.74
C ARG B 212 -14.84 -13.03 31.85
N LEU B 213 -15.72 -12.94 30.85
CA LEU B 213 -16.95 -13.74 30.88
C LEU B 213 -16.65 -15.24 30.83
N TYR B 214 -15.77 -15.66 29.92
CA TYR B 214 -15.44 -17.08 29.84
C TYR B 214 -14.73 -17.56 31.09
N ALA B 215 -13.97 -16.69 31.76
CA ALA B 215 -13.34 -17.08 33.02
C ALA B 215 -14.38 -17.28 34.13
N MET B 216 -15.42 -16.43 34.15
CA MET B 216 -16.50 -16.66 35.11
C MET B 216 -17.27 -17.93 34.76
N GLN B 217 -17.43 -18.21 33.47
CA GLN B 217 -18.08 -19.45 33.09
C GLN B 217 -17.28 -20.65 33.56
N LYS B 218 -15.94 -20.58 33.44
CA LYS B 218 -15.10 -21.69 33.88
C LYS B 218 -15.12 -21.86 35.41
N GLN B 219 -15.23 -20.77 36.16
CA GLN B 219 -15.26 -20.83 37.60
C GLN B 219 -16.66 -21.12 38.15
N GLY B 220 -17.68 -21.20 37.31
CA GLY B 220 -19.01 -21.45 37.83
C GLY B 220 -19.65 -20.25 38.49
N THR B 221 -19.12 -19.06 38.26
CA THR B 221 -19.61 -17.86 38.92
C THR B 221 -20.45 -16.97 38.01
N LEU B 222 -20.59 -17.27 36.74
CA LEU B 222 -21.41 -16.43 35.87
C LEU B 222 -22.86 -16.48 36.33
N LEU B 223 -23.45 -15.29 36.54
CA LEU B 223 -24.78 -15.21 37.15
C LEU B 223 -25.92 -14.97 36.16
N PHE B 224 -25.65 -14.65 34.90
CA PHE B 224 -26.71 -14.36 33.94
C PHE B 224 -26.16 -14.50 32.54
N PRO B 225 -27.03 -14.58 31.53
CA PRO B 225 -26.56 -14.77 30.15
C PRO B 225 -25.76 -13.59 29.65
N ALA B 226 -24.87 -13.86 28.70
CA ALA B 226 -24.07 -12.80 28.09
C ALA B 226 -23.97 -13.01 26.59
N ILE B 227 -24.03 -11.92 25.84
CA ILE B 227 -23.77 -11.95 24.41
CA ILE B 227 -23.77 -11.93 24.41
C ILE B 227 -22.39 -11.36 24.18
N ASN B 228 -21.53 -12.16 23.56
CA ASN B 228 -20.20 -11.75 23.11
C ASN B 228 -20.40 -10.95 21.82
N VAL B 229 -20.51 -9.62 21.97
CA VAL B 229 -20.67 -8.75 20.80
C VAL B 229 -19.34 -8.60 20.07
N ASN B 230 -18.23 -8.60 20.81
CA ASN B 230 -16.93 -8.45 20.18
C ASN B 230 -16.76 -9.40 18.99
N ASP B 231 -17.24 -10.64 19.12
CA ASP B 231 -16.95 -11.65 18.12
C ASP B 231 -18.06 -11.80 17.08
N SER B 232 -19.01 -10.88 17.01
CA SER B 232 -19.66 -10.67 15.72
C SER B 232 -18.57 -10.38 14.71
N VAL B 233 -18.71 -10.92 13.50
CA VAL B 233 -17.72 -10.63 12.48
C VAL B 233 -17.72 -9.13 12.19
N THR B 234 -18.91 -8.52 12.17
CA THR B 234 -19.06 -7.10 11.86
C THR B 234 -18.68 -6.23 13.05
N LYS B 235 -18.16 -6.83 14.11
CA LYS B 235 -17.51 -6.09 15.18
C LYS B 235 -16.01 -6.34 15.10
N SER B 236 -15.56 -7.53 15.51
CA SER B 236 -14.13 -7.84 15.62
C SER B 236 -13.33 -7.54 14.34
N LYS B 237 -13.93 -7.76 13.17
CA LYS B 237 -13.16 -7.61 11.94
C LYS B 237 -13.37 -6.25 11.29
N PHE B 238 -13.98 -5.31 12.00
CA PHE B 238 -14.19 -3.97 11.44
C PHE B 238 -13.73 -2.92 12.46
N ASP B 239 -14.50 -2.76 13.53
CA ASP B 239 -14.12 -1.90 14.65
C ASP B 239 -12.67 -2.14 15.07
N ASN B 240 -12.35 -3.38 15.47
CA ASN B 240 -11.04 -3.64 16.05
C ASN B 240 -9.90 -3.32 15.07
N ILE B 241 -10.11 -3.56 13.78
CA ILE B 241 -9.08 -3.36 12.77
C ILE B 241 -9.15 -1.95 12.20
N TYR B 242 -10.24 -1.64 11.47
CA TYR B 242 -10.32 -0.37 10.75
C TYR B 242 -10.61 0.80 11.67
N GLY B 243 -11.28 0.57 12.80
CA GLY B 243 -11.38 1.62 13.79
C GLY B 243 -10.03 2.08 14.26
N CYS B 244 -9.16 1.13 14.62
CA CYS B 244 -7.82 1.48 15.10
C CYS B 244 -6.98 2.07 13.98
N ARG B 245 -7.14 1.58 12.74
CA ARG B 245 -6.42 2.18 11.61
C ARG B 245 -6.68 3.68 11.55
N HIS B 246 -7.89 4.10 11.91
CA HIS B 246 -8.23 5.51 11.96
C HIS B 246 -7.73 6.16 13.25
N SER B 247 -8.10 5.60 14.39
CA SER B 247 -8.00 6.35 15.64
C SER B 247 -6.63 6.22 16.32
N LEU B 248 -5.81 5.23 15.98
CA LEU B 248 -4.45 5.25 16.50
C LEU B 248 -3.71 6.48 15.98
N LEU B 249 -3.82 6.73 14.68
CA LEU B 249 -3.14 7.90 14.11
C LEU B 249 -3.67 9.18 14.72
N ASP B 250 -4.99 9.24 14.91
CA ASP B 250 -5.59 10.43 15.50
C ASP B 250 -5.02 10.67 16.90
N GLY B 251 -4.96 9.62 17.71
CA GLY B 251 -4.42 9.77 19.07
C GLY B 251 -3.00 10.25 19.07
N LEU B 252 -2.14 9.66 18.23
CA LEU B 252 -0.74 10.09 18.17
C LEU B 252 -0.61 11.53 17.66
N ASN B 253 -1.42 11.90 16.66
CA ASN B 253 -1.39 13.27 16.14
C ASN B 253 -1.73 14.28 17.21
N ARG B 254 -2.90 14.12 17.84
CA ARG B 254 -3.34 15.15 18.77
C ARG B 254 -2.41 15.23 19.97
N ALA B 255 -1.88 14.09 20.41
CA ALA B 255 -0.98 14.08 21.57
C ALA B 255 0.38 14.66 21.23
N THR B 256 0.99 14.23 20.12
CA THR B 256 2.40 14.51 19.87
C THR B 256 2.69 15.23 18.55
N ASP B 257 1.77 15.22 17.58
CA ASP B 257 2.04 15.78 16.24
C ASP B 257 3.28 15.16 15.59
N VAL B 258 3.69 13.97 16.03
CA VAL B 258 4.94 13.38 15.57
C VAL B 258 4.77 12.87 14.14
N MET B 259 5.76 13.13 13.30
CA MET B 259 5.75 12.55 11.96
C MET B 259 6.11 11.08 12.04
N LEU B 260 5.30 10.23 11.42
CA LEU B 260 5.58 8.80 11.46
C LEU B 260 6.52 8.34 10.36
N ALA B 261 6.60 9.08 9.24
CA ALA B 261 7.41 8.65 8.11
C ALA B 261 8.86 8.44 8.53
N GLY B 262 9.41 7.29 8.16
CA GLY B 262 10.79 6.98 8.44
C GLY B 262 11.06 6.53 9.85
N LYS B 263 10.09 6.60 10.75
CA LYS B 263 10.29 6.18 12.13
CA LYS B 263 10.29 6.19 12.12
C LYS B 263 10.04 4.69 12.29
N GLU B 264 10.74 4.11 13.24
CA GLU B 264 10.61 2.69 13.53
C GLU B 264 9.58 2.54 14.65
N CYS B 265 8.45 1.93 14.32
CA CYS B 265 7.30 1.82 15.21
C CYS B 265 7.06 0.35 15.52
N VAL B 266 6.92 0.03 16.80
CA VAL B 266 6.79 -1.34 17.28
C VAL B 266 5.35 -1.57 17.71
N ILE B 267 4.66 -2.49 17.04
CA ILE B 267 3.29 -2.88 17.39
CA ILE B 267 3.29 -2.87 17.40
C ILE B 267 3.36 -4.19 18.16
N CYS B 268 2.99 -4.17 19.42
CA CYS B 268 3.03 -5.37 20.25
C CYS B 268 1.67 -6.03 20.18
N GLY B 269 1.62 -7.20 19.55
CA GLY B 269 0.38 -7.90 19.35
C GLY B 269 -0.06 -7.73 17.91
N PHE B 270 -0.46 -8.82 17.27
CA PHE B 270 -0.93 -8.77 15.89
C PHE B 270 -2.25 -9.52 15.77
N GLY B 271 -3.14 -9.31 16.75
CA GLY B 271 -4.53 -9.69 16.59
C GLY B 271 -5.22 -8.63 15.76
N ASP B 272 -6.53 -8.50 15.96
CA ASP B 272 -7.29 -7.56 15.13
C ASP B 272 -6.86 -6.11 15.39
N VAL B 273 -6.64 -5.74 16.65
CA VAL B 273 -6.16 -4.39 16.96
C VAL B 273 -4.78 -4.15 16.34
N GLY B 274 -3.85 -5.06 16.60
CA GLY B 274 -2.50 -4.85 16.12
C GLY B 274 -2.42 -4.79 14.61
N LYS B 275 -3.25 -5.58 13.92
CA LYS B 275 -3.30 -5.54 12.47
C LYS B 275 -3.71 -4.16 11.97
N GLY B 276 -4.76 -3.59 12.58
CA GLY B 276 -5.18 -2.26 12.17
C GLY B 276 -4.14 -1.20 12.47
N CYS B 277 -3.49 -1.31 13.62
CA CYS B 277 -2.45 -0.36 13.99
C CYS B 277 -1.28 -0.41 13.02
N ALA B 278 -0.81 -1.62 12.71
CA ALA B 278 0.35 -1.74 11.85
C ALA B 278 0.06 -1.20 10.46
N GLU B 279 -1.16 -1.41 9.97
CA GLU B 279 -1.50 -0.89 8.66
C GLU B 279 -1.54 0.64 8.66
N ALA B 280 -2.09 1.25 9.72
CA ALA B 280 -2.12 2.70 9.81
C ALA B 280 -0.72 3.29 9.79
N LEU B 281 0.17 2.73 10.62
CA LEU B 281 1.54 3.23 10.70
C LEU B 281 2.25 3.08 9.37
N LYS B 282 2.08 1.92 8.72
CA LYS B 282 2.72 1.68 7.44
C LYS B 282 2.25 2.67 6.38
N GLY B 283 0.95 2.97 6.36
CA GLY B 283 0.44 3.88 5.34
C GLY B 283 0.97 5.29 5.49
N GLN B 284 1.47 5.62 6.68
CA GLN B 284 2.07 6.92 6.92
C GLN B 284 3.59 6.92 6.75
N GLY B 285 4.17 5.84 6.23
CA GLY B 285 5.58 5.79 5.94
C GLY B 285 6.46 5.23 7.04
N ALA B 286 5.87 4.71 8.11
CA ALA B 286 6.68 4.17 9.21
C ALA B 286 7.27 2.82 8.82
N ARG B 287 8.39 2.50 9.44
CA ARG B 287 8.98 1.16 9.39
C ARG B 287 8.39 0.38 10.55
N VAL B 288 7.57 -0.62 10.25
CA VAL B 288 6.74 -1.26 11.27
C VAL B 288 7.34 -2.58 11.72
N ILE B 289 7.52 -2.72 13.04
CA ILE B 289 7.95 -3.96 13.67
CA ILE B 289 7.95 -3.95 13.67
C ILE B 289 6.78 -4.50 14.48
N VAL B 290 6.58 -5.81 14.42
CA VAL B 290 5.52 -6.50 15.15
C VAL B 290 6.15 -7.45 16.15
N THR B 291 5.61 -7.50 17.36
CA THR B 291 5.94 -8.57 18.29
C THR B 291 4.72 -9.47 18.47
N GLU B 292 4.98 -10.75 18.69
CA GLU B 292 3.89 -11.71 18.85
C GLU B 292 4.38 -12.89 19.67
N ILE B 293 3.46 -13.51 20.39
CA ILE B 293 3.69 -14.80 21.03
C ILE B 293 3.05 -15.94 20.24
N ASP B 294 2.11 -15.65 19.35
CA ASP B 294 1.40 -16.66 18.59
C ASP B 294 2.06 -16.84 17.24
N PRO B 295 2.62 -18.00 16.91
CA PRO B 295 3.33 -18.13 15.63
C PRO B 295 2.44 -17.95 14.42
N ILE B 296 1.14 -18.19 14.54
CA ILE B 296 0.26 -17.97 13.39
C ILE B 296 0.10 -16.48 13.12
N ASN B 297 -0.25 -15.71 14.15
CA ASN B 297 -0.32 -14.25 13.99
C ASN B 297 1.03 -13.70 13.53
N ALA B 298 2.12 -14.22 14.09
CA ALA B 298 3.45 -13.79 13.67
C ALA B 298 3.65 -14.04 12.18
N LEU B 299 3.28 -15.22 11.71
CA LEU B 299 3.48 -15.53 10.29
C LEU B 299 2.63 -14.62 9.42
N GLN B 300 1.42 -14.29 9.88
CA GLN B 300 0.61 -13.30 9.18
C GLN B 300 1.33 -11.97 9.05
N ALA B 301 1.99 -11.51 10.12
CA ALA B 301 2.70 -10.23 10.04
C ALA B 301 3.85 -10.31 9.04
N CYS B 302 4.53 -11.46 9.00
CA CYS B 302 5.60 -11.65 8.00
C CYS B 302 5.07 -11.52 6.58
N MET B 303 3.95 -12.17 6.28
CA MET B 303 3.40 -12.13 4.91
C MET B 303 2.97 -10.73 4.51
N ALA B 304 2.61 -9.90 5.49
CA ALA B 304 2.24 -8.53 5.18
C ALA B 304 3.47 -7.63 5.06
N GLY B 305 4.67 -8.18 5.16
CA GLY B 305 5.86 -7.37 4.97
C GLY B 305 6.41 -6.71 6.20
N TYR B 306 5.91 -7.06 7.40
CA TYR B 306 6.44 -6.50 8.62
C TYR B 306 7.61 -7.32 9.13
N THR B 307 8.46 -6.67 9.92
CA THR B 307 9.54 -7.36 10.60
C THR B 307 9.01 -7.82 11.96
N VAL B 308 9.25 -9.08 12.31
CA VAL B 308 8.77 -9.65 13.58
C VAL B 308 9.97 -9.87 14.49
N LYS B 309 9.98 -9.16 15.62
CA LYS B 309 11.10 -9.15 16.56
C LYS B 309 10.54 -9.14 17.99
N THR B 310 11.42 -9.32 18.97
CA THR B 310 11.02 -9.10 20.34
C THR B 310 11.24 -7.63 20.72
N VAL B 311 10.53 -7.18 21.75
CA VAL B 311 10.73 -5.81 22.23
C VAL B 311 12.20 -5.57 22.52
N GLU B 312 12.87 -6.56 23.13
CA GLU B 312 14.26 -6.38 23.52
C GLU B 312 15.14 -6.07 22.32
N ASP B 313 14.85 -6.68 21.17
CA ASP B 313 15.75 -6.38 20.07
CA ASP B 313 15.58 -6.47 19.92
C ASP B 313 15.41 -5.07 19.37
N CYS B 314 14.37 -4.34 19.82
CA CYS B 314 14.01 -3.05 19.25
C CYS B 314 14.50 -1.85 20.06
N LEU B 315 14.90 -2.07 21.32
CA LEU B 315 15.14 -0.96 22.23
C LEU B 315 16.19 0.01 21.69
N ALA B 316 17.20 -0.49 20.98
CA ALA B 316 18.26 0.40 20.54
C ALA B 316 17.83 1.33 19.42
N THR B 317 16.83 0.95 18.62
CA THR B 317 16.52 1.70 17.41
C THR B 317 15.09 2.24 17.31
N ALA B 318 14.15 1.74 18.11
CA ALA B 318 12.73 2.05 17.89
C ALA B 318 12.36 3.44 18.41
N ASP B 319 11.44 4.09 17.70
CA ASP B 319 11.02 5.44 18.05
C ASP B 319 9.68 5.51 18.77
N ILE B 320 8.80 4.56 18.50
CA ILE B 320 7.44 4.56 19.01
C ILE B 320 7.04 3.12 19.32
N TYR B 321 6.35 2.94 20.45
CA TYR B 321 5.86 1.65 20.90
C TYR B 321 4.37 1.75 21.13
N VAL B 322 3.63 0.78 20.60
CA VAL B 322 2.18 0.70 20.72
C VAL B 322 1.84 -0.71 21.21
N THR B 323 1.27 -0.81 22.40
CA THR B 323 0.89 -2.11 22.93
C THR B 323 -0.56 -2.42 22.56
N ALA B 324 -0.79 -3.62 22.01
CA ALA B 324 -2.10 -3.98 21.50
C ALA B 324 -2.40 -5.44 21.82
N THR B 325 -2.06 -5.88 23.02
CA THR B 325 -2.05 -7.31 23.34
C THR B 325 -3.25 -7.75 24.17
N GLY B 326 -3.82 -6.89 24.99
CA GLY B 326 -4.74 -7.34 26.03
C GLY B 326 -4.06 -8.13 27.13
N ASN B 327 -2.74 -8.14 27.17
CA ASN B 327 -1.92 -8.83 28.14
C ASN B 327 -1.24 -7.78 29.01
N LYS B 328 -0.52 -8.22 30.03
CA LYS B 328 0.18 -7.29 30.90
C LYS B 328 1.69 -7.39 30.73
N ASP B 329 2.38 -6.37 31.22
CA ASP B 329 3.85 -6.35 31.32
C ASP B 329 4.51 -6.50 29.95
N ILE B 330 3.99 -5.77 28.97
CA ILE B 330 4.54 -5.80 27.62
C ILE B 330 5.76 -4.89 27.53
N ILE B 331 5.66 -3.69 28.09
CA ILE B 331 6.73 -2.70 28.10
C ILE B 331 7.12 -2.50 29.56
N THR B 332 8.28 -3.03 29.95
CA THR B 332 8.72 -3.03 31.34
C THR B 332 9.60 -1.83 31.63
N LEU B 333 9.82 -1.58 32.93
CA LEU B 333 10.73 -0.50 33.31
C LEU B 333 12.13 -0.78 32.77
N ASP B 334 12.57 -2.04 32.81
CA ASP B 334 13.86 -2.40 32.23
C ASP B 334 13.92 -2.06 30.74
N HIS B 335 12.82 -2.29 30.01
CA HIS B 335 12.78 -1.84 28.62
C HIS B 335 12.96 -0.34 28.54
N MET B 336 12.16 0.41 29.30
CA MET B 336 12.15 1.86 29.17
C MET B 336 13.49 2.45 29.58
N LYS B 337 14.21 1.78 30.50
CA LYS B 337 15.57 2.22 30.85
C LYS B 337 16.51 2.23 29.65
N LYS B 338 16.28 1.37 28.66
CA LYS B 338 17.20 1.19 27.55
C LYS B 338 16.68 1.79 26.25
N MET B 339 15.61 2.57 26.29
CA MET B 339 15.03 3.08 25.06
C MET B 339 15.75 4.34 24.57
N LYS B 340 15.59 4.63 23.28
CA LYS B 340 16.09 5.87 22.73
CA LYS B 340 16.10 5.87 22.73
C LYS B 340 15.43 7.06 23.40
N ASP B 341 16.19 8.15 23.50
CA ASP B 341 15.66 9.38 24.07
C ASP B 341 14.42 9.84 23.30
N MET B 342 13.37 10.18 24.06
CA MET B 342 12.07 10.67 23.58
C MET B 342 11.25 9.61 22.86
N ALA B 343 11.56 8.32 23.05
CA ALA B 343 10.69 7.27 22.54
C ALA B 343 9.28 7.47 23.07
N ILE B 344 8.28 7.32 22.20
CA ILE B 344 6.88 7.49 22.56
C ILE B 344 6.31 6.12 22.88
N ILE B 345 5.59 6.02 24.00
CA ILE B 345 5.01 4.76 24.46
C ILE B 345 3.52 4.96 24.67
N CYS B 346 2.71 4.10 24.08
CA CYS B 346 1.28 4.22 24.27
C CYS B 346 0.65 2.84 24.22
N ASN B 347 -0.59 2.77 24.72
CA ASN B 347 -1.32 1.53 24.85
C ASN B 347 -2.65 1.71 24.14
N ILE B 348 -3.00 0.78 23.27
CA ILE B 348 -4.32 0.78 22.65
C ILE B 348 -5.07 -0.51 22.97
N GLY B 349 -4.52 -1.34 23.84
CA GLY B 349 -5.14 -2.58 24.25
C GLY B 349 -6.11 -2.42 25.40
N HIS B 350 -5.63 -2.46 26.64
CA HIS B 350 -6.56 -2.55 27.75
C HIS B 350 -5.91 -2.01 29.01
N PHE B 351 -6.76 -1.51 29.89
CA PHE B 351 -6.40 -1.11 31.24
CA PHE B 351 -6.36 -1.17 31.26
C PHE B 351 -5.13 -0.26 31.20
N ASP B 352 -4.24 -0.37 32.19
CA ASP B 352 -3.04 0.45 32.15
C ASP B 352 -1.81 -0.35 32.50
N ASN B 353 -1.85 -1.67 32.31
CA ASN B 353 -0.76 -2.54 32.75
C ASN B 353 -0.04 -3.23 31.59
N GLU B 354 -0.38 -2.91 30.34
CA GLU B 354 0.48 -3.36 29.25
C GLU B 354 1.84 -2.67 29.34
N ILE B 355 1.85 -1.43 29.80
CA ILE B 355 3.04 -0.65 30.09
C ILE B 355 3.16 -0.58 31.61
N ASP B 356 4.37 -0.71 32.14
CA ASP B 356 4.55 -0.67 33.60
C ASP B 356 4.59 0.78 34.08
N VAL B 357 3.41 1.43 34.03
CA VAL B 357 3.28 2.81 34.49
C VAL B 357 3.56 2.92 35.99
N LEU B 358 3.08 1.95 36.76
CA LEU B 358 3.34 1.94 38.20
C LEU B 358 4.84 1.98 38.49
N GLY B 359 5.61 1.13 37.80
CA GLY B 359 7.04 1.12 38.00
C GLY B 359 7.70 2.43 37.61
N LEU B 360 7.25 3.04 36.51
CA LEU B 360 7.73 4.36 36.13
C LEU B 360 7.52 5.37 37.25
N LYS B 361 6.31 5.41 37.81
CA LYS B 361 5.96 6.45 38.76
C LYS B 361 6.57 6.23 40.14
N THR B 362 7.07 5.03 40.44
CA THR B 362 7.65 4.76 41.75
C THR B 362 9.14 4.45 41.70
N CYS B 363 9.81 4.63 40.56
CA CYS B 363 11.25 4.43 40.50
C CYS B 363 11.95 5.71 40.95
N GLU B 364 12.82 5.59 41.96
CA GLU B 364 13.33 6.78 42.65
C GLU B 364 14.02 7.74 41.68
N GLY B 365 14.86 7.22 40.79
CA GLY B 365 15.59 8.10 39.90
C GLY B 365 14.72 8.85 38.89
N VAL B 366 13.51 8.38 38.62
CA VAL B 366 12.74 8.79 37.44
C VAL B 366 11.87 10.01 37.78
N LYS B 367 11.99 11.06 36.97
CA LYS B 367 11.28 12.32 37.18
C LYS B 367 10.17 12.46 36.14
N GLU B 368 8.93 12.65 36.62
CA GLU B 368 7.79 12.84 35.73
C GLU B 368 7.56 14.32 35.49
N ILE B 369 7.49 14.71 34.22
CA ILE B 369 7.34 16.11 33.82
C ILE B 369 6.18 16.17 32.82
N ASN B 370 5.13 16.90 33.18
CA ASN B 370 3.98 16.99 32.29
C ASN B 370 4.30 17.89 31.11
N ILE B 371 3.93 17.46 29.91
CA ILE B 371 4.11 18.28 28.73
C ILE B 371 2.82 19.00 28.38
N LYS B 372 1.74 18.25 28.30
CA LYS B 372 0.41 18.76 28.03
C LYS B 372 -0.56 17.68 28.47
N PRO B 373 -1.87 17.94 28.43
CA PRO B 373 -2.79 16.95 29.01
C PRO B 373 -2.63 15.59 28.36
N GLN B 374 -2.49 14.56 29.20
CA GLN B 374 -2.28 13.17 28.79
C GLN B 374 -0.97 12.94 28.06
N VAL B 375 0.00 13.85 28.19
CA VAL B 375 1.31 13.66 27.57
C VAL B 375 2.36 13.96 28.64
N ASP B 376 3.12 12.94 29.05
CA ASP B 376 4.02 13.07 30.18
C ASP B 376 5.41 12.58 29.82
N GLN B 377 6.43 13.38 30.14
CA GLN B 377 7.81 12.99 29.98
C GLN B 377 8.29 12.31 31.25
N PHE B 378 8.99 11.19 31.10
CA PHE B 378 9.65 10.55 32.23
C PHE B 378 11.15 10.60 31.99
N LEU B 379 11.86 11.36 32.81
CA LEU B 379 13.28 11.62 32.64
C LEU B 379 14.07 10.72 33.58
N PHE B 380 15.01 9.94 33.01
CA PHE B 380 15.81 8.99 33.79
C PHE B 380 17.11 9.62 34.25
N PRO B 381 17.76 9.03 35.26
CA PRO B 381 19.03 9.60 35.77
C PRO B 381 20.09 9.80 34.71
N ASP B 382 20.19 8.93 33.72
CA ASP B 382 21.23 9.07 32.71
C ASP B 382 20.92 10.12 31.66
N GLY B 383 19.80 10.85 31.79
CA GLY B 383 19.50 11.94 30.89
C GLY B 383 18.49 11.62 29.80
N HIS B 384 18.25 10.35 29.48
CA HIS B 384 17.27 10.07 28.42
C HIS B 384 15.86 10.07 29.00
N SER B 385 14.88 10.29 28.12
CA SER B 385 13.48 10.33 28.52
C SER B 385 12.66 9.40 27.64
N ILE B 386 11.51 8.99 28.15
CA ILE B 386 10.45 8.44 27.33
C ILE B 386 9.25 9.37 27.45
N ILE B 387 8.34 9.25 26.49
CA ILE B 387 7.09 10.03 26.48
C ILE B 387 5.96 9.03 26.62
N LEU B 388 5.16 9.17 27.67
CA LEU B 388 4.04 8.25 27.93
C LEU B 388 2.76 8.95 27.57
N LEU B 389 1.88 8.28 26.80
CA LEU B 389 0.60 8.87 26.41
C LEU B 389 -0.52 8.33 27.29
N ALA B 390 -1.38 9.26 27.76
CA ALA B 390 -2.62 8.93 28.48
C ALA B 390 -2.39 8.04 29.70
N GLN B 391 -1.26 8.24 30.39
CA GLN B 391 -0.94 7.42 31.57
C GLN B 391 -0.98 5.93 31.26
N GLY B 392 -0.71 5.57 30.01
CA GLY B 392 -0.72 4.16 29.65
C GLY B 392 -2.10 3.57 29.40
N ARG B 393 -3.13 4.39 29.31
CA ARG B 393 -4.47 3.94 28.98
C ARG B 393 -4.77 4.20 27.50
N LEU B 394 -5.89 3.65 27.01
CA LEU B 394 -6.25 3.69 25.60
C LEU B 394 -5.92 5.03 24.93
N VAL B 395 -4.95 5.01 24.02
CA VAL B 395 -4.46 6.25 23.42
C VAL B 395 -5.44 6.81 22.39
N ASN B 396 -6.15 5.95 21.67
CA ASN B 396 -7.10 6.45 20.66
C ASN B 396 -8.25 7.19 21.33
N LEU B 397 -8.74 6.68 22.46
CA LEU B 397 -9.84 7.31 23.17
C LEU B 397 -9.38 8.34 24.19
N GLY B 398 -8.16 8.18 24.73
CA GLY B 398 -7.69 9.12 25.74
C GLY B 398 -7.06 10.36 25.17
N CYS B 399 -6.41 10.26 24.00
CA CYS B 399 -5.77 11.42 23.39
C CYS B 399 -6.53 11.94 22.17
N ALA B 400 -7.49 11.18 21.65
CA ALA B 400 -8.33 11.72 20.59
C ALA B 400 -9.77 11.33 20.84
N THR B 401 -10.51 10.94 19.80
CA THR B 401 -11.95 10.78 19.94
C THR B 401 -12.41 9.35 19.72
N GLY B 402 -11.48 8.38 19.70
CA GLY B 402 -11.84 7.00 19.45
C GLY B 402 -12.16 6.72 17.99
N HIS B 403 -12.72 5.54 17.74
CA HIS B 403 -13.10 5.14 16.40
C HIS B 403 -14.13 6.12 15.83
N PRO B 404 -14.18 6.28 14.51
CA PRO B 404 -15.18 7.16 13.90
C PRO B 404 -16.55 6.51 13.86
N ALA B 405 -17.55 7.34 13.60
CA ALA B 405 -18.95 6.94 13.79
C ALA B 405 -19.35 5.79 12.87
N PHE B 406 -18.89 5.80 11.61
CA PHE B 406 -19.37 4.79 10.66
C PHE B 406 -19.03 3.39 11.14
N VAL B 407 -17.81 3.16 11.61
CA VAL B 407 -17.49 1.81 12.05
C VAL B 407 -18.12 1.52 13.42
N MET B 408 -18.28 2.52 14.29
CA MET B 408 -18.97 2.29 15.55
C MET B 408 -20.44 1.96 15.33
N SER B 409 -21.03 2.41 14.21
CA SER B 409 -22.38 2.02 13.86
C SER B 409 -22.51 0.52 13.71
N ALA B 410 -21.51 -0.12 13.10
CA ALA B 410 -21.53 -1.58 13.00
C ALA B 410 -21.46 -2.21 14.39
N SER B 411 -20.52 -1.75 15.22
CA SER B 411 -20.41 -2.31 16.57
C SER B 411 -21.67 -2.11 17.36
N PHE B 412 -22.26 -0.91 17.27
CA PHE B 412 -23.38 -0.58 18.14
C PHE B 412 -24.71 -1.09 17.59
N THR B 413 -24.80 -1.37 16.30
CA THR B 413 -25.96 -2.11 15.80
C THR B 413 -25.96 -3.51 16.38
N ASN B 414 -24.80 -4.16 16.43
CA ASN B 414 -24.66 -5.42 17.15
C ASN B 414 -25.11 -5.27 18.61
N GLN B 415 -24.67 -4.19 19.28
CA GLN B 415 -25.07 -3.98 20.66
C GLN B 415 -26.60 -3.88 20.79
N THR B 416 -27.22 -3.08 19.92
CA THR B 416 -28.67 -2.89 19.99
C THR B 416 -29.40 -4.20 19.80
N LEU B 417 -29.02 -4.96 18.76
CA LEU B 417 -29.67 -6.25 18.52
C LEU B 417 -29.43 -7.23 19.66
N ALA B 418 -28.26 -7.18 20.28
CA ALA B 418 -27.99 -8.06 21.42
C ALA B 418 -28.87 -7.70 22.61
N GLN B 419 -29.07 -6.40 22.86
CA GLN B 419 -29.97 -5.97 23.93
C GLN B 419 -31.40 -6.47 23.68
N ILE B 420 -31.91 -6.27 22.47
CA ILE B 420 -33.26 -6.76 22.15
C ILE B 420 -33.34 -8.27 22.35
N SER B 421 -32.34 -8.99 21.87
CA SER B 421 -32.38 -10.44 21.98
C SER B 421 -32.31 -10.91 23.42
N LEU B 422 -31.48 -10.27 24.25
CA LEU B 422 -31.40 -10.69 25.65
C LEU B 422 -32.73 -10.46 26.35
N TRP B 423 -33.44 -9.40 25.96
CA TRP B 423 -34.73 -9.13 26.57
C TRP B 423 -35.81 -10.07 26.03
N LYS B 424 -35.82 -10.31 24.72
CA LYS B 424 -36.92 -11.02 24.08
C LYS B 424 -36.74 -12.54 24.06
N ASP B 425 -35.52 -13.03 23.94
CA ASP B 425 -35.28 -14.45 23.77
C ASP B 425 -34.86 -15.07 25.11
N LYS B 426 -35.01 -16.38 25.20
CA LYS B 426 -34.69 -17.11 26.42
C LYS B 426 -33.31 -17.74 26.24
N TYR B 427 -32.39 -17.42 27.16
CA TYR B 427 -31.02 -17.92 27.11
C TYR B 427 -30.71 -18.72 28.37
N GLU B 428 -30.17 -19.92 28.22
CA GLU B 428 -29.49 -20.58 29.33
C GLU B 428 -28.31 -19.71 29.78
N ILE B 429 -27.93 -19.78 31.06
CA ILE B 429 -26.77 -19.00 31.49
C ILE B 429 -25.54 -19.49 30.72
N GLY B 430 -24.83 -18.56 30.11
CA GLY B 430 -23.73 -18.89 29.22
C GLY B 430 -23.36 -17.69 28.41
N VAL B 431 -22.38 -17.88 27.51
CA VAL B 431 -21.85 -16.81 26.67
C VAL B 431 -22.18 -17.15 25.21
N TYR B 432 -22.85 -16.23 24.52
CA TYR B 432 -23.39 -16.47 23.19
C TYR B 432 -22.89 -15.42 22.21
N THR B 433 -22.87 -15.78 20.93
CA THR B 433 -22.68 -14.82 19.87
C THR B 433 -23.98 -14.71 19.07
N LEU B 434 -24.13 -13.61 18.35
CA LEU B 434 -25.34 -13.42 17.59
C LEU B 434 -25.34 -14.33 16.35
N PRO B 435 -26.51 -14.72 15.87
CA PRO B 435 -26.59 -15.59 14.68
C PRO B 435 -25.94 -14.94 13.47
N LYS B 436 -25.45 -15.78 12.57
CA LYS B 436 -24.76 -15.26 11.40
C LYS B 436 -25.67 -14.40 10.53
N VAL B 437 -26.96 -14.74 10.42
CA VAL B 437 -27.84 -13.92 9.58
C VAL B 437 -27.96 -12.50 10.13
N LEU B 438 -27.92 -12.34 11.45
CA LEU B 438 -27.94 -10.99 12.02
C LEU B 438 -26.63 -10.27 11.74
N ASP B 439 -25.52 -10.98 11.89
CA ASP B 439 -24.22 -10.44 11.53
C ASP B 439 -24.22 -9.94 10.09
N GLU B 440 -24.79 -10.75 9.19
CA GLU B 440 -24.90 -10.36 7.78
C GLU B 440 -25.78 -9.13 7.62
N GLU B 441 -26.85 -9.04 8.42
CA GLU B 441 -27.74 -7.88 8.30
C GLU B 441 -27.05 -6.60 8.74
N VAL B 442 -26.22 -6.67 9.78
CA VAL B 442 -25.43 -5.50 10.16
C VAL B 442 -24.60 -5.02 8.98
N ALA B 443 -23.91 -5.95 8.31
CA ALA B 443 -23.12 -5.57 7.14
C ALA B 443 -24.01 -4.96 6.06
N ARG B 444 -25.16 -5.58 5.78
CA ARG B 444 -26.05 -5.06 4.74
C ARG B 444 -26.40 -3.60 4.99
N LEU B 445 -26.76 -3.28 6.23
CA LEU B 445 -27.18 -1.94 6.58
C LEU B 445 -26.13 -0.87 6.34
N HIS B 446 -24.85 -1.26 6.18
CA HIS B 446 -23.80 -0.28 5.98
C HIS B 446 -23.29 -0.22 4.54
N LEU B 447 -23.75 -1.10 3.66
CA LEU B 447 -23.25 -1.15 2.28
C LEU B 447 -23.77 0.02 1.45
N GLU B 448 -25.05 0.38 1.60
CA GLU B 448 -25.61 1.40 0.73
C GLU B 448 -24.93 2.74 0.95
N LYS B 449 -24.61 3.07 2.21
CA LYS B 449 -23.96 4.36 2.44
C LYS B 449 -22.64 4.45 1.70
N LEU B 450 -21.95 3.33 1.56
CA LEU B 450 -20.67 3.29 0.87
C LEU B 450 -20.82 3.17 -0.66
N GLY B 451 -22.03 3.15 -1.17
CA GLY B 451 -22.27 2.95 -2.59
C GLY B 451 -22.11 1.52 -3.09
N ALA B 452 -21.84 0.55 -2.21
CA ALA B 452 -21.63 -0.82 -2.64
C ALA B 452 -22.91 -1.45 -3.17
N LYS B 453 -22.79 -2.23 -4.27
CA LYS B 453 -23.92 -2.98 -4.80
C LYS B 453 -23.65 -4.47 -4.67
N LEU B 454 -24.50 -5.16 -3.92
CA LEU B 454 -24.36 -6.59 -3.70
C LEU B 454 -24.94 -7.36 -4.87
N THR B 455 -24.31 -8.46 -5.21
CA THR B 455 -24.82 -9.36 -6.23
C THR B 455 -25.81 -10.33 -5.56
N LYS B 456 -26.87 -10.69 -6.29
CA LYS B 456 -27.87 -11.62 -5.80
C LYS B 456 -27.68 -12.96 -6.49
N LEU B 457 -27.58 -14.03 -5.70
CA LEU B 457 -27.48 -15.37 -6.27
C LEU B 457 -28.74 -15.71 -7.07
N THR B 458 -28.56 -16.37 -8.21
CA THR B 458 -29.70 -17.03 -8.83
C THR B 458 -30.06 -18.28 -8.04
N THR B 459 -31.27 -18.80 -8.31
CA THR B 459 -31.68 -20.04 -7.65
C THR B 459 -30.70 -21.16 -7.92
N SER B 460 -30.29 -21.30 -9.19
CA SER B 460 -29.35 -22.36 -9.55
CA SER B 460 -29.35 -22.35 -9.57
C SER B 460 -28.01 -22.16 -8.87
N GLN B 461 -27.55 -20.90 -8.74
CA GLN B 461 -26.27 -20.66 -8.07
C GLN B 461 -26.35 -20.98 -6.59
N ALA B 462 -27.44 -20.56 -5.95
CA ALA B 462 -27.60 -20.80 -4.52
C ALA B 462 -27.64 -22.29 -4.24
N ASP B 463 -28.35 -23.06 -5.06
CA ASP B 463 -28.33 -24.52 -4.94
C ASP B 463 -26.92 -25.07 -5.13
N TYR B 464 -26.17 -24.53 -6.09
CA TYR B 464 -24.84 -25.05 -6.39
C TYR B 464 -23.90 -24.96 -5.21
N ILE B 465 -23.89 -23.85 -4.48
CA ILE B 465 -23.02 -23.72 -3.32
C ILE B 465 -23.73 -24.06 -2.02
N GLY B 466 -24.99 -24.51 -2.08
CA GLY B 466 -25.70 -25.00 -0.90
C GLY B 466 -26.06 -23.95 0.12
N VAL B 467 -26.48 -22.76 -0.32
CA VAL B 467 -26.90 -21.72 0.62
C VAL B 467 -28.31 -21.26 0.25
N ASN B 468 -29.00 -20.71 1.24
CA ASN B 468 -30.19 -19.93 0.95
C ASN B 468 -29.76 -18.63 0.27
N ALA B 469 -30.46 -18.24 -0.80
CA ALA B 469 -30.10 -17.01 -1.51
C ALA B 469 -30.15 -15.78 -0.58
N ASN B 470 -30.89 -15.86 0.52
CA ASN B 470 -30.97 -14.77 1.49
C ASN B 470 -30.01 -14.94 2.66
N GLY B 471 -29.12 -15.94 2.60
CA GLY B 471 -28.17 -16.16 3.66
C GLY B 471 -28.68 -17.11 4.73
N PRO B 472 -27.82 -17.54 5.67
CA PRO B 472 -26.41 -17.17 5.78
C PRO B 472 -25.59 -17.78 4.64
N TYR B 473 -24.49 -17.13 4.27
CA TYR B 473 -23.72 -17.54 3.11
C TYR B 473 -22.49 -18.39 3.45
N LYS B 474 -22.12 -18.47 4.73
CA LYS B 474 -20.88 -19.10 5.15
C LYS B 474 -21.16 -20.12 6.24
N ALA B 475 -20.29 -21.14 6.30
CA ALA B 475 -20.35 -22.10 7.40
C ALA B 475 -20.07 -21.39 8.72
N ASP B 476 -20.52 -22.02 9.81
CA ASP B 476 -20.48 -21.36 11.11
C ASP B 476 -19.06 -20.98 11.53
N HIS B 477 -18.07 -21.80 11.18
CA HIS B 477 -16.70 -21.51 11.60
C HIS B 477 -15.87 -20.83 10.52
N TYR B 478 -16.51 -20.31 9.47
CA TYR B 478 -15.77 -19.54 8.47
C TYR B 478 -15.11 -18.32 9.12
N ARG B 479 -13.88 -18.03 8.70
CA ARG B 479 -13.07 -17.06 9.41
C ARG B 479 -13.02 -15.68 8.74
N TYR B 480 -13.49 -15.56 7.50
CA TYR B 480 -13.45 -14.29 6.74
C TYR B 480 -12.03 -13.77 6.65
N THR C 16 8.93 46.60 27.56
CA THR C 16 8.30 45.39 27.04
C THR C 16 8.08 45.49 25.52
N ILE C 17 8.41 44.40 24.81
CA ILE C 17 8.34 44.42 23.34
C ILE C 17 6.89 44.55 22.88
N GLU C 18 6.72 45.06 21.67
CA GLU C 18 5.41 45.12 21.04
C GLU C 18 5.04 43.76 20.52
N TYR C 19 3.77 43.37 20.71
CA TYR C 19 3.28 42.14 20.12
C TYR C 19 1.75 42.21 20.14
N GLN C 20 1.13 41.28 19.44
CA GLN C 20 -0.33 41.21 19.47
C GLN C 20 -0.70 39.75 19.28
N VAL C 21 -1.12 39.10 20.37
CA VAL C 21 -1.47 37.68 20.34
C VAL C 21 -2.78 37.48 21.09
N LYS C 22 -3.35 36.30 20.95
CA LYS C 22 -4.66 36.05 21.54
C LYS C 22 -4.59 36.03 23.06
N ASP C 23 -3.62 35.30 23.62
CA ASP C 23 -3.71 34.92 25.04
C ASP C 23 -2.32 34.55 25.53
N MET C 24 -1.69 35.46 26.26
CA MET C 24 -0.35 35.21 26.80
C MET C 24 -0.32 34.12 27.87
N SER C 25 -1.45 33.72 28.45
CA SER C 25 -1.41 32.62 29.42
C SER C 25 -1.09 31.27 28.78
N LEU C 26 -1.12 31.19 27.45
CA LEU C 26 -0.79 29.95 26.74
C LEU C 26 0.70 29.77 26.52
N ALA C 27 1.52 30.70 27.01
CA ALA C 27 2.94 30.68 26.63
C ALA C 27 3.64 29.42 27.14
N SER C 28 3.39 29.02 28.38
CA SER C 28 4.09 27.86 28.93
CA SER C 28 4.09 27.86 28.93
C SER C 28 3.75 26.59 28.16
N LEU C 29 2.48 26.43 27.78
CA LEU C 29 2.09 25.30 26.95
C LEU C 29 2.81 25.35 25.61
N GLY C 30 2.79 26.51 24.96
CA GLY C 30 3.50 26.65 23.69
C GLY C 30 4.98 26.35 23.82
N ARG C 31 5.61 26.81 24.89
CA ARG C 31 7.03 26.57 25.07
C ARG C 31 7.31 25.08 25.22
N LYS C 32 6.44 24.35 25.92
CA LYS C 32 6.61 22.91 26.03
C LYS C 32 6.49 22.25 24.66
N ARG C 33 5.56 22.71 23.83
CA ARG C 33 5.43 22.11 22.51
CA ARG C 33 5.43 22.10 22.51
C ARG C 33 6.61 22.47 21.61
N ILE C 34 7.16 23.67 21.78
CA ILE C 34 8.35 24.06 21.03
C ILE C 34 9.52 23.16 21.40
N GLU C 35 9.70 22.90 22.70
CA GLU C 35 10.79 22.03 23.14
C GLU C 35 10.67 20.62 22.54
N MET C 36 9.45 20.08 22.49
CA MET C 36 9.25 18.79 21.82
C MET C 36 9.63 18.87 20.34
N ALA C 37 9.20 19.95 19.67
CA ALA C 37 9.45 20.08 18.24
C ALA C 37 10.94 20.22 17.95
N GLU C 38 11.69 20.92 18.81
CA GLU C 38 13.13 21.08 18.59
C GLU C 38 13.81 19.73 18.45
N LYS C 39 13.43 18.78 19.30
CA LYS C 39 14.02 17.44 19.25
C LYS C 39 13.58 16.65 18.02
N GLU C 40 12.63 17.17 17.25
CA GLU C 40 12.22 16.54 16.00
C GLU C 40 12.77 17.27 14.78
N MET C 41 13.59 18.30 14.98
CA MET C 41 14.02 19.17 13.88
C MET C 41 15.55 19.22 13.83
N PRO C 42 16.19 18.11 13.45
CA PRO C 42 17.65 18.07 13.49
C PRO C 42 18.32 19.04 12.52
N GLY C 43 17.68 19.33 11.39
CA GLY C 43 18.26 20.30 10.47
C GLY C 43 18.37 21.69 11.09
N LEU C 44 17.27 22.18 11.69
CA LEU C 44 17.32 23.50 12.29
C LEU C 44 18.29 23.52 13.45
N MET C 45 18.31 22.47 14.27
CA MET C 45 19.26 22.42 15.37
C MET C 45 20.69 22.42 14.86
N ALA C 46 20.94 21.74 13.74
CA ALA C 46 22.30 21.77 13.20
C ALA C 46 22.66 23.17 12.71
N CYS C 47 21.69 23.90 12.17
CA CYS C 47 21.92 25.29 11.79
C CYS C 47 22.34 26.12 12.99
N ARG C 48 21.65 25.96 14.12
CA ARG C 48 22.06 26.64 15.35
C ARG C 48 23.48 26.26 15.75
N ALA C 49 23.78 24.97 15.71
CA ALA C 49 25.10 24.53 16.14
C ALA C 49 26.18 25.03 15.19
N LYS C 50 25.88 25.08 13.89
CA LYS C 50 26.91 25.46 12.93
C LYS C 50 27.17 26.96 12.92
N TYR C 51 26.11 27.76 13.00
CA TYR C 51 26.19 29.20 12.78
C TYR C 51 26.00 30.03 14.03
N GLY C 52 25.68 29.41 15.18
CA GLY C 52 25.40 30.17 16.37
C GLY C 52 26.58 30.97 16.87
N GLU C 53 27.80 30.48 16.65
CA GLU C 53 28.97 31.21 17.12
C GLU C 53 29.40 32.29 16.14
N GLU C 54 29.21 32.05 14.84
CA GLU C 54 29.56 33.05 13.83
C GLU C 54 28.56 34.19 13.81
N LYS C 55 27.27 33.88 14.01
CA LYS C 55 26.16 34.80 13.84
C LYS C 55 26.20 35.50 12.48
N PRO C 56 26.02 34.76 11.39
CA PRO C 56 26.03 35.40 10.05
C PRO C 56 24.96 36.45 9.88
N LEU C 57 23.86 36.38 10.64
CA LEU C 57 22.75 37.31 10.49
C LEU C 57 22.72 38.34 11.61
N ASN C 58 23.86 38.53 12.27
CA ASN C 58 23.96 39.43 13.41
C ASN C 58 23.43 40.83 13.07
N GLY C 59 22.41 41.26 13.80
CA GLY C 59 21.86 42.59 13.61
C GLY C 59 21.01 42.78 12.38
N VAL C 60 20.77 41.73 11.58
CA VAL C 60 20.00 41.88 10.35
C VAL C 60 18.51 41.94 10.68
N ARG C 61 17.82 42.95 10.16
CA ARG C 61 16.38 43.07 10.37
C ARG C 61 15.67 42.06 9.48
N ILE C 62 14.90 41.15 10.07
CA ILE C 62 14.21 40.09 9.35
C ILE C 62 12.72 40.21 9.62
N THR C 63 11.93 40.36 8.57
CA THR C 63 10.47 40.23 8.65
C THR C 63 10.06 38.83 8.20
N GLY C 64 9.27 38.17 9.02
CA GLY C 64 8.70 36.92 8.55
C GLY C 64 7.20 36.97 8.44
N SER C 65 6.67 36.41 7.35
CA SER C 65 5.23 36.25 7.17
C SER C 65 5.01 34.79 6.81
N LEU C 66 4.68 33.99 7.82
CA LEU C 66 4.65 32.53 7.70
C LEU C 66 3.90 31.96 8.90
N HIS C 67 2.96 31.05 8.62
CA HIS C 67 2.08 30.41 9.61
C HIS C 67 2.71 30.33 10.99
N MET C 68 2.09 30.96 12.00
CA MET C 68 2.72 31.06 13.31
C MET C 68 2.42 29.80 14.13
N THR C 69 3.12 28.72 13.77
CA THR C 69 3.00 27.40 14.38
C THR C 69 4.17 27.12 15.32
N VAL C 70 4.10 25.96 16.01
CA VAL C 70 5.23 25.50 16.82
CA VAL C 70 5.24 25.55 16.83
C VAL C 70 6.48 25.32 15.96
N GLU C 71 6.29 24.78 14.74
CA GLU C 71 7.43 24.59 13.85
C GLU C 71 8.04 25.93 13.46
N THR C 72 7.21 26.91 13.12
CA THR C 72 7.74 28.22 12.77
C THR C 72 8.43 28.87 13.96
N ALA C 73 7.95 28.62 15.17
CA ALA C 73 8.64 29.11 16.35
C ALA C 73 10.09 28.62 16.39
N VAL C 74 10.34 27.36 15.99
CA VAL C 74 11.72 26.86 16.03
C VAL C 74 12.55 27.56 14.97
N LEU C 75 11.96 27.86 13.82
CA LEU C 75 12.64 28.66 12.79
C LEU C 75 12.96 30.05 13.32
N ILE C 76 11.96 30.72 13.92
CA ILE C 76 12.18 32.07 14.43
C ILE C 76 13.34 32.09 15.41
N GLU C 77 13.36 31.12 16.33
CA GLU C 77 14.42 31.14 17.32
C GLU C 77 15.75 30.64 16.76
N THR C 78 15.73 29.93 15.64
CA THR C 78 16.98 29.65 14.94
C THR C 78 17.55 30.92 14.31
N LEU C 79 16.71 31.69 13.60
CA LEU C 79 17.20 32.95 13.04
C LEU C 79 17.67 33.90 14.13
N LYS C 80 16.98 33.89 15.26
CA LYS C 80 17.36 34.75 16.38
C LYS C 80 18.71 34.33 16.95
N ALA C 81 18.94 33.02 17.08
CA ALA C 81 20.20 32.53 17.63
C ALA C 81 21.39 32.85 16.72
N ILE C 82 21.18 32.94 15.41
CA ILE C 82 22.27 33.25 14.51
C ILE C 82 22.32 34.75 14.19
N GLY C 83 21.61 35.57 14.97
CA GLY C 83 21.85 37.01 15.03
C GLY C 83 20.67 37.88 14.61
N GLY C 84 19.61 37.32 14.04
CA GLY C 84 18.59 38.16 13.43
C GLY C 84 17.79 38.97 14.44
N ASN C 85 17.36 40.16 14.00
CA ASN C 85 16.44 41.02 14.75
C ASN C 85 15.10 40.87 14.04
N ILE C 86 14.17 40.13 14.67
CA ILE C 86 13.04 39.52 13.98
CA ILE C 86 13.04 39.53 13.96
C ILE C 86 11.74 40.19 14.38
N ARG C 87 10.83 40.36 13.40
CA ARG C 87 9.42 40.67 13.61
C ARG C 87 8.63 39.69 12.75
N TRP C 88 7.47 39.24 13.25
CA TRP C 88 6.82 38.12 12.60
C TRP C 88 5.31 38.32 12.56
N CYS C 89 4.70 37.72 11.55
CA CYS C 89 3.24 37.62 11.46
C CYS C 89 2.92 36.31 10.77
N SER C 90 1.68 35.87 10.90
CA SER C 90 1.27 34.69 10.16
C SER C 90 0.91 35.08 8.73
N CYS C 91 0.94 34.10 7.83
CA CYS C 91 0.52 34.34 6.46
C CYS C 91 -0.89 33.81 6.19
N ASN C 92 -1.63 33.43 7.24
CA ASN C 92 -2.96 32.88 7.10
C ASN C 92 -3.78 33.23 8.35
N ILE C 93 -5.05 33.62 8.15
CA ILE C 93 -5.86 34.10 9.26
C ILE C 93 -6.25 33.00 10.25
N PHE C 94 -6.14 31.72 9.86
CA PHE C 94 -6.52 30.62 10.73
C PHE C 94 -5.35 29.73 11.14
N SER C 95 -4.14 29.95 10.64
CA SER C 95 -3.08 28.97 10.84
C SER C 95 -2.31 29.19 12.13
N THR C 96 -2.46 30.33 12.80
CA THR C 96 -1.69 30.57 14.02
C THR C 96 -2.07 29.60 15.12
N GLN C 97 -1.07 29.02 15.75
CA GLN C 97 -1.26 28.31 17.01
CA GLN C 97 -1.25 28.30 17.01
C GLN C 97 -1.01 29.30 18.13
N ASP C 98 -2.08 29.66 18.85
CA ASP C 98 -2.01 30.78 19.79
C ASP C 98 -0.99 30.52 20.90
N ASP C 99 -0.78 29.26 21.27
CA ASP C 99 0.21 28.97 22.31
C ASP C 99 1.64 29.19 21.81
N ALA C 100 1.92 28.81 20.56
CA ALA C 100 3.23 29.09 19.98
C ALA C 100 3.46 30.60 19.83
N ALA C 101 2.45 31.33 19.36
CA ALA C 101 2.56 32.78 19.25
C ALA C 101 2.88 33.39 20.62
N ALA C 102 2.15 32.97 21.66
CA ALA C 102 2.38 33.53 22.98
C ALA C 102 3.78 33.19 23.48
N ALA C 103 4.25 31.95 23.22
CA ALA C 103 5.58 31.55 23.65
C ALA C 103 6.65 32.39 22.97
N ILE C 104 6.47 32.68 21.68
CA ILE C 104 7.40 33.53 20.95
C ILE C 104 7.39 34.95 21.50
N ALA C 105 6.20 35.50 21.76
CA ALA C 105 6.12 36.83 22.36
C ALA C 105 6.78 36.85 23.74
N ALA C 106 6.56 35.80 24.54
CA ALA C 106 7.12 35.78 25.88
C ALA C 106 8.65 35.68 25.87
N ALA C 107 9.22 35.18 24.77
CA ALA C 107 10.66 35.17 24.55
C ALA C 107 11.14 36.44 23.84
N ASN C 108 10.29 37.47 23.78
CA ASN C 108 10.66 38.83 23.40
C ASN C 108 10.90 39.02 21.91
N THR C 109 10.19 38.26 21.08
CA THR C 109 10.17 38.53 19.64
C THR C 109 8.85 39.15 19.25
N PRO C 110 8.84 40.34 18.66
CA PRO C 110 7.58 40.93 18.19
C PRO C 110 6.87 39.99 17.22
N VAL C 111 5.66 39.59 17.60
CA VAL C 111 4.84 38.72 16.75
C VAL C 111 3.42 39.27 16.77
N PHE C 112 2.80 39.28 15.59
CA PHE C 112 1.46 39.85 15.42
C PHE C 112 0.64 38.77 14.71
N ALA C 113 -0.06 37.96 15.51
CA ALA C 113 -0.65 36.74 14.98
C ALA C 113 -1.61 36.08 15.96
N TRP C 114 -2.82 35.78 15.51
CA TRP C 114 -3.73 34.97 16.31
C TRP C 114 -4.67 34.22 15.37
N LYS C 115 -5.20 33.12 15.85
CA LYS C 115 -6.13 32.34 15.06
C LYS C 115 -7.46 33.08 14.96
N GLY C 116 -7.98 33.21 13.74
CA GLY C 116 -9.24 33.91 13.56
C GLY C 116 -9.14 35.40 13.35
N GLU C 117 -8.06 35.88 12.73
CA GLU C 117 -7.95 37.28 12.34
C GLU C 117 -9.02 37.61 11.29
N THR C 118 -9.47 38.86 11.30
CA THR C 118 -10.18 39.36 10.14
C THR C 118 -9.18 39.71 9.04
N LEU C 119 -9.71 39.92 7.83
CA LEU C 119 -8.85 40.32 6.72
C LEU C 119 -8.19 41.67 6.99
N VAL C 120 -8.93 42.61 7.57
CA VAL C 120 -8.34 43.90 7.92
C VAL C 120 -7.21 43.71 8.94
N GLU C 121 -7.46 42.88 9.96
CA GLU C 121 -6.42 42.62 10.95
C GLU C 121 -5.24 41.88 10.34
N TYR C 122 -5.51 40.95 9.42
CA TYR C 122 -4.43 40.20 8.78
C TYR C 122 -3.44 41.13 8.10
N TRP C 123 -3.94 42.07 7.29
CA TRP C 123 -3.05 42.98 6.59
C TRP C 123 -2.39 43.98 7.55
N GLU C 124 -3.11 44.42 8.58
CA GLU C 124 -2.48 45.25 9.61
C GLU C 124 -1.33 44.53 10.30
N CYS C 125 -1.48 43.24 10.61
CA CYS C 125 -0.37 42.47 11.18
C CYS C 125 0.80 42.37 10.22
N THR C 126 0.52 42.23 8.92
CA THR C 126 1.60 42.23 7.94
C THR C 126 2.41 43.52 8.03
N TRP C 127 1.71 44.67 8.06
CA TRP C 127 2.39 45.96 8.16
C TRP C 127 3.21 46.07 9.44
N LYS C 128 2.63 45.67 10.58
CA LYS C 128 3.38 45.70 11.83
C LYS C 128 4.63 44.83 11.79
N ALA C 129 4.59 43.70 11.07
CA ALA C 129 5.79 42.87 10.98
C ALA C 129 6.84 43.53 10.08
N ILE C 130 6.40 44.31 9.08
CA ILE C 130 7.31 44.93 8.12
C ILE C 130 7.99 46.17 8.72
N ARG C 131 7.26 46.98 9.50
CA ARG C 131 7.77 48.27 9.94
C ARG C 131 8.60 48.09 11.21
N PHE C 132 9.92 48.28 11.09
CA PHE C 132 10.78 48.18 12.26
C PHE C 132 10.86 49.50 13.01
N GLY C 133 10.57 50.61 12.35
CA GLY C 133 10.57 51.91 12.98
C GLY C 133 10.32 52.96 11.91
N PRO C 134 10.40 54.23 12.30
CA PRO C 134 10.22 55.31 11.31
C PRO C 134 11.10 55.10 10.09
N TYR C 135 10.48 54.94 8.92
CA TYR C 135 11.19 54.79 7.66
C TYR C 135 12.22 53.66 7.72
N GLN C 136 11.85 52.57 8.39
CA GLN C 136 12.76 51.43 8.51
C GLN C 136 11.99 50.15 8.31
N GLY C 137 12.45 49.34 7.35
CA GLY C 137 11.84 48.07 7.08
C GLY C 137 12.81 46.93 7.26
N PRO C 138 12.47 45.75 6.75
CA PRO C 138 13.35 44.60 6.89
C PRO C 138 14.53 44.66 5.92
N GLN C 139 15.61 43.99 6.31
CA GLN C 139 16.72 43.75 5.39
C GLN C 139 16.64 42.38 4.72
N LEU C 140 15.96 41.43 5.37
CA LEU C 140 15.62 40.13 4.79
C LEU C 140 14.16 39.82 5.09
N ILE C 141 13.52 39.06 4.22
CA ILE C 141 12.13 38.67 4.37
C ILE C 141 12.00 37.17 4.21
N VAL C 142 11.30 36.54 5.14
CA VAL C 142 10.86 35.15 5.00
C VAL C 142 9.38 35.21 4.65
N ASP C 143 9.00 34.70 3.49
CA ASP C 143 7.63 34.88 3.04
C ASP C 143 7.00 33.55 2.67
N ASP C 144 5.69 33.46 2.82
CA ASP C 144 4.96 32.24 2.49
C ASP C 144 3.66 32.67 1.81
N GLY C 145 3.62 32.56 0.49
CA GLY C 145 2.50 33.00 -0.28
C GLY C 145 2.67 34.38 -0.91
N GLY C 146 3.64 35.15 -0.47
CA GLY C 146 3.98 36.41 -1.11
C GLY C 146 3.21 37.65 -0.66
N ASP C 147 2.38 37.55 0.39
CA ASP C 147 1.54 38.71 0.72
C ASP C 147 2.37 39.88 1.21
N ALA C 148 3.35 39.62 2.07
CA ALA C 148 4.24 40.67 2.55
C ALA C 148 5.05 41.26 1.39
N THR C 149 5.59 40.38 0.54
CA THR C 149 6.28 40.82 -0.67
C THR C 149 5.35 41.67 -1.53
N LEU C 150 4.08 41.28 -1.63
CA LEU C 150 3.12 42.04 -2.44
C LEU C 150 2.88 43.42 -1.84
N LEU C 151 2.69 43.49 -0.52
CA LEU C 151 2.42 44.80 0.10
C LEU C 151 3.56 45.76 -0.15
N ILE C 152 4.80 45.28 -0.05
CA ILE C 152 5.96 46.13 -0.28
C ILE C 152 6.04 46.55 -1.75
N HIS C 153 5.87 45.60 -2.67
CA HIS C 153 5.91 45.95 -4.08
C HIS C 153 4.79 46.91 -4.46
N ARG C 154 3.57 46.67 -3.96
CA ARG C 154 2.46 47.54 -4.31
C ARG C 154 2.62 48.92 -3.69
N GLY C 155 3.15 49.00 -2.47
CA GLY C 155 3.43 50.29 -1.88
C GLY C 155 4.45 51.07 -2.68
N PHE C 156 5.50 50.39 -3.14
CA PHE C 156 6.51 51.02 -3.98
C PHE C 156 5.90 51.54 -5.28
N GLN C 157 5.10 50.71 -5.94
CA GLN C 157 4.46 51.08 -7.20
C GLN C 157 3.49 52.24 -7.02
N ALA C 158 2.74 52.25 -5.90
CA ALA C 158 1.78 53.33 -5.65
C ALA C 158 2.47 54.68 -5.49
N GLU C 159 3.68 54.70 -4.94
CA GLU C 159 4.40 55.97 -4.82
C GLU C 159 4.72 56.54 -6.19
N LYS C 160 4.88 55.67 -7.19
CA LYS C 160 5.15 56.11 -8.56
C LYS C 160 3.88 56.26 -9.39
N GLU C 161 2.79 55.61 -8.99
CA GLU C 161 1.52 55.67 -9.71
C GLU C 161 0.40 55.63 -8.68
N PRO C 162 0.09 56.77 -8.05
CA PRO C 162 -0.90 56.76 -6.96
C PRO C 162 -2.27 56.23 -7.35
N SER C 163 -2.65 56.34 -8.63
CA SER C 163 -3.98 55.93 -9.06
C SER C 163 -4.28 54.46 -8.76
N ILE C 164 -3.27 53.60 -8.62
CA ILE C 164 -3.60 52.20 -8.36
C ILE C 164 -4.25 52.02 -7.00
N LEU C 165 -4.09 52.98 -6.09
CA LEU C 165 -4.69 52.89 -4.77
C LEU C 165 -6.18 53.22 -4.77
N ASP C 166 -6.71 53.74 -5.88
CA ASP C 166 -8.13 53.99 -6.00
C ASP C 166 -8.86 52.89 -6.80
N GLU C 167 -8.15 51.82 -7.16
CA GLU C 167 -8.68 50.79 -8.05
C GLU C 167 -8.56 49.43 -7.36
N ASP C 168 -9.67 48.89 -6.89
CA ASP C 168 -9.67 47.56 -6.30
C ASP C 168 -10.33 46.50 -7.17
N GLY C 169 -11.03 46.90 -8.23
CA GLY C 169 -11.66 45.91 -9.09
C GLY C 169 -12.82 45.18 -8.45
N GLY C 170 -13.48 45.81 -7.47
CA GLY C 170 -14.51 45.14 -6.70
C GLY C 170 -14.01 44.08 -5.74
N VAL C 171 -12.71 43.81 -5.70
CA VAL C 171 -12.15 42.78 -4.82
C VAL C 171 -11.96 43.38 -3.43
N GLU C 172 -12.70 42.85 -2.46
CA GLU C 172 -12.65 43.37 -1.11
C GLU C 172 -11.21 43.37 -0.57
N GLU C 173 -10.48 42.30 -0.79
CA GLU C 173 -9.14 42.24 -0.21
C GLU C 173 -8.22 43.28 -0.80
N LEU C 174 -8.41 43.63 -2.08
CA LEU C 174 -7.58 44.67 -2.66
C LEU C 174 -7.95 46.06 -2.12
N ARG C 175 -9.24 46.29 -1.84
CA ARG C 175 -9.61 47.54 -1.20
C ARG C 175 -8.98 47.67 0.17
N ILE C 176 -8.90 46.55 0.91
CA ILE C 176 -8.29 46.55 2.24
C ILE C 176 -6.81 46.94 2.12
N VAL C 177 -6.09 46.29 1.21
CA VAL C 177 -4.69 46.62 0.97
C VAL C 177 -4.53 48.07 0.53
N ASN C 178 -5.37 48.50 -0.42
CA ASN C 178 -5.30 49.89 -0.86
C ASN C 178 -5.51 50.85 0.29
N ASN C 179 -6.50 50.58 1.16
CA ASN C 179 -6.75 51.49 2.28
C ASN C 179 -5.55 51.56 3.20
N LEU C 180 -4.90 50.42 3.44
CA LEU C 180 -3.73 50.38 4.31
C LEU C 180 -2.58 51.18 3.69
N LEU C 181 -2.30 50.94 2.42
CA LEU C 181 -1.21 51.66 1.77
C LEU C 181 -1.48 53.16 1.75
N LYS C 182 -2.73 53.56 1.59
CA LYS C 182 -3.07 54.98 1.65
C LYS C 182 -2.73 55.56 3.02
N ARG C 183 -3.09 54.85 4.09
CA ARG C 183 -2.76 55.32 5.44
C ARG C 183 -1.25 55.38 5.64
N ILE C 184 -0.53 54.37 5.16
CA ILE C 184 0.92 54.34 5.33
C ILE C 184 1.54 55.54 4.62
N LEU C 185 1.17 55.74 3.36
CA LEU C 185 1.79 56.80 2.59
C LEU C 185 1.35 58.18 3.03
N LYS C 186 0.29 58.29 3.84
CA LYS C 186 -0.07 59.57 4.42
C LYS C 186 0.69 59.82 5.72
N GLU C 187 0.86 58.80 6.55
CA GLU C 187 1.59 58.98 7.80
C GLU C 187 3.10 59.06 7.56
N GLU C 188 3.60 58.29 6.60
CA GLU C 188 5.03 58.29 6.26
C GLU C 188 5.16 58.35 4.75
N PRO C 189 5.08 59.55 4.18
CA PRO C 189 5.23 59.68 2.72
C PRO C 189 6.57 59.15 2.27
N GLY C 190 6.55 58.42 1.15
CA GLY C 190 7.76 57.85 0.57
C GLY C 190 8.36 56.69 1.33
N PHE C 191 7.58 56.04 2.20
CA PHE C 191 8.10 54.95 3.02
C PHE C 191 8.75 53.87 2.16
N PHE C 192 8.07 53.44 1.12
CA PHE C 192 8.55 52.26 0.40
C PHE C 192 9.75 52.61 -0.50
N SER C 193 9.78 53.80 -1.10
CA SER C 193 10.98 54.20 -1.82
CA SER C 193 10.99 54.18 -1.83
C SER C 193 12.19 54.29 -0.89
N LYS C 194 11.96 54.61 0.38
CA LYS C 194 13.06 54.68 1.32
C LYS C 194 13.55 53.28 1.72
N ILE C 195 12.63 52.37 2.01
CA ILE C 195 13.07 51.11 2.62
C ILE C 195 13.43 50.03 1.60
N VAL C 196 12.88 50.09 0.38
CA VAL C 196 13.16 49.05 -0.61
C VAL C 196 14.65 48.90 -0.92
N PRO C 197 15.44 49.98 -1.04
CA PRO C 197 16.88 49.79 -1.30
C PRO C 197 17.62 49.03 -0.21
N ASP C 198 17.04 48.91 0.99
CA ASP C 198 17.68 48.17 2.06
C ASP C 198 17.28 46.71 2.09
N ILE C 199 16.34 46.26 1.26
CA ILE C 199 15.91 44.87 1.29
C ILE C 199 16.90 44.04 0.47
N LYS C 200 17.62 43.15 1.14
CA LYS C 200 18.61 42.33 0.43
C LYS C 200 17.98 41.12 -0.25
N GLY C 201 16.79 40.72 0.16
CA GLY C 201 16.16 39.59 -0.49
C GLY C 201 15.00 39.03 0.31
N VAL C 202 14.21 38.19 -0.38
CA VAL C 202 13.12 37.42 0.20
C VAL C 202 13.36 35.95 -0.12
N SER C 203 13.09 35.09 0.85
CA SER C 203 13.06 33.64 0.62
C SER C 203 11.61 33.19 0.74
N GLU C 204 11.09 32.61 -0.33
CA GLU C 204 9.65 32.34 -0.48
C GLU C 204 9.38 30.86 -0.32
N GLU C 205 8.39 30.54 0.52
CA GLU C 205 8.16 29.18 0.99
C GLU C 205 7.39 28.32 -0.02
N THR C 206 6.39 28.85 -0.72
CA THR C 206 5.40 27.96 -1.29
C THR C 206 5.14 28.24 -2.77
N THR C 207 4.56 27.23 -3.41
CA THR C 207 4.38 27.21 -4.86
C THR C 207 3.69 28.49 -5.38
N THR C 208 2.59 28.87 -4.74
CA THR C 208 1.85 30.07 -5.16
C THR C 208 2.69 31.31 -5.00
N GLY C 209 3.41 31.43 -3.89
CA GLY C 209 4.27 32.58 -3.69
C GLY C 209 5.38 32.67 -4.72
N VAL C 210 5.92 31.51 -5.11
CA VAL C 210 6.98 31.47 -6.11
C VAL C 210 6.44 31.84 -7.49
N HIS C 211 5.25 31.36 -7.83
CA HIS C 211 4.62 31.78 -9.08
C HIS C 211 4.49 33.30 -9.13
N ARG C 212 4.10 33.92 -8.01
CA ARG C 212 4.04 35.38 -7.96
C ARG C 212 5.40 36.01 -8.23
N LEU C 213 6.47 35.44 -7.68
CA LEU C 213 7.80 36.00 -7.90
C LEU C 213 8.22 35.89 -9.37
N TYR C 214 8.03 34.72 -9.99
CA TYR C 214 8.42 34.57 -11.38
C TYR C 214 7.60 35.46 -12.30
N ALA C 215 6.34 35.72 -11.96
CA ALA C 215 5.55 36.60 -12.81
C ALA C 215 6.05 38.04 -12.71
N MET C 216 6.45 38.47 -11.51
CA MET C 216 7.04 39.80 -11.36
C MET C 216 8.37 39.91 -12.11
N GLN C 217 9.23 38.88 -11.98
CA GLN C 217 10.50 38.91 -12.70
C GLN C 217 10.26 39.05 -14.19
N LYS C 218 9.30 38.28 -14.71
CA LYS C 218 8.99 38.33 -16.14
C LYS C 218 8.53 39.71 -16.56
N GLN C 219 7.77 40.41 -15.70
CA GLN C 219 7.32 41.76 -15.99
C GLN C 219 8.37 42.82 -15.67
N GLY C 220 9.51 42.43 -15.10
CA GLY C 220 10.47 43.43 -14.69
C GLY C 220 10.04 44.28 -13.51
N THR C 221 9.11 43.80 -12.69
CA THR C 221 8.65 44.55 -11.52
C THR C 221 9.25 44.07 -10.22
N LEU C 222 9.90 42.90 -10.22
CA LEU C 222 10.59 42.42 -9.02
C LEU C 222 11.63 43.45 -8.57
N LEU C 223 11.62 43.80 -7.29
CA LEU C 223 12.44 44.89 -6.78
C LEU C 223 13.70 44.43 -6.06
N PHE C 224 13.81 43.16 -5.70
CA PHE C 224 14.99 42.70 -4.97
C PHE C 224 15.18 41.21 -5.22
N PRO C 225 16.36 40.66 -4.90
CA PRO C 225 16.59 39.22 -5.11
C PRO C 225 15.61 38.37 -4.32
N ALA C 226 15.32 37.18 -4.86
CA ALA C 226 14.41 36.24 -4.24
C ALA C 226 14.97 34.83 -4.36
N ILE C 227 14.89 34.06 -3.27
CA ILE C 227 15.19 32.63 -3.30
C ILE C 227 13.87 31.87 -3.35
N ASN C 228 13.74 31.02 -4.35
CA ASN C 228 12.64 30.07 -4.51
C ASN C 228 13.00 28.87 -3.64
N VAL C 229 12.52 28.91 -2.39
CA VAL C 229 12.75 27.82 -1.45
C VAL C 229 11.86 26.62 -1.76
N ASN C 230 10.65 26.87 -2.28
CA ASN C 230 9.74 25.77 -2.56
C ASN C 230 10.39 24.74 -3.47
N ASP C 231 11.19 25.17 -4.44
CA ASP C 231 11.73 24.24 -5.42
C ASP C 231 13.10 23.69 -5.04
N SER C 232 13.56 23.88 -3.81
CA SER C 232 14.54 22.93 -3.30
C SER C 232 13.91 21.55 -3.38
N VAL C 233 14.70 20.55 -3.76
CA VAL C 233 14.15 19.19 -3.79
C VAL C 233 13.71 18.77 -2.39
N THR C 234 14.48 19.17 -1.37
CA THR C 234 14.17 18.80 0.01
C THR C 234 13.07 19.65 0.63
N LYS C 235 12.43 20.51 -0.17
CA LYS C 235 11.19 21.14 0.21
C LYS C 235 10.05 20.56 -0.63
N SER C 236 10.01 20.84 -1.95
CA SER C 236 8.86 20.46 -2.78
C SER C 236 8.55 18.96 -2.75
N LYS C 237 9.56 18.11 -2.70
CA LYS C 237 9.29 16.67 -2.77
C LYS C 237 9.23 16.02 -1.40
N PHE C 238 9.14 16.82 -0.34
CA PHE C 238 9.03 16.29 1.01
C PHE C 238 7.88 16.96 1.77
N ASP C 239 8.07 18.23 2.15
CA ASP C 239 6.99 19.05 2.72
C ASP C 239 5.70 18.92 1.92
N ASN C 240 5.74 19.27 0.64
CA ASN C 240 4.50 19.36 -0.13
C ASN C 240 3.80 18.01 -0.22
N ILE C 241 4.57 16.94 -0.30
CA ILE C 241 4.00 15.60 -0.42
C ILE C 241 3.73 14.98 0.95
N TYR C 242 4.79 14.66 1.69
CA TYR C 242 4.66 13.90 2.92
C TYR C 242 4.16 14.73 4.08
N GLY C 243 4.37 16.04 4.04
CA GLY C 243 3.70 16.91 4.98
C GLY C 243 2.20 16.80 4.87
N CYS C 244 1.67 16.94 3.65
CA CYS C 244 0.23 16.80 3.42
C CYS C 244 -0.26 15.38 3.71
N ARG C 245 0.55 14.37 3.39
CA ARG C 245 0.14 13.00 3.71
C ARG C 245 -0.17 12.86 5.19
N HIS C 246 0.56 13.59 6.04
CA HIS C 246 0.29 13.64 7.47
C HIS C 246 -0.87 14.60 7.78
N SER C 247 -0.78 15.85 7.31
CA SER C 247 -1.61 16.88 7.91
C SER C 247 -2.98 17.03 7.26
N LEU C 248 -3.19 16.50 6.05
CA LEU C 248 -4.55 16.46 5.52
C LEU C 248 -5.43 15.58 6.41
N LEU C 249 -4.95 14.37 6.72
CA LEU C 249 -5.72 13.48 7.58
C LEU C 249 -6.01 14.12 8.93
N ASP C 250 -5.01 14.82 9.49
CA ASP C 250 -5.18 15.44 10.81
C ASP C 250 -6.25 16.53 10.75
N GLY C 251 -6.18 17.39 9.74
CA GLY C 251 -7.22 18.40 9.56
C GLY C 251 -8.62 17.81 9.47
N LEU C 252 -8.78 16.78 8.63
CA LEU C 252 -10.09 16.14 8.48
C LEU C 252 -10.55 15.53 9.80
N ASN C 253 -9.65 14.84 10.51
CA ASN C 253 -10.00 14.21 11.79
C ASN C 253 -10.49 15.23 12.80
N ARG C 254 -9.70 16.28 13.05
CA ARG C 254 -10.07 17.18 14.13
C ARG C 254 -11.36 17.92 13.80
N ALA C 255 -11.56 18.27 12.52
CA ALA C 255 -12.75 19.00 12.13
C ALA C 255 -14.00 18.13 12.17
N THR C 256 -13.92 16.91 11.60
CA THR C 256 -15.11 16.13 11.33
C THR C 256 -15.13 14.73 11.96
N ASP C 257 -13.97 14.18 12.33
CA ASP C 257 -13.87 12.80 12.81
C ASP C 257 -14.46 11.80 11.81
N VAL C 258 -14.47 12.14 10.51
CA VAL C 258 -15.16 11.29 9.54
C VAL C 258 -14.29 10.10 9.19
N MET C 259 -14.92 8.91 9.12
CA MET C 259 -14.20 7.75 8.63
C MET C 259 -13.99 7.86 7.13
N LEU C 260 -12.74 7.68 6.70
CA LEU C 260 -12.46 7.77 5.27
C LEU C 260 -12.68 6.45 4.56
N ALA C 261 -12.53 5.32 5.27
CA ALA C 261 -12.64 4.01 4.63
C ALA C 261 -13.96 3.88 3.89
N GLY C 262 -13.87 3.45 2.62
CA GLY C 262 -15.04 3.22 1.81
C GLY C 262 -15.67 4.46 1.22
N LYS C 263 -15.20 5.64 1.57
CA LYS C 263 -15.76 6.88 1.05
C LYS C 263 -15.08 7.29 -0.24
N GLU C 264 -15.81 7.99 -1.08
CA GLU C 264 -15.29 8.47 -2.35
C GLU C 264 -14.76 9.89 -2.15
N CYS C 265 -13.44 10.06 -2.27
CA CYS C 265 -12.77 11.33 -2.01
C CYS C 265 -12.12 11.84 -3.29
N VAL C 266 -12.36 13.11 -3.60
CA VAL C 266 -11.90 13.73 -4.84
C VAL C 266 -10.77 14.68 -4.48
N ILE C 267 -9.58 14.41 -5.01
CA ILE C 267 -8.44 15.32 -4.88
CA ILE C 267 -8.42 15.30 -4.89
C ILE C 267 -8.32 16.09 -6.19
N CYS C 268 -8.48 17.40 -6.10
CA CYS C 268 -8.41 18.26 -7.28
C CYS C 268 -6.97 18.74 -7.43
N GLY C 269 -6.29 18.29 -8.48
CA GLY C 269 -4.89 18.61 -8.67
C GLY C 269 -4.01 17.45 -8.22
N PHE C 270 -3.03 17.07 -9.03
CA PHE C 270 -2.10 15.98 -8.71
C PHE C 270 -0.67 16.45 -8.88
N GLY C 271 -0.38 17.66 -8.38
CA GLY C 271 0.98 18.12 -8.19
C GLY C 271 1.53 17.50 -6.91
N ASP C 272 2.54 18.13 -6.33
CA ASP C 272 3.13 17.54 -5.13
C ASP C 272 2.12 17.46 -4.00
N VAL C 273 1.32 18.51 -3.79
CA VAL C 273 0.34 18.49 -2.70
C VAL C 273 -0.71 17.42 -2.96
N GLY C 274 -1.27 17.40 -4.17
CA GLY C 274 -2.30 16.43 -4.47
C GLY C 274 -1.80 14.99 -4.35
N LYS C 275 -0.54 14.76 -4.73
CA LYS C 275 0.03 13.41 -4.60
C LYS C 275 0.03 12.95 -3.14
N GLY C 276 0.43 13.82 -2.23
CA GLY C 276 0.49 13.42 -0.84
C GLY C 276 -0.89 13.24 -0.26
N CYS C 277 -1.83 14.13 -0.62
CA CYS C 277 -3.22 13.99 -0.21
C CYS C 277 -3.81 12.67 -0.65
N ALA C 278 -3.64 12.32 -1.94
CA ALA C 278 -4.24 11.09 -2.44
C ALA C 278 -3.66 9.87 -1.73
N GLU C 279 -2.37 9.90 -1.44
CA GLU C 279 -1.74 8.77 -0.76
C GLU C 279 -2.28 8.64 0.67
N ALA C 280 -2.51 9.76 1.34
CA ALA C 280 -3.07 9.74 2.68
C ALA C 280 -4.46 9.10 2.68
N LEU C 281 -5.32 9.55 1.79
CA LEU C 281 -6.70 9.04 1.77
C LEU C 281 -6.73 7.58 1.39
N LYS C 282 -5.90 7.21 0.40
CA LYS C 282 -5.84 5.81 0.00
C LYS C 282 -5.38 4.92 1.15
N GLY C 283 -4.40 5.36 1.93
CA GLY C 283 -3.92 4.54 3.04
C GLY C 283 -4.99 4.29 4.08
N GLN C 284 -5.98 5.16 4.18
CA GLN C 284 -7.08 4.99 5.12
C GLN C 284 -8.28 4.27 4.51
N GLY C 285 -8.14 3.72 3.30
CA GLY C 285 -9.18 2.93 2.70
C GLY C 285 -10.19 3.69 1.87
N ALA C 286 -9.91 4.96 1.57
CA ALA C 286 -10.79 5.73 0.70
C ALA C 286 -10.64 5.27 -0.74
N ARG C 287 -11.70 5.49 -1.51
CA ARG C 287 -11.68 5.38 -2.97
C ARG C 287 -11.34 6.76 -3.52
N VAL C 288 -10.16 6.90 -4.09
CA VAL C 288 -9.60 8.21 -4.40
C VAL C 288 -9.79 8.51 -5.87
N ILE C 289 -10.43 9.63 -6.16
CA ILE C 289 -10.57 10.16 -7.52
C ILE C 289 -9.67 11.38 -7.61
N VAL C 290 -8.99 11.54 -8.75
CA VAL C 290 -8.11 12.69 -8.98
C VAL C 290 -8.65 13.48 -10.16
N THR C 291 -8.64 14.80 -10.07
CA THR C 291 -8.89 15.65 -11.24
C THR C 291 -7.61 16.37 -11.60
N GLU C 292 -7.44 16.64 -12.90
CA GLU C 292 -6.24 17.30 -13.40
C GLU C 292 -6.53 17.98 -14.73
N ILE C 293 -5.80 19.06 -14.98
CA ILE C 293 -5.77 19.70 -16.29
C ILE C 293 -4.51 19.31 -17.06
N ASP C 294 -3.49 18.82 -16.38
CA ASP C 294 -2.21 18.49 -17.00
C ASP C 294 -2.21 17.01 -17.32
N PRO C 295 -2.10 16.61 -18.59
CA PRO C 295 -2.13 15.18 -18.92
C PRO C 295 -0.99 14.38 -18.32
N ILE C 296 0.17 14.98 -18.08
CA ILE C 296 1.28 14.25 -17.48
C ILE C 296 0.96 13.90 -16.03
N ASN C 297 0.53 14.90 -15.23
CA ASN C 297 0.12 14.61 -13.86
C ASN C 297 -1.06 13.65 -13.83
N ALA C 298 -2.01 13.80 -14.77
CA ALA C 298 -3.13 12.89 -14.82
C ALA C 298 -2.66 11.45 -15.05
N LEU C 299 -1.73 11.26 -15.99
CA LEU C 299 -1.23 9.91 -16.25
C LEU C 299 -0.49 9.36 -15.04
N GLN C 300 0.22 10.22 -14.30
CA GLN C 300 0.84 9.74 -13.06
C GLN C 300 -0.21 9.18 -12.11
N ALA C 301 -1.36 9.87 -11.98
CA ALA C 301 -2.42 9.41 -11.10
C ALA C 301 -2.97 8.07 -11.56
N CYS C 302 -3.13 7.89 -12.87
CA CYS C 302 -3.61 6.61 -13.38
C CYS C 302 -2.66 5.48 -13.00
N MET C 303 -1.35 5.70 -13.12
CA MET C 303 -0.35 4.67 -12.82
C MET C 303 -0.31 4.32 -11.35
N ALA C 304 -0.72 5.24 -10.49
CA ALA C 304 -0.84 4.96 -9.07
C ALA C 304 -2.17 4.32 -8.71
N GLY C 305 -3.02 4.03 -9.70
CA GLY C 305 -4.24 3.30 -9.42
C GLY C 305 -5.42 4.16 -9.04
N TYR C 306 -5.32 5.47 -9.19
CA TYR C 306 -6.46 6.34 -8.96
C TYR C 306 -7.31 6.45 -10.21
N THR C 307 -8.59 6.79 -10.00
CA THR C 307 -9.48 7.15 -11.10
C THR C 307 -9.37 8.64 -11.41
N VAL C 308 -9.22 8.99 -12.68
CA VAL C 308 -9.11 10.40 -13.07
C VAL C 308 -10.40 10.83 -13.75
N LYS C 309 -11.09 11.80 -13.17
CA LYS C 309 -12.40 12.25 -13.64
C LYS C 309 -12.49 13.76 -13.48
N THR C 310 -13.56 14.35 -13.99
CA THR C 310 -13.83 15.75 -13.72
C THR C 310 -14.69 15.86 -12.47
N VAL C 311 -14.64 17.02 -11.82
CA VAL C 311 -15.52 17.26 -10.67
C VAL C 311 -16.97 16.98 -11.04
N GLU C 312 -17.40 17.41 -12.24
CA GLU C 312 -18.79 17.24 -12.63
C GLU C 312 -19.21 15.77 -12.63
N ASP C 313 -18.32 14.88 -13.05
CA ASP C 313 -18.69 13.48 -13.05
C ASP C 313 -18.67 12.84 -11.66
N CYS C 314 -18.24 13.57 -10.63
CA CYS C 314 -18.19 13.03 -9.26
C CYS C 314 -19.35 13.48 -8.39
N LEU C 315 -20.11 14.49 -8.83
CA LEU C 315 -21.05 15.15 -7.93
C LEU C 315 -22.08 14.17 -7.36
N ALA C 316 -22.53 13.22 -8.17
CA ALA C 316 -23.59 12.32 -7.71
C ALA C 316 -23.13 11.33 -6.65
N THR C 317 -21.82 11.03 -6.57
CA THR C 317 -21.35 9.93 -5.73
C THR C 317 -20.31 10.30 -4.68
N ALA C 318 -19.62 11.43 -4.83
CA ALA C 318 -18.46 11.69 -3.97
C ALA C 318 -18.85 12.23 -2.60
N ASP C 319 -18.08 11.85 -1.59
CA ASP C 319 -18.34 12.18 -0.20
C ASP C 319 -17.49 13.33 0.33
N ILE C 320 -16.30 13.53 -0.25
CA ILE C 320 -15.33 14.50 0.26
C ILE C 320 -14.58 15.08 -0.93
N TYR C 321 -14.34 16.38 -0.88
CA TYR C 321 -13.61 17.12 -1.92
C TYR C 321 -12.45 17.86 -1.28
N VAL C 322 -11.25 17.69 -1.84
CA VAL C 322 -10.03 18.36 -1.39
C VAL C 322 -9.44 19.10 -2.57
N THR C 323 -9.36 20.42 -2.49
CA THR C 323 -8.77 21.20 -3.57
C THR C 323 -7.29 21.42 -3.30
N ALA C 324 -6.46 21.13 -4.29
CA ALA C 324 -5.01 21.17 -4.12
C ALA C 324 -4.35 21.75 -5.36
N THR C 325 -4.94 22.78 -5.96
CA THR C 325 -4.51 23.20 -7.29
C THR C 325 -3.63 24.44 -7.30
N GLY C 326 -3.78 25.35 -6.33
CA GLY C 326 -3.25 26.68 -6.51
C GLY C 326 -3.98 27.52 -7.53
N ASN C 327 -5.10 27.02 -8.05
CA ASN C 327 -5.93 27.70 -9.04
C ASN C 327 -7.22 28.16 -8.37
N LYS C 328 -8.05 28.90 -9.12
CA LYS C 328 -9.31 29.36 -8.58
C LYS C 328 -10.48 28.65 -9.23
N ASP C 329 -11.62 28.68 -8.53
CA ASP C 329 -12.90 28.23 -9.10
C ASP C 329 -12.88 26.74 -9.41
N ILE C 330 -12.36 25.95 -8.48
CA ILE C 330 -12.34 24.51 -8.62
C ILE C 330 -13.68 23.90 -8.23
N ILE C 331 -14.21 24.32 -7.09
CA ILE C 331 -15.50 23.86 -6.60
C ILE C 331 -16.41 25.07 -6.64
N THR C 332 -17.36 25.07 -7.56
CA THR C 332 -18.24 26.20 -7.81
C THR C 332 -19.55 26.01 -7.06
N LEU C 333 -20.34 27.09 -7.01
CA LEU C 333 -21.66 26.99 -6.40
C LEU C 333 -22.52 25.99 -7.16
N ASP C 334 -22.45 26.01 -8.49
CA ASP C 334 -23.19 25.02 -9.28
C ASP C 334 -22.82 23.60 -8.89
N HIS C 335 -21.54 23.35 -8.63
CA HIS C 335 -21.13 22.02 -8.16
C HIS C 335 -21.81 21.69 -6.85
N MET C 336 -21.71 22.60 -5.87
CA MET C 336 -22.20 22.33 -4.53
C MET C 336 -23.72 22.17 -4.50
N LYS C 337 -24.43 22.85 -5.41
CA LYS C 337 -25.88 22.65 -5.51
C LYS C 337 -26.25 21.20 -5.83
N LYS C 338 -25.33 20.46 -6.46
CA LYS C 338 -25.64 19.12 -6.94
C LYS C 338 -24.93 18.02 -6.14
N MET C 339 -24.28 18.37 -5.05
CA MET C 339 -23.54 17.40 -4.25
C MET C 339 -24.45 16.60 -3.33
N LYS C 340 -23.95 15.42 -2.96
CA LYS C 340 -24.61 14.58 -1.96
C LYS C 340 -24.72 15.32 -0.64
N ASP C 341 -25.81 15.05 0.08
CA ASP C 341 -26.01 15.66 1.39
C ASP C 341 -24.82 15.37 2.30
N MET C 342 -24.33 16.43 2.97
CA MET C 342 -23.24 16.36 3.93
C MET C 342 -21.87 16.10 3.28
N ALA C 343 -21.75 16.29 1.97
CA ALA C 343 -20.42 16.28 1.35
C ALA C 343 -19.50 17.25 2.08
N ILE C 344 -18.30 16.80 2.38
CA ILE C 344 -17.28 17.63 3.04
C ILE C 344 -16.41 18.28 1.98
N ILE C 345 -16.17 19.58 2.12
CA ILE C 345 -15.40 20.34 1.13
C ILE C 345 -14.29 21.09 1.84
N CYS C 346 -13.07 20.97 1.33
CA CYS C 346 -11.97 21.65 1.99
C CYS C 346 -10.89 21.97 0.97
N ASN C 347 -10.02 22.89 1.35
CA ASN C 347 -8.99 23.43 0.49
C ASN C 347 -7.67 23.24 1.20
N ILE C 348 -6.70 22.62 0.53
CA ILE C 348 -5.34 22.55 1.05
C ILE C 348 -4.36 23.28 0.14
N GLY C 349 -4.87 24.00 -0.85
CA GLY C 349 -4.01 24.68 -1.80
C GLY C 349 -3.64 26.09 -1.38
N HIS C 350 -4.47 27.07 -1.73
CA HIS C 350 -4.11 28.45 -1.46
C HIS C 350 -5.35 29.27 -1.24
N PHE C 351 -5.19 30.33 -0.45
CA PHE C 351 -6.19 31.40 -0.42
C PHE C 351 -7.54 30.82 -0.01
N ASP C 352 -8.63 31.38 -0.53
CA ASP C 352 -9.95 30.89 -0.20
C ASP C 352 -10.84 30.87 -1.43
N ASN C 353 -10.24 30.82 -2.62
CA ASN C 353 -10.99 30.91 -3.87
C ASN C 353 -10.89 29.65 -4.71
N GLU C 354 -10.25 28.59 -4.22
CA GLU C 354 -10.39 27.29 -4.87
C GLU C 354 -11.83 26.80 -4.77
N ILE C 355 -12.47 27.06 -3.63
CA ILE C 355 -13.90 26.84 -3.40
C ILE C 355 -14.60 28.19 -3.49
N ASP C 356 -15.79 28.22 -4.09
CA ASP C 356 -16.52 29.47 -4.21
C ASP C 356 -17.27 29.76 -2.91
N VAL C 357 -16.49 30.10 -1.87
CA VAL C 357 -17.06 30.39 -0.56
C VAL C 357 -17.94 31.63 -0.65
N LEU C 358 -17.53 32.62 -1.44
CA LEU C 358 -18.29 33.86 -1.55
C LEU C 358 -19.67 33.60 -2.12
N GLY C 359 -19.76 32.78 -3.18
CA GLY C 359 -21.05 32.45 -3.74
C GLY C 359 -21.96 31.75 -2.74
N LEU C 360 -21.42 30.80 -1.98
CA LEU C 360 -22.18 30.14 -0.91
C LEU C 360 -22.75 31.17 0.05
N LYS C 361 -21.89 32.05 0.57
CA LYS C 361 -22.29 33.00 1.59
C LYS C 361 -23.26 34.05 1.08
N THR C 362 -23.42 34.20 -0.24
CA THR C 362 -24.32 35.21 -0.76
C THR C 362 -25.47 34.64 -1.57
N CYS C 363 -25.57 33.33 -1.75
CA CYS C 363 -26.69 32.77 -2.49
C CYS C 363 -27.95 32.80 -1.64
N GLU C 364 -29.04 33.29 -2.23
CA GLU C 364 -30.21 33.73 -1.47
C GLU C 364 -30.72 32.68 -0.50
N GLY C 365 -31.08 31.50 -1.00
CA GLY C 365 -31.72 30.58 -0.09
C GLY C 365 -30.81 29.70 0.76
N VAL C 366 -29.49 29.91 0.74
CA VAL C 366 -28.55 29.01 1.40
C VAL C 366 -28.30 29.50 2.83
N LYS C 367 -28.61 28.66 3.81
CA LYS C 367 -28.42 29.01 5.22
C LYS C 367 -27.10 28.44 5.73
N GLU C 368 -26.31 29.30 6.37
CA GLU C 368 -25.08 28.88 7.03
C GLU C 368 -25.36 28.55 8.48
N ILE C 369 -25.02 27.34 8.90
CA ILE C 369 -25.20 26.90 10.29
C ILE C 369 -23.85 26.46 10.81
N ASN C 370 -23.35 27.14 11.82
CA ASN C 370 -22.08 26.71 12.39
C ASN C 370 -22.26 25.42 13.17
N ILE C 371 -21.30 24.53 13.02
CA ILE C 371 -21.28 23.27 13.75
C ILE C 371 -20.31 23.33 14.92
N LYS C 372 -19.07 23.74 14.63
CA LYS C 372 -18.03 23.94 15.60
C LYS C 372 -17.00 24.86 14.96
N PRO C 373 -16.00 25.33 15.69
CA PRO C 373 -15.05 26.28 15.09
C PRO C 373 -14.45 25.74 13.80
N GLN C 374 -14.52 26.55 12.74
CA GLN C 374 -13.99 26.22 11.41
C GLN C 374 -14.72 25.05 10.76
N VAL C 375 -15.96 24.77 11.16
CA VAL C 375 -16.77 23.72 10.53
C VAL C 375 -18.17 24.29 10.35
N ASP C 376 -18.56 24.56 9.10
CA ASP C 376 -19.82 25.22 8.83
C ASP C 376 -20.67 24.41 7.87
N GLN C 377 -21.95 24.26 8.23
CA GLN C 377 -22.92 23.61 7.39
C GLN C 377 -23.61 24.66 6.53
N PHE C 378 -23.74 24.37 5.23
CA PHE C 378 -24.50 25.21 4.31
C PHE C 378 -25.68 24.40 3.79
N LEU C 379 -26.88 24.80 4.23
CA LEU C 379 -28.12 24.09 3.93
C LEU C 379 -28.79 24.75 2.73
N PHE C 380 -29.07 23.97 1.71
CA PHE C 380 -29.67 24.51 0.50
C PHE C 380 -31.18 24.41 0.55
N PRO C 381 -31.88 25.19 -0.28
CA PRO C 381 -33.35 25.13 -0.29
C PRO C 381 -33.92 23.72 -0.46
N ASP C 382 -33.24 22.84 -1.20
CA ASP C 382 -33.82 21.51 -1.44
C ASP C 382 -33.60 20.55 -0.28
N GLY C 383 -33.01 21.00 0.82
CA GLY C 383 -32.81 20.17 1.98
C GLY C 383 -31.43 19.54 2.11
N HIS C 384 -30.65 19.47 1.03
CA HIS C 384 -29.29 18.94 1.16
C HIS C 384 -28.34 20.03 1.64
N SER C 385 -27.23 19.59 2.23
CA SER C 385 -26.22 20.46 2.80
C SER C 385 -24.84 20.04 2.32
N ILE C 386 -23.91 20.98 2.37
CA ILE C 386 -22.50 20.61 2.33
C ILE C 386 -21.88 21.10 3.62
N ILE C 387 -20.72 20.52 3.96
CA ILE C 387 -19.92 20.89 5.12
C ILE C 387 -18.64 21.54 4.61
N LEU C 388 -18.39 22.79 5.01
CA LEU C 388 -17.23 23.55 4.56
C LEU C 388 -16.25 23.68 5.72
N LEU C 389 -14.97 23.38 5.47
CA LEU C 389 -13.96 23.45 6.52
C LEU C 389 -13.14 24.73 6.39
N ALA C 390 -12.92 25.39 7.54
CA ALA C 390 -12.00 26.52 7.65
C ALA C 390 -12.32 27.63 6.66
N GLN C 391 -13.60 27.83 6.36
CA GLN C 391 -14.04 28.87 5.43
C GLN C 391 -13.32 28.76 4.08
N GLY C 392 -12.96 27.54 3.68
CA GLY C 392 -12.26 27.34 2.43
C GLY C 392 -10.78 27.68 2.44
N ARG C 393 -10.19 27.94 3.60
CA ARG C 393 -8.77 28.19 3.70
C ARG C 393 -8.06 26.91 4.17
N LEU C 394 -6.73 26.94 4.16
CA LEU C 394 -5.92 25.73 4.32
C LEU C 394 -6.43 24.85 5.46
N VAL C 395 -6.88 23.64 5.12
CA VAL C 395 -7.54 22.78 6.11
C VAL C 395 -6.52 22.16 7.07
N ASN C 396 -5.31 21.86 6.61
CA ASN C 396 -4.34 21.21 7.49
C ASN C 396 -3.92 22.16 8.61
N LEU C 397 -3.75 23.44 8.29
CA LEU C 397 -3.32 24.43 9.26
C LEU C 397 -4.49 25.11 9.99
N GLY C 398 -5.65 25.18 9.34
CA GLY C 398 -6.78 25.86 9.95
C GLY C 398 -7.60 24.97 10.86
N CYS C 399 -7.64 23.68 10.56
CA CYS C 399 -8.37 22.73 11.40
C CYS C 399 -7.46 21.84 12.22
N ALA C 400 -6.17 21.79 11.92
CA ALA C 400 -5.28 21.03 12.78
C ALA C 400 -3.98 21.82 12.98
N THR C 401 -2.82 21.16 12.95
CA THR C 401 -1.58 21.82 13.33
C THR C 401 -0.58 21.95 12.18
N GLY C 402 -1.01 21.73 10.94
CA GLY C 402 -0.08 21.77 9.83
C GLY C 402 0.84 20.56 9.81
N HIS C 403 1.85 20.65 8.95
CA HIS C 403 2.83 19.59 8.79
C HIS C 403 3.55 19.34 10.12
N PRO C 404 4.01 18.12 10.34
CA PRO C 404 4.75 17.82 11.57
C PRO C 404 6.17 18.36 11.52
N ALA C 405 6.81 18.39 12.70
CA ALA C 405 8.06 19.12 12.86
C ALA C 405 9.18 18.54 11.99
N PHE C 406 9.25 17.22 11.86
CA PHE C 406 10.40 16.65 11.16
C PHE C 406 10.47 17.12 9.72
N VAL C 407 9.34 17.14 9.00
CA VAL C 407 9.42 17.56 7.62
C VAL C 407 9.58 19.08 7.51
N MET C 408 8.98 19.85 8.43
CA MET C 408 9.20 21.29 8.43
C MET C 408 10.65 21.64 8.73
N SER C 409 11.36 20.74 9.42
CA SER C 409 12.79 20.95 9.62
C SER C 409 13.53 21.02 8.29
N ALA C 410 13.18 20.15 7.33
CA ALA C 410 13.78 20.21 6.01
C ALA C 410 13.44 21.52 5.30
N SER C 411 12.16 21.89 5.30
CA SER C 411 11.76 23.15 4.68
C SER C 411 12.45 24.34 5.34
N PHE C 412 12.46 24.38 6.67
CA PHE C 412 13.01 25.54 7.36
C PHE C 412 14.53 25.53 7.42
N THR C 413 15.18 24.38 7.24
CA THR C 413 16.63 24.43 7.02
C THR C 413 16.93 25.10 5.69
N ASN C 414 16.15 24.81 4.64
CA ASN C 414 16.26 25.55 3.39
C ASN C 414 16.03 27.05 3.61
N GLN C 415 15.01 27.42 4.39
CA GLN C 415 14.78 28.84 4.67
C GLN C 415 16.00 29.47 5.32
N THR C 416 16.54 28.80 6.35
CA THR C 416 17.66 29.37 7.09
C THR C 416 18.88 29.55 6.19
N LEU C 417 19.17 28.56 5.35
CA LEU C 417 20.31 28.67 4.45
C LEU C 417 20.06 29.73 3.38
N ALA C 418 18.81 29.87 2.93
CA ALA C 418 18.48 30.93 1.98
C ALA C 418 18.69 32.31 2.59
N GLN C 419 18.30 32.48 3.85
CA GLN C 419 18.48 33.77 4.52
C GLN C 419 19.96 34.13 4.63
N ILE C 420 20.78 33.17 5.05
CA ILE C 420 22.21 33.42 5.17
C ILE C 420 22.81 33.77 3.81
N SER C 421 22.46 32.99 2.79
CA SER C 421 22.97 33.26 1.45
C SER C 421 22.53 34.62 0.94
N LEU C 422 21.25 34.97 1.13
CA LEU C 422 20.80 36.29 0.70
C LEU C 422 21.60 37.40 1.36
N TRP C 423 22.00 37.20 2.61
CA TRP C 423 22.73 38.25 3.30
C TRP C 423 24.21 38.25 2.91
N LYS C 424 24.82 37.07 2.78
CA LYS C 424 26.27 36.98 2.62
C LYS C 424 26.73 37.01 1.17
N ASP C 425 25.90 36.55 0.24
CA ASP C 425 26.30 36.43 -1.16
C ASP C 425 25.65 37.53 -1.99
N LYS C 426 26.27 37.80 -3.14
CA LYS C 426 25.84 38.86 -4.03
C LYS C 426 24.87 38.26 -5.05
N TYR C 427 23.65 38.77 -5.06
CA TYR C 427 22.63 38.34 -5.99
C TYR C 427 22.17 39.56 -6.78
N GLU C 428 21.91 39.37 -8.07
CA GLU C 428 21.19 40.38 -8.83
C GLU C 428 19.69 40.22 -8.59
N ILE C 429 18.91 41.22 -9.02
CA ILE C 429 17.47 41.08 -8.95
C ILE C 429 17.06 39.93 -9.87
N GLY C 430 16.33 38.97 -9.32
CA GLY C 430 16.04 37.74 -10.03
C GLY C 430 15.54 36.72 -9.03
N VAL C 431 15.13 35.57 -9.56
CA VAL C 431 14.62 34.48 -8.72
C VAL C 431 15.58 33.29 -8.86
N TYR C 432 16.08 32.81 -7.72
CA TYR C 432 17.13 31.80 -7.69
C TYR C 432 16.69 30.62 -6.84
N THR C 433 17.29 29.46 -7.10
CA THR C 433 17.18 28.28 -6.24
C THR C 433 18.52 28.01 -5.57
N LEU C 434 18.48 27.35 -4.43
CA LEU C 434 19.72 27.04 -3.73
C LEU C 434 20.52 26.00 -4.53
N PRO C 435 21.86 26.02 -4.43
CA PRO C 435 22.67 25.03 -5.16
C PRO C 435 22.38 23.61 -4.73
N LYS C 436 22.57 22.68 -5.67
CA LYS C 436 22.23 21.29 -5.41
C LYS C 436 23.01 20.73 -4.21
N VAL C 437 24.28 21.12 -4.03
CA VAL C 437 25.03 20.58 -2.90
C VAL C 437 24.42 21.00 -1.57
N LEU C 438 23.84 22.21 -1.49
CA LEU C 438 23.14 22.62 -0.28
C LEU C 438 21.87 21.82 -0.08
N ASP C 439 21.12 21.61 -1.17
CA ASP C 439 19.96 20.73 -1.15
C ASP C 439 20.33 19.36 -0.62
N GLU C 440 21.41 18.77 -1.15
CA GLU C 440 21.88 17.49 -0.66
C GLU C 440 22.27 17.56 0.81
N GLU C 441 22.89 18.67 1.23
CA GLU C 441 23.27 18.79 2.63
C GLU C 441 22.03 18.82 3.53
N VAL C 442 20.94 19.45 3.09
CA VAL C 442 19.72 19.43 3.88
C VAL C 442 19.24 17.99 4.09
N ALA C 443 19.27 17.19 3.01
CA ALA C 443 18.89 15.78 3.14
C ALA C 443 19.80 15.05 4.13
N ARG C 444 21.13 15.25 4.00
CA ARG C 444 22.07 14.57 4.87
C ARG C 444 21.76 14.80 6.35
N LEU C 445 21.41 16.04 6.70
CA LEU C 445 21.18 16.40 8.10
C LEU C 445 19.98 15.69 8.70
N HIS C 446 19.10 15.14 7.88
CA HIS C 446 17.90 14.48 8.39
C HIS C 446 18.00 12.96 8.33
N LEU C 447 19.07 12.40 7.77
CA LEU C 447 19.16 10.95 7.60
C LEU C 447 19.48 10.23 8.90
N GLU C 448 20.36 10.78 9.73
CA GLU C 448 20.78 10.05 10.93
C GLU C 448 19.59 9.81 11.85
N LYS C 449 18.73 10.82 12.04
CA LYS C 449 17.57 10.65 12.91
C LYS C 449 16.69 9.50 12.45
N LEU C 450 16.64 9.26 11.15
CA LEU C 450 15.83 8.15 10.63
C LEU C 450 16.58 6.83 10.61
N GLY C 451 17.80 6.78 11.14
CA GLY C 451 18.57 5.56 11.14
C GLY C 451 19.12 5.15 9.78
N ALA C 452 19.12 6.05 8.81
CA ALA C 452 19.54 5.69 7.45
C ALA C 452 21.06 5.76 7.36
N LYS C 453 21.65 4.78 6.67
CA LYS C 453 23.09 4.75 6.45
C LYS C 453 23.39 4.90 4.96
N LEU C 454 24.05 5.99 4.61
CA LEU C 454 24.36 6.32 3.23
C LEU C 454 25.60 5.57 2.77
N THR C 455 25.60 5.16 1.51
CA THR C 455 26.77 4.50 0.95
C THR C 455 27.71 5.57 0.39
N LYS C 456 29.01 5.33 0.54
CA LYS C 456 30.05 6.22 0.04
C LYS C 456 30.64 5.65 -1.25
N LEU C 457 30.69 6.48 -2.30
CA LEU C 457 31.32 6.08 -3.55
C LEU C 457 32.81 5.84 -3.36
N THR C 458 33.33 4.81 -4.02
CA THR C 458 34.77 4.74 -4.15
C THR C 458 35.22 5.71 -5.24
N THR C 459 36.52 5.99 -5.25
CA THR C 459 37.08 6.86 -6.27
C THR C 459 36.76 6.35 -7.67
N SER C 460 36.89 5.05 -7.88
CA SER C 460 36.65 4.47 -9.20
CA SER C 460 36.66 4.50 -9.22
C SER C 460 35.18 4.59 -9.59
N GLN C 461 34.28 4.42 -8.63
CA GLN C 461 32.85 4.55 -8.91
C GLN C 461 32.49 6.00 -9.23
N ALA C 462 33.02 6.95 -8.44
CA ALA C 462 32.74 8.35 -8.71
C ALA C 462 33.22 8.74 -10.10
N ASP C 463 34.41 8.29 -10.49
CA ASP C 463 34.90 8.57 -11.84
CA ASP C 463 34.90 8.57 -11.83
C ASP C 463 34.00 7.93 -12.89
N TYR C 464 33.55 6.70 -12.63
CA TYR C 464 32.72 5.96 -13.58
C TYR C 464 31.43 6.71 -13.91
N ILE C 465 30.72 7.22 -12.90
CA ILE C 465 29.49 7.96 -13.16
C ILE C 465 29.73 9.45 -13.25
N GLY C 466 30.97 9.92 -13.08
CA GLY C 466 31.32 11.29 -13.36
C GLY C 466 30.86 12.29 -12.33
N VAL C 467 30.98 11.97 -11.04
CA VAL C 467 30.61 12.89 -9.99
C VAL C 467 31.76 12.99 -9.01
N ASN C 468 31.80 14.11 -8.29
CA ASN C 468 32.61 14.19 -7.09
C ASN C 468 31.99 13.30 -6.03
N ALA C 469 32.82 12.51 -5.33
CA ALA C 469 32.30 11.60 -4.33
C ALA C 469 31.52 12.30 -3.24
N ASN C 470 31.73 13.61 -3.07
CA ASN C 470 31.00 14.41 -2.10
C ASN C 470 29.85 15.17 -2.72
N GLY C 471 29.52 14.90 -3.98
CA GLY C 471 28.42 15.59 -4.61
C GLY C 471 28.83 16.86 -5.32
N PRO C 472 27.91 17.47 -6.08
CA PRO C 472 26.53 17.01 -6.28
C PRO C 472 26.48 15.71 -7.11
N TYR C 473 25.42 14.92 -6.92
CA TYR C 473 25.35 13.59 -7.49
C TYR C 473 24.48 13.51 -8.74
N LYS C 474 23.72 14.56 -9.04
CA LYS C 474 22.77 14.56 -10.14
C LYS C 474 22.97 15.79 -11.00
N ALA C 475 22.57 15.68 -12.26
CA ALA C 475 22.58 16.81 -13.18
C ALA C 475 21.57 17.87 -12.72
N ASP C 476 21.79 19.11 -13.16
CA ASP C 476 20.99 20.23 -12.67
CA ASP C 476 20.99 20.23 -12.67
C ASP C 476 19.50 19.99 -12.84
N HIS C 477 19.09 19.36 -13.94
CA HIS C 477 17.69 19.19 -14.28
C HIS C 477 17.13 17.84 -13.87
N TYR C 478 17.85 17.07 -13.05
CA TYR C 478 17.32 15.79 -12.61
C TYR C 478 16.05 16.02 -11.80
N ARG C 479 15.06 15.14 -11.99
CA ARG C 479 13.75 15.37 -11.41
C ARG C 479 13.46 14.58 -10.14
N TYR C 480 14.31 13.62 -9.76
CA TYR C 480 14.06 12.79 -8.59
C TYR C 480 12.67 12.17 -8.65
N THR D 16 14.43 -7.48 -51.62
CA THR D 16 15.76 -7.89 -51.15
C THR D 16 15.76 -8.18 -49.64
N ILE D 17 15.67 -9.46 -49.29
CA ILE D 17 15.42 -9.87 -47.91
C ILE D 17 16.73 -10.24 -47.24
N GLU D 18 16.91 -9.82 -45.99
CA GLU D 18 18.16 -10.08 -45.27
C GLU D 18 17.87 -10.08 -43.78
N TYR D 19 18.29 -11.13 -43.08
CA TYR D 19 18.09 -11.15 -41.63
C TYR D 19 18.93 -12.27 -41.02
N GLN D 20 19.05 -12.24 -39.70
CA GLN D 20 19.71 -13.29 -38.94
C GLN D 20 18.96 -13.44 -37.63
N VAL D 21 18.17 -14.50 -37.50
CA VAL D 21 17.38 -14.75 -36.29
C VAL D 21 17.53 -16.22 -35.92
N LYS D 22 17.05 -16.57 -34.72
CA LYS D 22 17.22 -17.94 -34.22
C LYS D 22 16.37 -18.94 -35.00
N ASP D 23 15.08 -18.63 -35.20
CA ASP D 23 14.13 -19.68 -35.55
C ASP D 23 12.89 -19.05 -36.21
N MET D 24 12.84 -19.12 -37.54
CA MET D 24 11.72 -18.54 -38.27
C MET D 24 10.40 -19.28 -38.05
N SER D 25 10.42 -20.52 -37.54
CA SER D 25 9.14 -21.17 -37.27
C SER D 25 8.37 -20.51 -36.13
N LEU D 26 8.98 -19.55 -35.44
CA LEU D 26 8.31 -18.81 -34.37
C LEU D 26 7.56 -17.59 -34.88
N ALA D 27 7.63 -17.32 -36.17
CA ALA D 27 7.11 -16.06 -36.70
C ALA D 27 5.62 -15.90 -36.41
N SER D 28 4.83 -16.94 -36.66
CA SER D 28 3.39 -16.83 -36.47
CA SER D 28 3.39 -16.80 -36.48
C SER D 28 3.04 -16.54 -35.02
N LEU D 29 3.75 -17.17 -34.08
CA LEU D 29 3.53 -16.86 -32.67
C LEU D 29 3.87 -15.40 -32.39
N GLY D 30 5.03 -14.94 -32.88
CA GLY D 30 5.42 -13.57 -32.64
C GLY D 30 4.45 -12.58 -33.23
N ARG D 31 3.90 -12.89 -34.41
CA ARG D 31 2.96 -11.99 -35.04
C ARG D 31 1.66 -11.88 -34.24
N LYS D 32 1.20 -13.00 -33.67
CA LYS D 32 0.04 -12.95 -32.77
C LYS D 32 0.30 -12.07 -31.56
N ARG D 33 1.50 -12.17 -30.97
CA ARG D 33 1.81 -11.35 -29.80
CA ARG D 33 1.81 -11.35 -29.80
C ARG D 33 1.93 -9.87 -30.18
N ILE D 34 2.46 -9.60 -31.37
CA ILE D 34 2.55 -8.24 -31.88
C ILE D 34 1.16 -7.64 -32.04
N GLU D 35 0.23 -8.42 -32.61
CA GLU D 35 -1.14 -7.94 -32.78
C GLU D 35 -1.79 -7.61 -31.44
N MET D 36 -1.55 -8.43 -30.41
CA MET D 36 -2.04 -8.09 -29.09
C MET D 36 -1.39 -6.82 -28.58
N ALA D 37 -0.08 -6.67 -28.77
CA ALA D 37 0.60 -5.49 -28.25
C ALA D 37 0.14 -4.22 -28.96
N GLU D 38 -0.16 -4.29 -30.26
CA GLU D 38 -0.64 -3.10 -30.96
C GLU D 38 -1.86 -2.51 -30.27
N LYS D 39 -2.79 -3.37 -29.83
CA LYS D 39 -3.99 -2.87 -29.19
C LYS D 39 -3.73 -2.33 -27.79
N GLU D 40 -2.51 -2.51 -27.26
CA GLU D 40 -2.11 -1.95 -25.97
C GLU D 40 -1.24 -0.71 -26.12
N MET D 41 -1.03 -0.21 -27.34
CA MET D 41 -0.07 0.85 -27.61
C MET D 41 -0.73 2.00 -28.38
N PRO D 42 -1.67 2.70 -27.74
CA PRO D 42 -2.42 3.73 -28.48
C PRO D 42 -1.53 4.86 -28.98
N GLY D 43 -0.41 5.12 -28.30
CA GLY D 43 0.47 6.19 -28.75
C GLY D 43 1.11 5.88 -30.09
N LEU D 44 1.61 4.65 -30.25
CA LEU D 44 2.19 4.25 -31.52
C LEU D 44 1.13 4.13 -32.61
N MET D 45 -0.06 3.63 -32.25
CA MET D 45 -1.11 3.55 -33.27
C MET D 45 -1.58 4.94 -33.68
N ALA D 46 -1.57 5.91 -32.76
CA ALA D 46 -1.88 7.28 -33.17
C ALA D 46 -0.82 7.86 -34.08
N CYS D 47 0.46 7.50 -33.88
CA CYS D 47 1.50 7.96 -34.80
C CYS D 47 1.25 7.43 -36.20
N ARG D 48 0.90 6.15 -36.32
CA ARG D 48 0.58 5.60 -37.63
C ARG D 48 -0.60 6.33 -38.25
N ALA D 49 -1.63 6.61 -37.45
CA ALA D 49 -2.81 7.27 -37.98
C ALA D 49 -2.48 8.69 -38.44
N LYS D 50 -1.62 9.40 -37.69
CA LYS D 50 -1.34 10.78 -38.05
C LYS D 50 -0.37 10.88 -39.22
N TYR D 51 0.66 10.03 -39.25
CA TYR D 51 1.77 10.20 -40.19
C TYR D 51 1.87 9.10 -41.25
N GLY D 52 1.02 8.09 -41.20
CA GLY D 52 1.14 6.98 -42.13
C GLY D 52 0.90 7.35 -43.58
N GLU D 53 0.16 8.43 -43.84
CA GLU D 53 -0.07 8.84 -45.21
C GLU D 53 1.00 9.79 -45.73
N GLU D 54 1.31 10.87 -45.00
CA GLU D 54 2.33 11.79 -45.50
C GLU D 54 3.71 11.16 -45.46
N LYS D 55 3.94 10.21 -44.55
CA LYS D 55 5.21 9.49 -44.44
C LYS D 55 6.36 10.47 -44.34
N PRO D 56 6.48 11.18 -43.22
CA PRO D 56 7.59 12.14 -43.06
C PRO D 56 8.95 11.48 -43.09
N LEU D 57 9.05 10.17 -42.82
CA LEU D 57 10.31 9.47 -42.90
C LEU D 57 10.47 8.66 -44.18
N ASN D 58 9.76 9.04 -45.24
CA ASN D 58 9.77 8.25 -46.47
C ASN D 58 11.18 8.06 -47.01
N GLY D 59 11.63 6.81 -47.07
CA GLY D 59 12.93 6.48 -47.59
C GLY D 59 14.11 6.77 -46.67
N VAL D 60 13.85 7.27 -45.46
CA VAL D 60 14.93 7.61 -44.54
C VAL D 60 15.51 6.32 -43.97
N ARG D 61 16.84 6.19 -44.04
CA ARG D 61 17.54 5.01 -43.52
C ARG D 61 17.63 5.11 -42.00
N ILE D 62 17.01 4.16 -41.30
CA ILE D 62 16.95 4.15 -39.85
C ILE D 62 17.64 2.89 -39.34
N THR D 63 18.67 3.06 -38.52
CA THR D 63 19.27 1.95 -37.78
C THR D 63 18.75 1.96 -36.35
N GLY D 64 18.27 0.81 -35.89
CA GLY D 64 17.84 0.71 -34.51
C GLY D 64 18.66 -0.32 -33.76
N SER D 65 19.09 0.02 -32.54
CA SER D 65 19.77 -0.90 -31.63
C SER D 65 19.00 -0.83 -30.32
N LEU D 66 18.06 -1.75 -30.14
CA LEU D 66 17.12 -1.66 -29.05
C LEU D 66 16.47 -3.02 -28.89
N HIS D 67 16.45 -3.53 -27.65
CA HIS D 67 15.89 -4.84 -27.30
C HIS D 67 14.83 -5.31 -28.27
N MET D 68 15.05 -6.44 -28.93
CA MET D 68 14.16 -6.91 -30.00
C MET D 68 13.00 -7.69 -29.39
N THR D 69 12.11 -6.95 -28.72
CA THR D 69 10.93 -7.46 -28.06
C THR D 69 9.69 -7.25 -28.92
N VAL D 70 8.56 -7.80 -28.45
CA VAL D 70 7.27 -7.56 -29.09
CA VAL D 70 7.32 -7.54 -29.17
C VAL D 70 6.99 -6.06 -29.16
N GLU D 71 7.31 -5.35 -28.07
CA GLU D 71 7.04 -3.92 -28.02
C GLU D 71 7.89 -3.18 -29.04
N THR D 72 9.18 -3.53 -29.13
CA THR D 72 10.04 -2.94 -30.16
C THR D 72 9.53 -3.27 -31.56
N ALA D 73 8.94 -4.45 -31.76
CA ALA D 73 8.37 -4.76 -33.08
C ALA D 73 7.32 -3.74 -33.47
N VAL D 74 6.50 -3.30 -32.52
CA VAL D 74 5.46 -2.32 -32.86
C VAL D 74 6.09 -0.97 -33.21
N LEU D 75 7.14 -0.59 -32.49
CA LEU D 75 7.91 0.60 -32.85
C LEU D 75 8.49 0.48 -34.26
N ILE D 76 9.18 -0.61 -34.53
CA ILE D 76 9.80 -0.82 -35.85
C ILE D 76 8.76 -0.63 -36.95
N GLU D 77 7.60 -1.28 -36.79
CA GLU D 77 6.59 -1.20 -37.82
C GLU D 77 5.82 0.12 -37.79
N THR D 78 5.93 0.90 -36.70
CA THR D 78 5.44 2.29 -36.75
C THR D 78 6.39 3.16 -37.58
N LEU D 79 7.70 3.05 -37.34
CA LEU D 79 8.66 3.77 -38.17
C LEU D 79 8.53 3.37 -39.63
N LYS D 80 8.24 2.09 -39.88
CA LYS D 80 8.06 1.63 -41.25
C LYS D 80 6.80 2.20 -41.86
N ALA D 81 5.71 2.23 -41.08
CA ALA D 81 4.43 2.75 -41.58
C ALA D 81 4.53 4.22 -41.94
N ILE D 82 5.42 4.97 -41.29
CA ILE D 82 5.57 6.38 -41.62
C ILE D 82 6.74 6.61 -42.57
N GLY D 83 7.27 5.55 -43.17
CA GLY D 83 8.09 5.65 -44.36
C GLY D 83 9.49 5.13 -44.23
N GLY D 84 9.94 4.75 -43.02
CA GLY D 84 11.36 4.47 -42.82
C GLY D 84 11.84 3.23 -43.54
N ASN D 85 13.12 3.26 -43.90
CA ASN D 85 13.86 2.13 -44.45
C ASN D 85 14.76 1.63 -43.32
N ILE D 86 14.35 0.51 -42.68
CA ILE D 86 14.81 0.18 -41.33
CA ILE D 86 14.79 0.16 -41.33
C ILE D 86 15.71 -1.05 -41.34
N ARG D 87 16.72 -1.05 -40.47
CA ARG D 87 17.52 -2.22 -40.15
C ARG D 87 17.68 -2.24 -38.63
N TRP D 88 17.61 -3.42 -38.02
CA TRP D 88 17.49 -3.48 -36.56
C TRP D 88 18.41 -4.54 -35.98
N CYS D 89 18.86 -4.26 -34.74
CA CYS D 89 19.54 -5.23 -33.91
C CYS D 89 19.11 -5.00 -32.47
N SER D 90 19.40 -5.95 -31.59
CA SER D 90 19.11 -5.75 -30.18
C SER D 90 20.29 -5.05 -29.52
N CYS D 91 20.03 -4.36 -28.41
CA CYS D 91 21.10 -3.73 -27.64
C CYS D 91 21.55 -4.57 -26.46
N ASN D 92 21.10 -5.82 -26.38
CA ASN D 92 21.45 -6.67 -25.26
C ASN D 92 21.43 -8.13 -25.71
N ILE D 93 22.43 -8.90 -25.31
CA ILE D 93 22.58 -10.26 -25.84
C ILE D 93 21.50 -11.23 -25.37
N PHE D 94 20.75 -10.90 -24.30
CA PHE D 94 19.71 -11.78 -23.81
C PHE D 94 18.30 -11.25 -23.99
N SER D 95 18.13 -10.03 -24.49
CA SER D 95 16.80 -9.41 -24.43
C SER D 95 15.92 -9.71 -25.63
N THR D 96 16.44 -10.31 -26.70
CA THR D 96 15.63 -10.57 -27.88
C THR D 96 14.55 -11.60 -27.58
N GLN D 97 13.34 -11.33 -28.02
CA GLN D 97 12.28 -12.32 -28.03
C GLN D 97 12.30 -12.95 -29.41
N ASP D 98 12.72 -14.21 -29.49
CA ASP D 98 13.01 -14.81 -30.79
C ASP D 98 11.77 -14.85 -31.67
N ASP D 99 10.59 -14.97 -31.06
CA ASP D 99 9.37 -14.96 -31.87
C ASP D 99 9.09 -13.59 -32.45
N ALA D 100 9.34 -12.52 -31.68
CA ALA D 100 9.16 -11.18 -32.24
C ALA D 100 10.16 -10.89 -33.34
N ALA D 101 11.43 -11.31 -33.16
CA ALA D 101 12.42 -11.12 -34.20
C ALA D 101 12.03 -11.85 -35.48
N ALA D 102 11.56 -13.11 -35.33
CA ALA D 102 11.15 -13.87 -36.50
C ALA D 102 9.97 -13.21 -37.20
N ALA D 103 9.03 -12.65 -36.43
CA ALA D 103 7.86 -12.02 -37.05
C ALA D 103 8.27 -10.75 -37.79
N ILE D 104 9.19 -9.99 -37.23
CA ILE D 104 9.72 -8.80 -37.93
C ILE D 104 10.45 -9.22 -39.20
N ALA D 105 11.31 -10.24 -39.10
CA ALA D 105 12.02 -10.73 -40.28
C ALA D 105 11.05 -11.23 -41.36
N ALA D 106 9.98 -11.92 -40.95
CA ALA D 106 9.01 -12.46 -41.91
C ALA D 106 8.22 -11.36 -42.60
N ALA D 107 8.14 -10.18 -42.00
CA ALA D 107 7.49 -9.03 -42.62
C ALA D 107 8.47 -8.14 -43.36
N ASN D 108 9.65 -8.69 -43.71
CA ASN D 108 10.57 -8.08 -44.68
C ASN D 108 11.30 -6.85 -44.13
N THR D 109 11.53 -6.81 -42.83
CA THR D 109 12.45 -5.83 -42.25
C THR D 109 13.74 -6.51 -41.83
N PRO D 110 14.91 -6.03 -42.25
CA PRO D 110 16.15 -6.65 -41.81
C PRO D 110 16.31 -6.54 -40.30
N VAL D 111 16.55 -7.67 -39.65
CA VAL D 111 16.76 -7.72 -38.21
C VAL D 111 17.83 -8.78 -37.93
N PHE D 112 18.76 -8.45 -37.05
CA PHE D 112 19.91 -9.31 -36.74
C PHE D 112 19.94 -9.38 -35.22
N ALA D 113 19.29 -10.40 -34.67
CA ALA D 113 19.02 -10.46 -33.23
C ALA D 113 18.51 -11.81 -32.80
N TRP D 114 19.07 -12.34 -31.72
CA TRP D 114 18.54 -13.55 -31.13
C TRP D 114 18.95 -13.59 -29.66
N LYS D 115 18.19 -14.34 -28.89
CA LYS D 115 18.52 -14.48 -27.48
C LYS D 115 19.75 -15.37 -27.34
N GLY D 116 20.74 -14.90 -26.59
CA GLY D 116 21.91 -15.71 -26.32
C GLY D 116 23.07 -15.45 -27.25
N GLU D 117 23.17 -14.25 -27.82
CA GLU D 117 24.32 -13.90 -28.64
C GLU D 117 25.60 -13.95 -27.82
N THR D 118 26.69 -14.33 -28.49
CA THR D 118 28.00 -14.05 -27.91
C THR D 118 28.33 -12.57 -28.08
N LEU D 119 29.37 -12.12 -27.36
CA LEU D 119 29.77 -10.72 -27.48
C LEU D 119 30.27 -10.39 -28.88
N VAL D 120 30.99 -11.32 -29.51
CA VAL D 120 31.41 -11.13 -30.90
C VAL D 120 30.20 -11.01 -31.81
N GLU D 121 29.24 -11.91 -31.66
CA GLU D 121 28.02 -11.87 -32.45
C GLU D 121 27.25 -10.58 -32.22
N TYR D 122 27.16 -10.14 -30.96
CA TYR D 122 26.47 -8.90 -30.63
C TYR D 122 26.99 -7.72 -31.43
N TRP D 123 28.32 -7.54 -31.45
CA TRP D 123 28.84 -6.36 -32.15
C TRP D 123 28.73 -6.54 -33.65
N GLU D 124 28.81 -7.78 -34.14
CA GLU D 124 28.61 -8.01 -35.56
C GLU D 124 27.18 -7.68 -35.99
N CYS D 125 26.18 -8.04 -35.17
CA CYS D 125 24.81 -7.63 -35.46
C CYS D 125 24.66 -6.11 -35.46
N THR D 126 25.33 -5.42 -34.54
CA THR D 126 25.33 -3.97 -34.54
C THR D 126 25.81 -3.42 -35.87
N TRP D 127 26.94 -3.95 -36.36
CA TRP D 127 27.49 -3.53 -37.66
C TRP D 127 26.54 -3.80 -38.80
N LYS D 128 25.92 -4.99 -38.81
CA LYS D 128 24.93 -5.31 -39.85
C LYS D 128 23.78 -4.30 -39.83
N ALA D 129 23.32 -3.90 -38.65
CA ALA D 129 22.23 -2.94 -38.61
C ALA D 129 22.67 -1.55 -39.09
N ILE D 130 23.95 -1.21 -38.88
CA ILE D 130 24.45 0.10 -39.31
C ILE D 130 24.67 0.13 -40.83
N ARG D 131 25.22 -0.94 -41.41
CA ARG D 131 25.64 -0.88 -42.81
C ARG D 131 24.44 -1.12 -43.72
N PHE D 132 23.91 -0.05 -44.32
CA PHE D 132 22.83 -0.20 -45.28
C PHE D 132 23.31 -0.70 -46.65
N GLY D 133 24.58 -0.54 -46.94
CA GLY D 133 25.15 -1.00 -48.18
C GLY D 133 26.55 -0.43 -48.31
N PRO D 134 27.15 -0.62 -49.48
CA PRO D 134 28.51 -0.12 -49.70
C PRO D 134 28.62 1.36 -49.39
N TYR D 135 29.47 1.69 -48.41
CA TYR D 135 29.70 3.08 -48.02
C TYR D 135 28.39 3.80 -47.73
N GLN D 136 27.45 3.11 -47.09
CA GLN D 136 26.16 3.71 -46.79
C GLN D 136 25.70 3.30 -45.41
N GLY D 137 25.36 4.30 -44.59
CA GLY D 137 24.91 4.04 -43.24
C GLY D 137 23.54 4.65 -42.98
N PRO D 138 23.18 4.78 -41.71
CA PRO D 138 21.87 5.33 -41.37
C PRO D 138 21.82 6.85 -41.48
N GLN D 139 20.64 7.35 -41.74
CA GLN D 139 20.41 8.78 -41.59
C GLN D 139 19.86 9.14 -40.23
N LEU D 140 19.19 8.18 -39.57
CA LEU D 140 18.68 8.34 -38.21
C LEU D 140 19.01 7.07 -37.43
N ILE D 141 19.21 7.24 -36.13
CA ILE D 141 19.58 6.12 -35.27
C ILE D 141 18.64 6.12 -34.07
N VAL D 142 18.02 4.97 -33.81
CA VAL D 142 17.35 4.70 -32.55
C VAL D 142 18.32 3.87 -31.72
N ASP D 143 18.71 4.38 -30.55
CA ASP D 143 19.74 3.72 -29.78
C ASP D 143 19.28 3.55 -28.33
N ASP D 144 19.81 2.51 -27.69
CA ASP D 144 19.45 2.16 -26.32
C ASP D 144 20.75 1.72 -25.66
N GLY D 145 21.39 2.64 -24.94
CA GLY D 145 22.63 2.37 -24.27
C GLY D 145 23.84 2.90 -24.98
N GLY D 146 23.67 3.41 -26.19
CA GLY D 146 24.74 4.07 -26.91
C GLY D 146 25.73 3.18 -27.62
N ASP D 147 25.51 1.87 -27.68
CA ASP D 147 26.53 0.99 -28.27
C ASP D 147 26.72 1.24 -29.77
N ALA D 148 25.61 1.37 -30.50
CA ALA D 148 25.72 1.67 -31.93
C ALA D 148 26.33 3.05 -32.16
N THR D 149 25.87 4.06 -31.39
CA THR D 149 26.48 5.38 -31.41
C THR D 149 27.98 5.30 -31.14
N LEU D 150 28.38 4.48 -30.16
CA LEU D 150 29.79 4.33 -29.83
C LEU D 150 30.58 3.75 -31.01
N LEU D 151 30.03 2.71 -31.65
CA LEU D 151 30.77 2.07 -32.74
C LEU D 151 31.08 3.07 -33.85
N ILE D 152 30.11 3.92 -34.19
CA ILE D 152 30.30 4.90 -35.26
C ILE D 152 31.28 5.98 -34.84
N HIS D 153 31.17 6.46 -33.60
CA HIS D 153 32.09 7.49 -33.13
C HIS D 153 33.52 6.95 -33.07
N ARG D 154 33.71 5.75 -32.55
CA ARG D 154 35.05 5.19 -32.45
C ARG D 154 35.63 4.88 -33.83
N GLY D 155 34.80 4.34 -34.72
CA GLY D 155 35.22 4.11 -36.10
C GLY D 155 35.69 5.39 -36.77
N PHE D 156 34.90 6.47 -36.62
CA PHE D 156 35.31 7.78 -37.13
C PHE D 156 36.63 8.22 -36.51
N GLN D 157 36.76 8.07 -35.19
CA GLN D 157 37.97 8.48 -34.49
C GLN D 157 39.17 7.63 -34.90
N ALA D 158 38.95 6.33 -35.14
CA ALA D 158 40.04 5.45 -35.54
C ALA D 158 40.62 5.82 -36.90
N GLU D 159 39.82 6.42 -37.78
CA GLU D 159 40.36 6.86 -39.06
C GLU D 159 41.39 7.96 -38.89
N LYS D 160 41.25 8.77 -37.84
CA LYS D 160 42.22 9.82 -37.59
C LYS D 160 43.36 9.35 -36.71
N GLU D 161 43.12 8.36 -35.85
CA GLU D 161 44.16 7.82 -34.95
C GLU D 161 44.00 6.31 -34.91
N PRO D 162 44.54 5.61 -35.92
CA PRO D 162 44.30 4.15 -35.99
C PRO D 162 44.93 3.38 -34.83
N SER D 163 45.85 4.00 -34.08
CA SER D 163 46.47 3.33 -32.95
C SER D 163 45.48 3.02 -31.83
N ILE D 164 44.33 3.69 -31.79
CA ILE D 164 43.35 3.38 -30.74
C ILE D 164 42.80 1.97 -30.92
N LEU D 165 42.85 1.42 -32.14
CA LEU D 165 42.34 0.07 -32.37
C LEU D 165 43.27 -1.01 -31.85
N ASP D 166 44.50 -0.65 -31.45
CA ASP D 166 45.43 -1.56 -30.79
C ASP D 166 45.42 -1.43 -29.27
N GLU D 167 44.59 -0.54 -28.73
CA GLU D 167 44.54 -0.29 -27.29
C GLU D 167 43.15 -0.68 -26.78
N ASP D 168 43.08 -1.81 -26.07
CA ASP D 168 41.84 -2.22 -25.42
C ASP D 168 41.88 -2.12 -23.91
N GLY D 169 43.07 -2.05 -23.31
CA GLY D 169 43.18 -1.95 -21.87
C GLY D 169 42.77 -3.20 -21.14
N GLY D 170 43.14 -4.38 -21.67
CA GLY D 170 42.77 -5.65 -21.08
C GLY D 170 41.28 -5.96 -21.07
N VAL D 171 40.43 -5.06 -21.53
CA VAL D 171 38.98 -5.27 -21.52
C VAL D 171 38.58 -6.06 -22.76
N GLU D 172 37.95 -7.23 -22.55
CA GLU D 172 37.64 -8.12 -23.67
C GLU D 172 36.72 -7.44 -24.68
N GLU D 173 35.69 -6.74 -24.21
CA GLU D 173 34.71 -6.18 -25.13
C GLU D 173 35.30 -5.08 -25.99
N LEU D 174 36.23 -4.28 -25.47
CA LEU D 174 36.87 -3.29 -26.31
C LEU D 174 37.77 -3.95 -27.35
N ARG D 175 38.41 -5.06 -26.99
CA ARG D 175 39.19 -5.79 -27.96
C ARG D 175 38.30 -6.28 -29.11
N ILE D 176 37.10 -6.75 -28.78
CA ILE D 176 36.17 -7.20 -29.83
C ILE D 176 35.77 -6.03 -30.73
N VAL D 177 35.45 -4.89 -30.12
CA VAL D 177 35.08 -3.72 -30.91
C VAL D 177 36.24 -3.26 -31.78
N ASN D 178 37.46 -3.29 -31.22
CA ASN D 178 38.64 -2.91 -32.00
C ASN D 178 38.87 -3.84 -33.19
N ASN D 179 38.75 -5.16 -32.99
CA ASN D 179 38.94 -6.09 -34.11
C ASN D 179 37.90 -5.85 -35.20
N LEU D 180 36.65 -5.58 -34.80
CA LEU D 180 35.59 -5.33 -35.77
C LEU D 180 35.89 -4.08 -36.58
N LEU D 181 36.25 -2.98 -35.91
CA LEU D 181 36.55 -1.75 -36.62
C LEU D 181 37.77 -1.90 -37.51
N LYS D 182 38.78 -2.67 -37.08
CA LYS D 182 39.93 -2.90 -37.95
C LYS D 182 39.51 -3.59 -39.23
N ARG D 183 38.60 -4.54 -39.14
CA ARG D 183 38.15 -5.26 -40.33
C ARG D 183 37.30 -4.35 -41.21
N ILE D 184 36.38 -3.60 -40.61
CA ILE D 184 35.52 -2.69 -41.37
C ILE D 184 36.37 -1.74 -42.19
N LEU D 185 37.40 -1.15 -41.58
CA LEU D 185 38.22 -0.15 -42.26
C LEU D 185 39.19 -0.79 -43.24
N LYS D 186 39.52 -2.06 -43.05
CA LYS D 186 40.27 -2.77 -44.08
C LYS D 186 39.39 -2.98 -45.31
N GLU D 187 38.15 -3.42 -45.10
CA GLU D 187 37.23 -3.72 -46.20
C GLU D 187 36.71 -2.47 -46.89
N GLU D 188 36.52 -1.39 -46.14
CA GLU D 188 35.94 -0.16 -46.66
C GLU D 188 36.67 1.00 -46.01
N PRO D 189 37.89 1.30 -46.47
CA PRO D 189 38.64 2.43 -45.90
C PRO D 189 37.80 3.70 -45.93
N GLY D 190 37.85 4.45 -44.82
CA GLY D 190 37.12 5.70 -44.76
C GLY D 190 35.63 5.57 -44.60
N PHE D 191 35.14 4.38 -44.24
CA PHE D 191 33.69 4.17 -44.19
C PHE D 191 33.02 5.20 -43.28
N PHE D 192 33.60 5.44 -42.12
CA PHE D 192 32.90 6.27 -41.14
C PHE D 192 32.99 7.74 -41.47
N SER D 193 34.12 8.20 -42.01
CA SER D 193 34.15 9.59 -42.46
C SER D 193 33.22 9.80 -43.63
N LYS D 194 32.94 8.75 -44.39
CA LYS D 194 32.00 8.88 -45.50
C LYS D 194 30.56 8.97 -45.00
N ILE D 195 30.19 8.13 -44.03
CA ILE D 195 28.78 8.04 -43.66
C ILE D 195 28.38 9.02 -42.57
N VAL D 196 29.32 9.47 -41.73
CA VAL D 196 28.94 10.34 -40.62
C VAL D 196 28.27 11.63 -41.11
N PRO D 197 28.73 12.30 -42.17
CA PRO D 197 28.01 13.50 -42.63
C PRO D 197 26.54 13.27 -42.98
N ASP D 198 26.10 12.03 -43.19
CA ASP D 198 24.71 11.75 -43.55
C ASP D 198 23.83 11.47 -42.34
N ILE D 199 24.41 11.32 -41.15
CA ILE D 199 23.63 10.99 -39.95
C ILE D 199 22.95 12.27 -39.47
N LYS D 200 21.63 12.29 -39.51
CA LYS D 200 20.92 13.47 -39.04
C LYS D 200 20.78 13.49 -37.52
N GLY D 201 20.86 12.34 -36.86
CA GLY D 201 20.82 12.34 -35.41
C GLY D 201 20.53 10.97 -34.85
N VAL D 202 20.66 10.88 -33.53
CA VAL D 202 20.34 9.68 -32.77
C VAL D 202 19.34 10.05 -31.68
N SER D 203 18.38 9.17 -31.42
CA SER D 203 17.46 9.35 -30.31
C SER D 203 17.71 8.21 -29.33
N GLU D 204 18.10 8.58 -28.09
CA GLU D 204 18.70 7.64 -27.15
C GLU D 204 17.73 7.36 -26.00
N GLU D 205 17.53 6.07 -25.73
CA GLU D 205 16.42 5.56 -24.94
C GLU D 205 16.67 5.64 -23.43
N THR D 206 17.90 5.43 -22.95
CA THR D 206 18.04 5.08 -21.54
C THR D 206 19.11 5.91 -20.84
N THR D 207 18.99 5.91 -19.50
CA THR D 207 19.79 6.79 -18.65
C THR D 207 21.29 6.67 -18.94
N THR D 208 21.80 5.43 -18.96
CA THR D 208 23.23 5.23 -19.20
C THR D 208 23.65 5.74 -20.57
N GLY D 209 22.82 5.49 -21.60
CA GLY D 209 23.15 5.98 -22.94
C GLY D 209 23.14 7.49 -23.01
N VAL D 210 22.21 8.13 -22.31
CA VAL D 210 22.16 9.58 -22.28
C VAL D 210 23.39 10.15 -21.57
N HIS D 211 23.84 9.49 -20.49
CA HIS D 211 25.06 9.92 -19.84
C HIS D 211 26.25 9.87 -20.80
N ARG D 212 26.30 8.84 -21.65
CA ARG D 212 27.37 8.76 -22.64
C ARG D 212 27.31 9.95 -23.61
N LEU D 213 26.11 10.39 -23.98
CA LEU D 213 25.96 11.50 -24.91
C LEU D 213 26.44 12.82 -24.32
N TYR D 214 26.00 13.15 -23.10
CA TYR D 214 26.43 14.40 -22.48
C TYR D 214 27.93 14.41 -22.26
N ALA D 215 28.54 13.24 -22.05
CA ALA D 215 29.98 13.20 -21.86
C ALA D 215 30.71 13.50 -23.17
N MET D 216 30.23 12.95 -24.28
CA MET D 216 30.80 13.30 -25.59
C MET D 216 30.61 14.78 -25.90
N GLN D 217 29.42 15.32 -25.62
CA GLN D 217 29.18 16.74 -25.88
C GLN D 217 30.12 17.59 -25.05
N LYS D 218 30.31 17.23 -23.77
CA LYS D 218 31.27 17.94 -22.92
C LYS D 218 32.68 17.85 -23.48
N GLN D 219 33.08 16.70 -24.01
CA GLN D 219 34.42 16.56 -24.57
C GLN D 219 34.52 17.11 -25.98
N GLY D 220 33.41 17.55 -26.57
CA GLY D 220 33.42 17.99 -27.94
C GLY D 220 33.62 16.90 -28.97
N THR D 221 33.33 15.64 -28.62
CA THR D 221 33.54 14.51 -29.51
C THR D 221 32.24 13.99 -30.13
N LEU D 222 31.08 14.47 -29.69
CA LEU D 222 29.83 14.10 -30.33
C LEU D 222 29.80 14.63 -31.76
N LEU D 223 29.36 13.77 -32.70
CA LEU D 223 29.49 14.07 -34.12
C LEU D 223 28.20 14.50 -34.79
N PHE D 224 27.05 14.27 -34.17
CA PHE D 224 25.77 14.58 -34.80
C PHE D 224 24.75 14.88 -33.70
N PRO D 225 23.62 15.48 -34.05
CA PRO D 225 22.62 15.82 -33.03
C PRO D 225 22.09 14.58 -32.34
N ALA D 226 21.67 14.77 -31.09
CA ALA D 226 21.11 13.66 -30.32
C ALA D 226 19.91 14.15 -29.51
N ILE D 227 18.89 13.32 -29.43
CA ILE D 227 17.74 13.59 -28.59
CA ILE D 227 17.72 13.59 -28.59
C ILE D 227 17.79 12.67 -27.39
N ASN D 228 17.79 13.27 -26.21
CA ASN D 228 17.72 12.54 -24.94
C ASN D 228 16.25 12.19 -24.74
N VAL D 229 15.89 10.97 -25.17
CA VAL D 229 14.51 10.51 -25.02
C VAL D 229 14.23 10.08 -23.58
N ASN D 230 15.23 9.52 -22.89
CA ASN D 230 15.03 9.08 -21.51
C ASN D 230 14.42 10.18 -20.66
N ASP D 231 14.82 11.43 -20.87
CA ASP D 231 14.41 12.51 -19.98
C ASP D 231 13.13 13.23 -20.41
N SER D 232 12.42 12.76 -21.45
CA SER D 232 11.00 13.09 -21.51
C SER D 232 10.38 12.67 -20.19
N VAL D 233 9.47 13.49 -19.66
CA VAL D 233 8.78 13.08 -18.44
C VAL D 233 8.00 11.79 -18.69
N THR D 234 7.37 11.67 -19.86
CA THR D 234 6.58 10.48 -20.16
C THR D 234 7.43 9.28 -20.52
N LYS D 235 8.75 9.39 -20.40
CA LYS D 235 9.64 8.23 -20.46
C LYS D 235 10.16 7.95 -19.06
N SER D 236 11.09 8.77 -18.55
CA SER D 236 11.78 8.50 -17.29
C SER D 236 10.82 8.26 -16.13
N LYS D 237 9.72 9.00 -16.06
CA LYS D 237 8.85 8.85 -14.89
C LYS D 237 7.72 7.85 -15.10
N PHE D 238 7.78 7.07 -16.18
CA PHE D 238 6.77 6.07 -16.46
C PHE D 238 7.42 4.72 -16.74
N ASP D 239 8.06 4.61 -17.90
CA ASP D 239 8.89 3.45 -18.24
C ASP D 239 9.83 3.08 -17.09
N ASN D 240 10.69 4.00 -16.67
CA ASN D 240 11.74 3.60 -15.72
C ASN D 240 11.15 3.12 -14.40
N ILE D 241 10.00 3.67 -14.00
CA ILE D 241 9.38 3.37 -12.71
C ILE D 241 8.35 2.25 -12.85
N TYR D 242 7.25 2.53 -13.55
CA TYR D 242 6.17 1.56 -13.58
C TYR D 242 6.47 0.40 -14.52
N GLY D 243 7.32 0.62 -15.51
CA GLY D 243 7.82 -0.51 -16.28
C GLY D 243 8.51 -1.53 -15.38
N CYS D 244 9.44 -1.06 -14.54
CA CYS D 244 10.15 -1.99 -13.66
C CYS D 244 9.24 -2.56 -12.59
N ARG D 245 8.27 -1.78 -12.11
CA ARG D 245 7.33 -2.32 -11.13
C ARG D 245 6.64 -3.57 -11.66
N HIS D 246 6.38 -3.62 -12.97
CA HIS D 246 5.85 -4.81 -13.62
C HIS D 246 6.93 -5.84 -13.90
N SER D 247 8.01 -5.45 -14.57
CA SER D 247 8.90 -6.45 -15.17
C SER D 247 10.01 -6.96 -14.24
N LEU D 248 10.34 -6.26 -13.15
CA LEU D 248 11.25 -6.89 -12.19
C LEU D 248 10.60 -8.14 -11.61
N LEU D 249 9.32 -8.03 -11.23
CA LEU D 249 8.62 -9.18 -10.65
C LEU D 249 8.53 -10.31 -11.64
N ASP D 250 8.26 -9.97 -12.90
CA ASP D 250 8.14 -10.99 -13.94
C ASP D 250 9.46 -11.73 -14.12
N GLY D 251 10.57 -10.99 -14.16
CA GLY D 251 11.86 -11.64 -14.29
C GLY D 251 12.16 -12.58 -13.15
N LEU D 252 11.91 -12.14 -11.91
CA LEU D 252 12.16 -12.99 -10.75
C LEU D 252 11.27 -14.24 -10.76
N ASN D 253 9.98 -14.08 -11.11
CA ASN D 253 9.06 -15.21 -11.17
C ASN D 253 9.54 -16.26 -12.17
N ARG D 254 9.76 -15.86 -13.43
CA ARG D 254 10.06 -16.86 -14.44
C ARG D 254 11.40 -17.54 -14.18
N ALA D 255 12.37 -16.79 -13.65
CA ALA D 255 13.69 -17.35 -13.39
C ALA D 255 13.68 -18.30 -12.20
N THR D 256 13.06 -17.88 -11.10
CA THR D 256 13.21 -18.55 -9.82
C THR D 256 11.91 -18.99 -9.18
N ASP D 257 10.77 -18.43 -9.56
CA ASP D 257 9.50 -18.71 -8.89
C ASP D 257 9.56 -18.45 -7.38
N VAL D 258 10.47 -17.57 -6.90
CA VAL D 258 10.66 -17.42 -5.46
C VAL D 258 9.54 -16.59 -4.87
N MET D 259 9.06 -16.96 -3.69
CA MET D 259 8.09 -16.12 -3.00
C MET D 259 8.78 -14.91 -2.39
N LEU D 260 8.27 -13.72 -2.68
CA LEU D 260 8.89 -12.51 -2.15
C LEU D 260 8.43 -12.20 -0.73
N ALA D 261 7.21 -12.62 -0.37
CA ALA D 261 6.63 -12.27 0.91
C ALA D 261 7.52 -12.71 2.05
N GLY D 262 7.79 -11.78 2.97
CA GLY D 262 8.61 -12.07 4.11
C GLY D 262 10.10 -12.08 3.85
N LYS D 263 10.54 -11.97 2.60
CA LYS D 263 11.97 -12.00 2.32
C LYS D 263 12.56 -10.60 2.42
N GLU D 264 13.84 -10.55 2.76
CA GLU D 264 14.56 -9.29 2.82
C GLU D 264 15.20 -9.04 1.46
N CYS D 265 14.79 -7.96 0.79
CA CYS D 265 15.20 -7.65 -0.57
C CYS D 265 15.89 -6.29 -0.59
N VAL D 266 17.09 -6.26 -1.17
CA VAL D 266 17.96 -5.09 -1.19
C VAL D 266 17.91 -4.51 -2.60
N ILE D 267 17.45 -3.28 -2.71
CA ILE D 267 17.45 -2.54 -3.96
CA ILE D 267 17.49 -2.56 -3.97
C ILE D 267 18.60 -1.54 -3.90
N CYS D 268 19.58 -1.69 -4.77
CA CYS D 268 20.73 -0.80 -4.79
C CYS D 268 20.44 0.30 -5.78
N GLY D 269 20.31 1.53 -5.28
CA GLY D 269 19.91 2.65 -6.10
C GLY D 269 18.44 2.96 -5.93
N PHE D 270 18.12 4.25 -5.78
CA PHE D 270 16.74 4.69 -5.63
C PHE D 270 16.46 5.87 -6.55
N GLY D 271 16.97 5.78 -7.79
CA GLY D 271 16.50 6.63 -8.86
C GLY D 271 15.17 6.11 -9.38
N ASP D 272 14.87 6.37 -10.65
CA ASP D 272 13.55 5.99 -11.16
C ASP D 272 13.37 4.48 -11.19
N VAL D 273 14.39 3.75 -11.66
CA VAL D 273 14.32 2.29 -11.72
C VAL D 273 14.20 1.71 -10.31
N GLY D 274 15.06 2.13 -9.40
CA GLY D 274 15.02 1.57 -8.05
C GLY D 274 13.72 1.85 -7.34
N LYS D 275 13.11 3.02 -7.60
CA LYS D 275 11.83 3.33 -7.00
C LYS D 275 10.76 2.36 -7.45
N GLY D 276 10.73 2.04 -8.75
CA GLY D 276 9.75 1.10 -9.25
C GLY D 276 10.00 -0.31 -8.75
N CYS D 277 11.27 -0.70 -8.67
CA CYS D 277 11.62 -2.02 -8.14
C CYS D 277 11.18 -2.16 -6.70
N ALA D 278 11.47 -1.14 -5.88
CA ALA D 278 11.14 -1.20 -4.46
C ALA D 278 9.63 -1.30 -4.25
N GLU D 279 8.87 -0.52 -5.02
CA GLU D 279 7.42 -0.58 -4.90
C GLU D 279 6.88 -1.95 -5.26
N ALA D 280 7.42 -2.56 -6.34
CA ALA D 280 6.99 -3.89 -6.73
C ALA D 280 7.24 -4.90 -5.61
N LEU D 281 8.45 -4.92 -5.06
CA LEU D 281 8.78 -5.89 -4.02
C LEU D 281 7.91 -5.67 -2.79
N LYS D 282 7.70 -4.40 -2.41
CA LYS D 282 6.87 -4.09 -1.25
C LYS D 282 5.45 -4.58 -1.44
N GLY D 283 4.90 -4.44 -2.66
CA GLY D 283 3.54 -4.88 -2.92
C GLY D 283 3.36 -6.39 -2.78
N GLN D 284 4.44 -7.15 -2.90
CA GLN D 284 4.38 -8.60 -2.78
C GLN D 284 4.77 -9.08 -1.39
N GLY D 285 4.84 -8.19 -0.41
CA GLY D 285 5.10 -8.56 0.97
C GLY D 285 6.55 -8.62 1.38
N ALA D 286 7.48 -8.15 0.55
CA ALA D 286 8.89 -8.18 0.92
C ALA D 286 9.24 -7.08 1.90
N ARG D 287 10.28 -7.33 2.70
CA ARG D 287 10.91 -6.31 3.53
C ARG D 287 12.01 -5.67 2.71
N VAL D 288 11.80 -4.43 2.30
CA VAL D 288 12.63 -3.81 1.28
C VAL D 288 13.67 -2.92 1.93
N ILE D 289 14.93 -3.16 1.59
CA ILE D 289 16.04 -2.31 1.99
CA ILE D 289 16.06 -2.34 1.98
C ILE D 289 16.56 -1.60 0.75
N VAL D 290 16.91 -0.34 0.92
CA VAL D 290 17.42 0.48 -0.18
C VAL D 290 18.84 0.92 0.16
N THR D 291 19.75 0.84 -0.81
CA THR D 291 21.05 1.49 -0.67
C THR D 291 21.12 2.69 -1.61
N GLU D 292 21.85 3.73 -1.19
CA GLU D 292 21.98 4.94 -1.98
C GLU D 292 23.26 5.67 -1.62
N ILE D 293 23.82 6.37 -2.60
CA ILE D 293 24.91 7.31 -2.34
C ILE D 293 24.40 8.74 -2.28
N ASP D 294 23.21 9.01 -2.83
CA ASP D 294 22.64 10.34 -2.91
C ASP D 294 21.74 10.56 -1.70
N PRO D 295 22.04 11.51 -0.82
CA PRO D 295 21.20 11.69 0.38
C PRO D 295 19.77 12.10 0.06
N ILE D 296 19.53 12.79 -1.07
CA ILE D 296 18.17 13.17 -1.40
C ILE D 296 17.35 11.92 -1.76
N ASN D 297 17.87 11.09 -2.67
CA ASN D 297 17.19 9.83 -2.99
C ASN D 297 17.06 8.95 -1.76
N ALA D 298 18.08 8.93 -0.90
CA ALA D 298 17.99 8.14 0.33
C ALA D 298 16.84 8.63 1.20
N LEU D 299 16.72 9.95 1.36
CA LEU D 299 15.64 10.50 2.18
C LEU D 299 14.28 10.22 1.56
N GLN D 300 14.19 10.22 0.23
CA GLN D 300 12.94 9.80 -0.40
C GLN D 300 12.59 8.37 -0.02
N ALA D 301 13.58 7.47 -0.03
CA ALA D 301 13.31 6.09 0.38
C ALA D 301 12.85 6.01 1.83
N CYS D 302 13.48 6.79 2.73
CA CYS D 302 13.02 6.83 4.10
C CYS D 302 11.55 7.23 4.22
N MET D 303 11.13 8.24 3.46
CA MET D 303 9.75 8.73 3.54
C MET D 303 8.76 7.72 3.03
N ALA D 304 9.17 6.85 2.09
CA ALA D 304 8.34 5.78 1.59
C ALA D 304 8.33 4.57 2.51
N GLY D 305 8.96 4.64 3.67
CA GLY D 305 8.93 3.52 4.59
C GLY D 305 9.96 2.43 4.36
N TYR D 306 10.96 2.65 3.52
CA TYR D 306 12.01 1.65 3.34
C TYR D 306 13.13 1.87 4.36
N THR D 307 13.90 0.82 4.60
CA THR D 307 15.11 0.92 5.40
C THR D 307 16.30 1.21 4.49
N VAL D 308 17.12 2.17 4.87
CA VAL D 308 18.24 2.58 4.04
C VAL D 308 19.53 2.14 4.72
N LYS D 309 20.27 1.24 4.07
CA LYS D 309 21.46 0.64 4.66
C LYS D 309 22.53 0.47 3.58
N THR D 310 23.71 0.05 4.00
CA THR D 310 24.69 -0.35 3.01
C THR D 310 24.56 -1.84 2.70
N VAL D 311 25.10 -2.24 1.55
CA VAL D 311 25.13 -3.66 1.20
C VAL D 311 25.81 -4.47 2.31
N GLU D 312 26.93 -3.96 2.83
CA GLU D 312 27.65 -4.67 3.88
C GLU D 312 26.75 -4.99 5.07
N ASP D 313 25.90 -4.06 5.47
CA ASP D 313 24.97 -4.21 6.59
CA ASP D 313 25.11 -4.38 6.66
C ASP D 313 23.95 -5.32 6.36
N CYS D 314 23.73 -5.71 5.10
CA CYS D 314 22.67 -6.63 4.74
C CYS D 314 23.13 -8.06 4.51
N LEU D 315 24.43 -8.29 4.38
CA LEU D 315 24.90 -9.57 3.88
C LEU D 315 24.43 -10.71 4.78
N ALA D 316 24.39 -10.48 6.10
CA ALA D 316 24.06 -11.55 7.02
C ALA D 316 22.60 -12.01 6.89
N THR D 317 21.70 -11.12 6.46
CA THR D 317 20.27 -11.41 6.54
C THR D 317 19.51 -11.33 5.21
N ALA D 318 20.08 -10.74 4.16
CA ALA D 318 19.27 -10.46 2.97
C ALA D 318 19.15 -11.68 2.07
N ASP D 319 18.01 -11.80 1.41
CA ASP D 319 17.67 -12.93 0.56
C ASP D 319 17.81 -12.64 -0.92
N ILE D 320 17.56 -11.42 -1.37
CA ILE D 320 17.58 -11.05 -2.77
C ILE D 320 18.26 -9.70 -2.91
N TYR D 321 19.10 -9.55 -3.93
CA TYR D 321 19.77 -8.30 -4.25
C TYR D 321 19.44 -7.88 -5.68
N VAL D 322 19.03 -6.62 -5.85
CA VAL D 322 18.70 -6.04 -7.16
C VAL D 322 19.55 -4.79 -7.34
N THR D 323 20.41 -4.77 -8.37
CA THR D 323 21.21 -3.59 -8.65
C THR D 323 20.51 -2.72 -9.69
N ALA D 324 20.35 -1.43 -9.36
CA ALA D 324 19.63 -0.49 -10.21
C ALA D 324 20.34 0.85 -10.25
N THR D 325 21.66 0.84 -10.39
CA THR D 325 22.43 2.07 -10.17
C THR D 325 22.93 2.71 -11.45
N GLY D 326 23.17 1.96 -12.52
CA GLY D 326 23.94 2.51 -13.62
C GLY D 326 25.42 2.66 -13.32
N ASN D 327 25.87 2.19 -12.17
CA ASN D 327 27.22 2.29 -11.67
C ASN D 327 27.85 0.90 -11.68
N LYS D 328 29.13 0.79 -11.31
CA LYS D 328 29.78 -0.51 -11.30
C LYS D 328 30.18 -0.91 -9.88
N ASP D 329 30.49 -2.20 -9.72
CA ASP D 329 31.04 -2.72 -8.49
C ASP D 329 30.08 -2.53 -7.32
N ILE D 330 28.79 -2.73 -7.59
CA ILE D 330 27.80 -2.65 -6.52
C ILE D 330 27.83 -3.90 -5.65
N ILE D 331 27.82 -5.06 -6.27
CA ILE D 331 27.84 -6.34 -5.57
C ILE D 331 29.17 -6.99 -5.92
N THR D 332 30.05 -7.07 -4.94
CA THR D 332 31.41 -7.53 -5.16
C THR D 332 31.55 -9.00 -4.79
N LEU D 333 32.66 -9.59 -5.23
CA LEU D 333 32.98 -10.96 -4.82
C LEU D 333 33.08 -11.05 -3.31
N ASP D 334 33.69 -10.06 -2.66
CA ASP D 334 33.75 -10.05 -1.20
C ASP D 334 32.35 -10.09 -0.59
N HIS D 335 31.40 -9.33 -1.13
CA HIS D 335 30.03 -9.40 -0.65
C HIS D 335 29.47 -10.80 -0.80
N MET D 336 29.62 -11.38 -1.99
CA MET D 336 28.99 -12.66 -2.29
C MET D 336 29.54 -13.78 -1.43
N LYS D 337 30.81 -13.70 -1.04
CA LYS D 337 31.38 -14.69 -0.13
C LYS D 337 30.70 -14.68 1.23
N LYS D 338 30.05 -13.58 1.61
CA LYS D 338 29.45 -13.43 2.93
C LYS D 338 27.93 -13.51 2.90
N MET D 339 27.34 -13.84 1.77
CA MET D 339 25.91 -13.83 1.64
C MET D 339 25.29 -15.11 2.17
N LYS D 340 23.99 -15.04 2.47
CA LYS D 340 23.25 -16.23 2.87
C LYS D 340 23.18 -17.21 1.71
N ASP D 341 23.09 -18.49 2.05
CA ASP D 341 22.97 -19.55 1.06
C ASP D 341 21.74 -19.34 0.18
N MET D 342 21.94 -19.46 -1.14
CA MET D 342 20.90 -19.30 -2.16
C MET D 342 20.38 -17.87 -2.27
N ALA D 343 21.10 -16.87 -1.76
CA ALA D 343 20.75 -15.49 -2.06
C ALA D 343 20.69 -15.28 -3.58
N ILE D 344 19.65 -14.58 -4.04
CA ILE D 344 19.45 -14.32 -5.47
C ILE D 344 20.03 -12.96 -5.79
N ILE D 345 20.82 -12.87 -6.86
CA ILE D 345 21.49 -11.63 -7.25
C ILE D 345 21.11 -11.31 -8.69
N CYS D 346 20.64 -10.10 -8.92
CA CYS D 346 20.29 -9.73 -10.29
C CYS D 346 20.51 -8.25 -10.49
N ASN D 347 20.50 -7.87 -11.76
CA ASN D 347 20.86 -6.53 -12.20
C ASN D 347 19.76 -6.07 -13.15
N ILE D 348 19.19 -4.91 -12.87
CA ILE D 348 18.19 -4.30 -13.74
C ILE D 348 18.65 -2.94 -14.24
N GLY D 349 19.91 -2.59 -14.00
CA GLY D 349 20.45 -1.30 -14.39
C GLY D 349 21.12 -1.36 -15.75
N HIS D 350 22.38 -1.79 -15.81
CA HIS D 350 23.07 -1.66 -17.08
C HIS D 350 24.20 -2.66 -17.16
N PHE D 351 24.53 -3.04 -18.39
CA PHE D 351 25.76 -3.77 -18.69
C PHE D 351 25.79 -5.04 -17.83
N ASP D 352 26.98 -5.47 -17.42
CA ASP D 352 27.07 -6.65 -16.58
C ASP D 352 28.11 -6.46 -15.48
N ASN D 353 28.43 -5.21 -15.14
CA ASN D 353 29.47 -4.93 -14.16
C ASN D 353 28.93 -4.31 -12.88
N GLU D 354 27.60 -4.20 -12.71
CA GLU D 354 27.07 -3.83 -11.39
C GLU D 354 27.35 -4.93 -10.39
N ILE D 355 27.20 -6.18 -10.82
CA ILE D 355 27.63 -7.36 -10.08
C ILE D 355 28.96 -7.79 -10.64
N ASP D 356 29.89 -8.21 -9.77
CA ASP D 356 31.20 -8.65 -10.24
C ASP D 356 31.12 -10.08 -10.76
N VAL D 357 30.46 -10.23 -11.92
CA VAL D 357 30.30 -11.54 -12.54
C VAL D 357 31.65 -12.07 -12.99
N LEU D 358 32.52 -11.20 -13.50
CA LEU D 358 33.83 -11.65 -13.96
C LEU D 358 34.61 -12.28 -12.81
N GLY D 359 34.55 -11.68 -11.62
CA GLY D 359 35.25 -12.23 -10.47
C GLY D 359 34.68 -13.57 -10.03
N LEU D 360 33.35 -13.72 -10.07
CA LEU D 360 32.75 -15.01 -9.81
C LEU D 360 33.29 -16.07 -10.75
N LYS D 361 33.32 -15.75 -12.04
CA LYS D 361 33.63 -16.80 -13.01
C LYS D 361 35.10 -17.15 -13.01
N THR D 362 35.96 -16.28 -12.50
CA THR D 362 37.40 -16.53 -12.52
C THR D 362 37.97 -16.81 -11.13
N CYS D 363 37.13 -16.91 -10.10
CA CYS D 363 37.60 -17.25 -8.76
C CYS D 363 37.74 -18.77 -8.66
N GLU D 364 38.96 -19.23 -8.34
CA GLU D 364 39.31 -20.64 -8.53
C GLU D 364 38.38 -21.57 -7.75
N GLY D 365 38.10 -21.25 -6.49
CA GLY D 365 37.33 -22.22 -5.72
C GLY D 365 35.82 -22.21 -5.91
N VAL D 366 35.28 -21.36 -6.78
CA VAL D 366 33.83 -21.21 -6.93
C VAL D 366 33.37 -22.01 -8.15
N LYS D 367 32.39 -22.88 -7.95
CA LYS D 367 31.89 -23.75 -9.01
C LYS D 367 30.57 -23.22 -9.54
N GLU D 368 30.47 -23.09 -10.86
CA GLU D 368 29.26 -22.61 -11.51
C GLU D 368 28.43 -23.80 -11.97
N ILE D 369 27.18 -23.85 -11.53
CA ILE D 369 26.29 -24.96 -11.84
C ILE D 369 25.04 -24.38 -12.46
N ASN D 370 24.80 -24.69 -13.74
CA ASN D 370 23.61 -24.17 -14.37
C ASN D 370 22.38 -24.85 -13.79
N ILE D 371 21.35 -24.07 -13.53
CA ILE D 371 20.06 -24.57 -13.06
C ILE D 371 19.09 -24.69 -14.22
N LYS D 372 18.91 -23.62 -14.99
CA LYS D 372 18.07 -23.55 -16.17
C LYS D 372 18.56 -22.33 -16.95
N PRO D 373 18.04 -22.04 -18.14
CA PRO D 373 18.60 -20.92 -18.91
C PRO D 373 18.51 -19.60 -18.15
N GLN D 374 19.63 -18.87 -18.14
CA GLN D 374 19.79 -17.59 -17.45
C GLN D 374 19.68 -17.71 -15.94
N VAL D 375 19.85 -18.90 -15.38
CA VAL D 375 19.85 -19.09 -13.92
C VAL D 375 21.02 -20.00 -13.56
N ASP D 376 22.00 -19.46 -12.85
CA ASP D 376 23.23 -20.17 -12.57
C ASP D 376 23.55 -20.10 -11.09
N GLN D 377 23.82 -21.24 -10.50
CA GLN D 377 24.24 -21.31 -9.12
C GLN D 377 25.76 -21.20 -9.06
N PHE D 378 26.26 -20.39 -8.12
CA PHE D 378 27.70 -20.31 -7.86
C PHE D 378 27.96 -20.83 -6.45
N LEU D 379 28.60 -21.98 -6.37
CA LEU D 379 28.84 -22.68 -5.11
C LEU D 379 30.22 -22.34 -4.59
N PHE D 380 30.27 -21.86 -3.34
CA PHE D 380 31.52 -21.48 -2.70
C PHE D 380 32.08 -22.65 -1.88
N PRO D 381 33.38 -22.64 -1.58
CA PRO D 381 33.97 -23.76 -0.83
C PRO D 381 33.29 -24.08 0.49
N ASP D 382 32.75 -23.08 1.20
CA ASP D 382 32.13 -23.40 2.48
C ASP D 382 30.75 -24.03 2.31
N GLY D 383 30.29 -24.19 1.08
CA GLY D 383 29.03 -24.85 0.82
C GLY D 383 27.86 -23.93 0.59
N HIS D 384 28.01 -22.63 0.86
CA HIS D 384 26.95 -21.69 0.51
C HIS D 384 27.04 -21.31 -0.96
N SER D 385 25.89 -21.00 -1.54
CA SER D 385 25.80 -20.65 -2.94
C SER D 385 25.11 -19.31 -3.05
N ILE D 386 25.31 -18.65 -4.19
CA ILE D 386 24.43 -17.59 -4.63
C ILE D 386 23.83 -18.03 -5.96
N ILE D 387 22.70 -17.40 -6.31
CA ILE D 387 22.00 -17.66 -7.57
C ILE D 387 22.12 -16.38 -8.39
N LEU D 388 22.73 -16.47 -9.56
CA LEU D 388 22.94 -15.30 -10.42
C LEU D 388 21.97 -15.38 -11.58
N LEU D 389 21.23 -14.30 -11.84
CA LEU D 389 20.26 -14.29 -12.92
C LEU D 389 20.85 -13.60 -14.16
N ALA D 390 20.68 -14.25 -15.31
CA ALA D 390 20.98 -13.66 -16.62
C ALA D 390 22.43 -13.21 -16.72
N GLN D 391 23.34 -13.92 -16.06
CA GLN D 391 24.76 -13.58 -16.05
C GLN D 391 24.99 -12.12 -15.66
N GLY D 392 24.12 -11.57 -14.80
CA GLY D 392 24.32 -10.22 -14.33
C GLY D 392 23.87 -9.14 -15.29
N ARG D 393 23.20 -9.50 -16.38
CA ARG D 393 22.63 -8.52 -17.28
C ARG D 393 21.15 -8.34 -16.98
N LEU D 394 20.53 -7.35 -17.63
CA LEU D 394 19.15 -6.94 -17.35
C LEU D 394 18.20 -8.10 -17.10
N VAL D 395 17.72 -8.20 -15.85
CA VAL D 395 16.95 -9.38 -15.44
C VAL D 395 15.55 -9.34 -16.02
N ASN D 396 14.95 -8.15 -16.11
CA ASN D 396 13.58 -8.06 -16.61
C ASN D 396 13.49 -8.44 -18.08
N LEU D 397 14.53 -8.14 -18.86
CA LEU D 397 14.53 -8.47 -20.28
C LEU D 397 15.20 -9.81 -20.55
N GLY D 398 16.15 -10.23 -19.71
CA GLY D 398 16.87 -11.47 -19.95
C GLY D 398 16.17 -12.69 -19.41
N CYS D 399 15.36 -12.54 -18.36
CA CYS D 399 14.65 -13.65 -17.75
C CYS D 399 13.15 -13.60 -18.00
N ALA D 400 12.61 -12.47 -18.43
CA ALA D 400 11.21 -12.39 -18.78
C ALA D 400 11.09 -11.58 -20.07
N THR D 401 10.08 -10.73 -20.18
CA THR D 401 9.77 -10.12 -21.48
C THR D 401 9.92 -8.59 -21.47
N GLY D 402 10.61 -8.03 -20.48
CA GLY D 402 10.73 -6.60 -20.38
C GLY D 402 9.44 -5.92 -19.96
N HIS D 403 9.46 -4.58 -20.04
CA HIS D 403 8.28 -3.77 -19.70
C HIS D 403 7.10 -4.17 -20.59
N PRO D 404 5.87 -4.01 -20.08
CA PRO D 404 4.68 -4.32 -20.87
C PRO D 404 4.40 -3.25 -21.93
N ALA D 405 3.53 -3.59 -22.86
CA ALA D 405 3.32 -2.79 -24.07
C ALA D 405 2.78 -1.39 -23.77
N PHE D 406 1.85 -1.27 -22.82
CA PHE D 406 1.24 0.04 -22.61
C PHE D 406 2.28 1.09 -22.23
N VAL D 407 3.19 0.74 -21.34
CA VAL D 407 4.14 1.77 -20.92
C VAL D 407 5.23 1.94 -21.97
N MET D 408 5.57 0.89 -22.71
CA MET D 408 6.50 1.08 -23.82
C MET D 408 5.90 1.93 -24.92
N SER D 409 4.56 1.99 -25.02
CA SER D 409 3.95 2.90 -25.99
C SER D 409 4.33 4.35 -25.72
N ALA D 410 4.37 4.73 -24.44
CA ALA D 410 4.78 6.10 -24.09
C ALA D 410 6.24 6.34 -24.46
N SER D 411 7.14 5.41 -24.08
CA SER D 411 8.55 5.57 -24.42
C SER D 411 8.73 5.66 -25.93
N PHE D 412 8.04 4.81 -26.66
CA PHE D 412 8.30 4.66 -28.08
C PHE D 412 7.54 5.67 -28.90
N THR D 413 6.48 6.27 -28.35
CA THR D 413 5.93 7.47 -28.98
C THR D 413 6.92 8.63 -28.89
N ASN D 414 7.60 8.76 -27.75
CA ASN D 414 8.69 9.74 -27.68
C ASN D 414 9.75 9.43 -28.73
N GLN D 415 10.12 8.15 -28.88
CA GLN D 415 11.11 7.78 -29.89
C GLN D 415 10.65 8.16 -31.29
N THR D 416 9.39 7.87 -31.61
CA THR D 416 8.89 8.18 -32.95
C THR D 416 8.91 9.68 -33.21
N LEU D 417 8.42 10.47 -32.26
CA LEU D 417 8.41 11.92 -32.45
C LEU D 417 9.82 12.47 -32.51
N ALA D 418 10.74 11.87 -31.74
CA ALA D 418 12.14 12.28 -31.81
C ALA D 418 12.73 11.99 -33.19
N GLN D 419 12.43 10.81 -33.75
CA GLN D 419 12.91 10.48 -35.09
C GLN D 419 12.39 11.48 -36.12
N ILE D 420 11.07 11.77 -36.09
CA ILE D 420 10.51 12.72 -37.05
C ILE D 420 11.16 14.08 -36.88
N SER D 421 11.37 14.50 -35.63
CA SER D 421 11.96 15.82 -35.38
C SER D 421 13.41 15.89 -35.87
N LEU D 422 14.22 14.87 -35.59
CA LEU D 422 15.60 14.89 -36.06
C LEU D 422 15.66 15.03 -37.57
N TRP D 423 14.72 14.39 -38.27
CA TRP D 423 14.70 14.46 -39.73
C TRP D 423 14.17 15.80 -40.22
N LYS D 424 13.08 16.30 -39.64
CA LYS D 424 12.41 17.48 -40.18
C LYS D 424 13.00 18.79 -39.68
N ASP D 425 13.51 18.87 -38.46
CA ASP D 425 13.92 20.14 -37.87
C ASP D 425 15.43 20.29 -37.87
N LYS D 426 15.88 21.53 -37.72
CA LYS D 426 17.30 21.88 -37.79
C LYS D 426 17.90 21.79 -36.40
N TYR D 427 18.83 20.88 -36.21
CA TYR D 427 19.52 20.74 -34.93
C TYR D 427 21.01 20.98 -35.13
N GLU D 428 21.63 21.67 -34.18
CA GLU D 428 23.08 21.70 -34.14
C GLU D 428 23.60 20.47 -33.40
N ILE D 429 24.90 20.20 -33.54
CA ILE D 429 25.50 19.11 -32.80
C ILE D 429 25.35 19.42 -31.31
N GLY D 430 24.65 18.55 -30.60
CA GLY D 430 24.33 18.77 -29.20
C GLY D 430 23.30 17.75 -28.76
N VAL D 431 22.96 17.82 -27.48
CA VAL D 431 22.01 16.88 -26.87
C VAL D 431 20.77 17.65 -26.45
N TYR D 432 19.62 17.25 -26.98
CA TYR D 432 18.37 17.99 -26.80
C TYR D 432 17.33 17.09 -26.15
N THR D 433 16.37 17.73 -25.48
CA THR D 433 15.16 17.07 -25.03
C THR D 433 13.98 17.57 -25.84
N LEU D 434 12.93 16.76 -25.92
CA LEU D 434 11.76 17.16 -26.68
C LEU D 434 11.00 18.25 -25.94
N PRO D 435 10.29 19.12 -26.66
CA PRO D 435 9.52 20.18 -26.00
C PRO D 435 8.44 19.62 -25.07
N LYS D 436 8.14 20.38 -24.02
CA LYS D 436 7.14 19.96 -23.04
C LYS D 436 5.79 19.70 -23.69
N VAL D 437 5.40 20.51 -24.68
CA VAL D 437 4.07 20.29 -25.28
C VAL D 437 3.98 18.94 -25.97
N LEU D 438 5.09 18.44 -26.53
CA LEU D 438 5.09 17.11 -27.11
C LEU D 438 5.04 16.06 -26.02
N ASP D 439 5.81 16.27 -24.96
CA ASP D 439 5.78 15.41 -23.77
C ASP D 439 4.34 15.28 -23.26
N GLU D 440 3.66 16.42 -23.14
CA GLU D 440 2.27 16.42 -22.71
C GLU D 440 1.38 15.70 -23.71
N GLU D 441 1.66 15.87 -25.00
CA GLU D 441 0.87 15.18 -26.02
C GLU D 441 1.01 13.67 -25.91
N VAL D 442 2.22 13.18 -25.64
CA VAL D 442 2.40 11.73 -25.40
C VAL D 442 1.48 11.27 -24.29
N ALA D 443 1.49 12.00 -23.16
CA ALA D 443 0.62 11.64 -22.04
C ALA D 443 -0.84 11.64 -22.48
N ARG D 444 -1.24 12.70 -23.19
CA ARG D 444 -2.64 12.84 -23.64
CA ARG D 444 -2.64 12.83 -23.59
C ARG D 444 -3.09 11.63 -24.41
N LEU D 445 -2.22 11.11 -25.28
CA LEU D 445 -2.56 10.00 -26.17
C LEU D 445 -2.81 8.71 -25.44
N HIS D 446 -2.44 8.60 -24.16
CA HIS D 446 -2.58 7.37 -23.42
C HIS D 446 -3.71 7.43 -22.39
N LEU D 447 -4.33 8.59 -22.21
CA LEU D 447 -5.34 8.75 -21.16
C LEU D 447 -6.66 8.06 -21.48
N GLU D 448 -7.12 8.13 -22.74
CA GLU D 448 -8.43 7.57 -23.10
C GLU D 448 -8.46 6.05 -22.88
N LYS D 449 -7.38 5.36 -23.22
CA LYS D 449 -7.33 3.92 -23.01
C LYS D 449 -7.58 3.56 -21.54
N LEU D 450 -7.10 4.40 -20.63
CA LEU D 450 -7.25 4.16 -19.20
C LEU D 450 -8.57 4.68 -18.65
N GLY D 451 -9.44 5.22 -19.49
CA GLY D 451 -10.67 5.81 -19.04
C GLY D 451 -10.56 7.17 -18.36
N ALA D 452 -9.39 7.79 -18.37
CA ALA D 452 -9.19 9.04 -17.66
C ALA D 452 -9.83 10.19 -18.43
N LYS D 453 -10.50 11.08 -17.71
CA LYS D 453 -11.09 12.28 -18.30
CA LYS D 453 -11.09 12.28 -18.29
C LYS D 453 -10.36 13.50 -17.74
N LEU D 454 -9.72 14.25 -18.64
CA LEU D 454 -8.96 15.43 -18.24
C LEU D 454 -9.88 16.64 -18.13
N THR D 455 -9.60 17.49 -17.15
CA THR D 455 -10.32 18.75 -17.01
C THR D 455 -9.71 19.79 -17.95
N LYS D 456 -10.57 20.65 -18.50
CA LYS D 456 -10.14 21.73 -19.37
C LYS D 456 -10.21 23.04 -18.58
N LEU D 457 -9.11 23.78 -18.57
CA LEU D 457 -9.12 25.08 -17.92
C LEU D 457 -10.09 26.03 -18.59
N THR D 458 -10.81 26.82 -17.79
CA THR D 458 -11.49 27.95 -18.40
C THR D 458 -10.48 29.04 -18.74
N THR D 459 -10.90 29.97 -19.61
CA THR D 459 -10.08 31.13 -19.93
C THR D 459 -9.61 31.85 -18.67
N SER D 460 -10.53 32.03 -17.72
CA SER D 460 -10.21 32.72 -16.48
C SER D 460 -9.17 31.94 -15.68
N GLN D 461 -9.35 30.62 -15.55
CA GLN D 461 -8.39 29.80 -14.83
C GLN D 461 -7.02 29.82 -15.50
N ALA D 462 -6.99 29.66 -16.83
CA ALA D 462 -5.71 29.65 -17.53
C ALA D 462 -4.96 30.96 -17.33
N ASP D 463 -5.67 32.09 -17.44
CA ASP D 463 -5.06 33.39 -17.14
C ASP D 463 -4.56 33.45 -15.70
N TYR D 464 -5.34 32.90 -14.77
CA TYR D 464 -4.99 33.01 -13.35
C TYR D 464 -3.66 32.33 -13.02
N ILE D 465 -3.40 31.16 -13.61
CA ILE D 465 -2.14 30.46 -13.37
C ILE D 465 -1.13 30.69 -14.47
N GLY D 466 -1.45 31.49 -15.48
CA GLY D 466 -0.47 31.93 -16.44
C GLY D 466 -0.03 30.86 -17.42
N VAL D 467 -0.99 30.13 -17.98
CA VAL D 467 -0.67 29.11 -18.98
C VAL D 467 -1.66 29.24 -20.12
N ASN D 468 -1.24 28.78 -21.30
CA ASN D 468 -2.19 28.57 -22.39
C ASN D 468 -3.06 27.38 -22.03
N ALA D 469 -4.36 27.50 -22.30
CA ALA D 469 -5.26 26.39 -21.96
C ALA D 469 -4.88 25.10 -22.68
N ASN D 470 -4.13 25.18 -23.78
CA ASN D 470 -3.68 23.99 -24.47
C ASN D 470 -2.28 23.56 -24.06
N GLY D 471 -1.72 24.15 -23.00
CA GLY D 471 -0.40 23.80 -22.55
C GLY D 471 0.65 24.61 -23.28
N PRO D 472 1.92 24.54 -22.84
CA PRO D 472 2.37 23.67 -21.73
C PRO D 472 1.88 24.17 -20.37
N TYR D 473 1.69 23.25 -19.41
CA TYR D 473 1.08 23.61 -18.14
C TYR D 473 2.09 23.84 -17.01
N LYS D 474 3.36 23.48 -17.21
CA LYS D 474 4.34 23.56 -16.13
C LYS D 474 5.57 24.32 -16.60
N ALA D 475 6.31 24.89 -15.65
CA ALA D 475 7.56 25.54 -15.97
C ALA D 475 8.58 24.52 -16.43
N ASP D 476 9.58 24.99 -17.19
CA ASP D 476 10.52 24.08 -17.81
C ASP D 476 11.20 23.16 -16.79
N HIS D 477 11.47 23.64 -15.57
CA HIS D 477 12.20 22.83 -14.61
C HIS D 477 11.31 22.13 -13.59
N TYR D 478 10.00 22.10 -13.82
CA TYR D 478 9.10 21.37 -12.94
C TYR D 478 9.48 19.89 -12.91
N ARG D 479 9.46 19.29 -11.71
CA ARG D 479 10.00 17.95 -11.53
C ARG D 479 8.94 16.85 -11.54
N TYR D 480 7.65 17.18 -11.48
CA TYR D 480 6.56 16.19 -11.41
C TYR D 480 6.78 15.21 -10.26
#